data_3KCW
# 
_entry.id   3KCW 
# 
_audit_conform.dict_name       mmcif_pdbx.dic 
_audit_conform.dict_version    5.380 
_audit_conform.dict_location   http://mmcif.pdb.org/dictionaries/ascii/mmcif_pdbx.dic 
# 
loop_
_database_2.database_id 
_database_2.database_code 
_database_2.pdbx_database_accession 
_database_2.pdbx_DOI 
PDB   3KCW         pdb_00003kcw 10.2210/pdb3kcw/pdb 
RCSB  RCSB055833   ?            ?                   
WWPDB D_1000055833 ?            ?                   
# 
loop_
_pdbx_database_related.db_name 
_pdbx_database_related.db_id 
_pdbx_database_related.details 
_pdbx_database_related.content_type 
PDB 3F3H 'native crystal'                  unspecified 
PDB 1OSY 'model for molecular replacement' unspecified 
# 
_pdbx_database_status.status_code                     REL 
_pdbx_database_status.entry_id                        3KCW 
_pdbx_database_status.recvd_initial_deposition_date   2009-10-22 
_pdbx_database_status.deposit_site                    RCSB 
_pdbx_database_status.process_site                    PDBJ 
_pdbx_database_status.status_code_sf                  REL 
_pdbx_database_status.status_code_mr                  ? 
_pdbx_database_status.SG_entry                        ? 
_pdbx_database_status.status_code_cs                  ? 
_pdbx_database_status.pdb_format_compatible           Y 
_pdbx_database_status.methods_development_category    ? 
_pdbx_database_status.status_code_nmr_data            ? 
# 
loop_
_audit_author.name 
_audit_author.pdbx_ordinal 
'Hsu, M.F.'    1 
'Wang, A.H.J.' 2 
'Yang, C.S.'   3 
'Huang, C.T.'  4 
'Hseu, R.S.'   5 
'Lin, C.W.'    6 
'Wu, M.Y.'     7 
'Huang, C.S.'  8 
'Fu, H.Y.'     9 
# 
_citation.id                        primary 
_citation.title                     
'Single cysteine replacement at Leu6 increase the potent and thermostability in Ganoderma fungal immunomodulatory proteins' 
_citation.journal_abbrev            'To be Published' 
_citation.journal_volume            ? 
_citation.page_first                ? 
_citation.page_last                 ? 
_citation.year                      ? 
_citation.journal_id_ASTM           ? 
_citation.country                   ? 
_citation.journal_id_ISSN           ? 
_citation.journal_id_CSD            0353 
_citation.book_publisher            ? 
_citation.pdbx_database_id_PubMed   ? 
_citation.pdbx_database_id_DOI      ? 
# 
loop_
_citation_author.citation_id 
_citation_author.name 
_citation_author.ordinal 
_citation_author.identifier_ORCID 
primary 'Hsu, M.F.'    1 ? 
primary 'Wang, A.H.J.' 2 ? 
primary 'Yang, C.S.'   3 ? 
primary 'Huang, C.T.'  4 ? 
primary 'Hseu, R.S.'   5 ? 
primary 'Lin, C.W.'    6 ? 
primary 'Wu, M.Y.'     7 ? 
primary 'Huang, C.S.'  8 ? 
primary 'Fu, H.Y.'     9 ? 
# 
_cell.entry_id           3KCW 
_cell.length_a           95.734 
_cell.length_b           95.734 
_cell.length_c           80.072 
_cell.angle_alpha        90.00 
_cell.angle_beta         90.00 
_cell.angle_gamma        90.00 
_cell.Z_PDB              16 
_cell.pdbx_unique_axis   ? 
_cell.length_a_esd       ? 
_cell.length_b_esd       ? 
_cell.length_c_esd       ? 
_cell.angle_alpha_esd    ? 
_cell.angle_beta_esd     ? 
_cell.angle_gamma_esd    ? 
# 
_symmetry.entry_id                         3KCW 
_symmetry.space_group_name_H-M             'I 41 2 2' 
_symmetry.pdbx_full_space_group_name_H-M   ? 
_symmetry.cell_setting                     ? 
_symmetry.Int_Tables_number                98 
_symmetry.space_group_name_Hall            ? 
# 
loop_
_entity.id 
_entity.type 
_entity.src_method 
_entity.pdbx_description 
_entity.formula_weight 
_entity.pdbx_number_of_molecules 
_entity.pdbx_ec 
_entity.pdbx_mutation 
_entity.pdbx_fragment 
_entity.details 
1 polymer man 'immunomodulatory protein' 15185.717 1   ? ? ? ? 
2 water   nat water                      18.015    162 ? ? ? ? 
# 
_entity_poly.entity_id                      1 
_entity_poly.type                           'polypeptide(L)' 
_entity_poly.nstd_linkage                   no 
_entity_poly.nstd_monomer                   no 
_entity_poly.pdbx_seq_one_letter_code       
;MSDTALIFTLAWNVKQLAFDYTPNWGRGRPSSFIDTVTFPTVLTDKAYTYRVVVSGKDLGVRPSYAVESDGSQKINFLEY
NSGYGIADTNTIQVYVIDPDTGNNFIVAQWNYLEQKLISEEDLNSAVDHHHHHH
;
_entity_poly.pdbx_seq_one_letter_code_can   
;MSDTALIFTLAWNVKQLAFDYTPNWGRGRPSSFIDTVTFPTVLTDKAYTYRVVVSGKDLGVRPSYAVESDGSQKINFLEY
NSGYGIADTNTIQVYVIDPDTGNNFIVAQWNYLEQKLISEEDLNSAVDHHHHHH
;
_entity_poly.pdbx_strand_id                 A 
_entity_poly.pdbx_target_identifier         ? 
# 
loop_
_entity_poly_seq.entity_id 
_entity_poly_seq.num 
_entity_poly_seq.mon_id 
_entity_poly_seq.hetero 
1 1   MET n 
1 2   SER n 
1 3   ASP n 
1 4   THR n 
1 5   ALA n 
1 6   LEU n 
1 7   ILE n 
1 8   PHE n 
1 9   THR n 
1 10  LEU n 
1 11  ALA n 
1 12  TRP n 
1 13  ASN n 
1 14  VAL n 
1 15  LYS n 
1 16  GLN n 
1 17  LEU n 
1 18  ALA n 
1 19  PHE n 
1 20  ASP n 
1 21  TYR n 
1 22  THR n 
1 23  PRO n 
1 24  ASN n 
1 25  TRP n 
1 26  GLY n 
1 27  ARG n 
1 28  GLY n 
1 29  ARG n 
1 30  PRO n 
1 31  SER n 
1 32  SER n 
1 33  PHE n 
1 34  ILE n 
1 35  ASP n 
1 36  THR n 
1 37  VAL n 
1 38  THR n 
1 39  PHE n 
1 40  PRO n 
1 41  THR n 
1 42  VAL n 
1 43  LEU n 
1 44  THR n 
1 45  ASP n 
1 46  LYS n 
1 47  ALA n 
1 48  TYR n 
1 49  THR n 
1 50  TYR n 
1 51  ARG n 
1 52  VAL n 
1 53  VAL n 
1 54  VAL n 
1 55  SER n 
1 56  GLY n 
1 57  LYS n 
1 58  ASP n 
1 59  LEU n 
1 60  GLY n 
1 61  VAL n 
1 62  ARG n 
1 63  PRO n 
1 64  SER n 
1 65  TYR n 
1 66  ALA n 
1 67  VAL n 
1 68  GLU n 
1 69  SER n 
1 70  ASP n 
1 71  GLY n 
1 72  SER n 
1 73  GLN n 
1 74  LYS n 
1 75  ILE n 
1 76  ASN n 
1 77  PHE n 
1 78  LEU n 
1 79  GLU n 
1 80  TYR n 
1 81  ASN n 
1 82  SER n 
1 83  GLY n 
1 84  TYR n 
1 85  GLY n 
1 86  ILE n 
1 87  ALA n 
1 88  ASP n 
1 89  THR n 
1 90  ASN n 
1 91  THR n 
1 92  ILE n 
1 93  GLN n 
1 94  VAL n 
1 95  TYR n 
1 96  VAL n 
1 97  ILE n 
1 98  ASP n 
1 99  PRO n 
1 100 ASP n 
1 101 THR n 
1 102 GLY n 
1 103 ASN n 
1 104 ASN n 
1 105 PHE n 
1 106 ILE n 
1 107 VAL n 
1 108 ALA n 
1 109 GLN n 
1 110 TRP n 
1 111 ASN n 
1 112 TYR n 
1 113 LEU n 
1 114 GLU n 
1 115 GLN n 
1 116 LYS n 
1 117 LEU n 
1 118 ILE n 
1 119 SER n 
1 120 GLU n 
1 121 GLU n 
1 122 ASP n 
1 123 LEU n 
1 124 ASN n 
1 125 SER n 
1 126 ALA n 
1 127 VAL n 
1 128 ASP n 
1 129 HIS n 
1 130 HIS n 
1 131 HIS n 
1 132 HIS n 
1 133 HIS n 
1 134 HIS n 
# 
_entity_src_gen.entity_id                          1 
_entity_src_gen.pdbx_src_id                        1 
_entity_src_gen.pdbx_alt_source_flag               sample 
_entity_src_gen.pdbx_seq_type                      ? 
_entity_src_gen.pdbx_beg_seq_num                   ? 
_entity_src_gen.pdbx_end_seq_num                   ? 
_entity_src_gen.gene_src_common_name               ? 
_entity_src_gen.gene_src_genus                     ? 
_entity_src_gen.pdbx_gene_src_gene                 ? 
_entity_src_gen.gene_src_species                   ? 
_entity_src_gen.gene_src_strain                    ? 
_entity_src_gen.gene_src_tissue                    ? 
_entity_src_gen.gene_src_tissue_fraction           ? 
_entity_src_gen.gene_src_details                   ? 
_entity_src_gen.pdbx_gene_src_fragment             ? 
_entity_src_gen.pdbx_gene_src_scientific_name      'Ganoderma microsporum' 
_entity_src_gen.pdbx_gene_src_ncbi_taxonomy_id     34462 
_entity_src_gen.pdbx_gene_src_variant              ? 
_entity_src_gen.pdbx_gene_src_cell_line            ? 
_entity_src_gen.pdbx_gene_src_atcc                 ? 
_entity_src_gen.pdbx_gene_src_organ                ? 
_entity_src_gen.pdbx_gene_src_organelle            ? 
_entity_src_gen.pdbx_gene_src_cell                 ? 
_entity_src_gen.pdbx_gene_src_cellular_location    ? 
_entity_src_gen.host_org_common_name               ? 
_entity_src_gen.pdbx_host_org_scientific_name      'Pichia pastoris' 
_entity_src_gen.pdbx_host_org_ncbi_taxonomy_id     4922 
_entity_src_gen.host_org_genus                     ? 
_entity_src_gen.pdbx_host_org_gene                 ? 
_entity_src_gen.pdbx_host_org_organ                ? 
_entity_src_gen.host_org_species                   ? 
_entity_src_gen.pdbx_host_org_tissue               ? 
_entity_src_gen.pdbx_host_org_tissue_fraction      ? 
_entity_src_gen.pdbx_host_org_strain               KM71 
_entity_src_gen.pdbx_host_org_variant              ? 
_entity_src_gen.pdbx_host_org_cell_line            ? 
_entity_src_gen.pdbx_host_org_atcc                 ? 
_entity_src_gen.pdbx_host_org_culture_collection   ? 
_entity_src_gen.pdbx_host_org_cell                 ? 
_entity_src_gen.pdbx_host_org_organelle            ? 
_entity_src_gen.pdbx_host_org_cellular_location    ? 
_entity_src_gen.pdbx_host_org_vector_type          PLASMID 
_entity_src_gen.pdbx_host_org_vector               ? 
_entity_src_gen.host_org_details                   ? 
_entity_src_gen.expression_system_id               ? 
_entity_src_gen.plasmid_name                       pPICZaA 
_entity_src_gen.plasmid_details                    ? 
_entity_src_gen.pdbx_description                   ? 
# 
_struct_ref.id                         1 
_struct_ref.db_name                    PDB 
_struct_ref.db_code                    3KCW 
_struct_ref.pdbx_db_accession          3KCW 
_struct_ref.entity_id                  1 
_struct_ref.pdbx_align_begin           ? 
_struct_ref.pdbx_seq_one_letter_code   ? 
_struct_ref.pdbx_db_isoform            ? 
# 
_struct_ref_seq.align_id                      1 
_struct_ref_seq.ref_id                        1 
_struct_ref_seq.pdbx_PDB_id_code              3KCW 
_struct_ref_seq.pdbx_strand_id                A 
_struct_ref_seq.seq_align_beg                 1 
_struct_ref_seq.pdbx_seq_align_beg_ins_code   ? 
_struct_ref_seq.seq_align_end                 134 
_struct_ref_seq.pdbx_seq_align_end_ins_code   ? 
_struct_ref_seq.pdbx_db_accession             3KCW 
_struct_ref_seq.db_align_beg                  1 
_struct_ref_seq.pdbx_db_align_beg_ins_code    ? 
_struct_ref_seq.db_align_end                  134 
_struct_ref_seq.pdbx_db_align_end_ins_code    ? 
_struct_ref_seq.pdbx_auth_seq_align_beg       1 
_struct_ref_seq.pdbx_auth_seq_align_end       134 
# 
loop_
_chem_comp.id 
_chem_comp.type 
_chem_comp.mon_nstd_flag 
_chem_comp.name 
_chem_comp.pdbx_synonyms 
_chem_comp.formula 
_chem_comp.formula_weight 
ALA 'L-peptide linking' y ALANINE         ? 'C3 H7 N O2'     89.093  
ARG 'L-peptide linking' y ARGININE        ? 'C6 H15 N4 O2 1' 175.209 
ASN 'L-peptide linking' y ASPARAGINE      ? 'C4 H8 N2 O3'    132.118 
ASP 'L-peptide linking' y 'ASPARTIC ACID' ? 'C4 H7 N O4'     133.103 
GLN 'L-peptide linking' y GLUTAMINE       ? 'C5 H10 N2 O3'   146.144 
GLU 'L-peptide linking' y 'GLUTAMIC ACID' ? 'C5 H9 N O4'     147.129 
GLY 'peptide linking'   y GLYCINE         ? 'C2 H5 N O2'     75.067  
HIS 'L-peptide linking' y HISTIDINE       ? 'C6 H10 N3 O2 1' 156.162 
HOH non-polymer         . WATER           ? 'H2 O'           18.015  
ILE 'L-peptide linking' y ISOLEUCINE      ? 'C6 H13 N O2'    131.173 
LEU 'L-peptide linking' y LEUCINE         ? 'C6 H13 N O2'    131.173 
LYS 'L-peptide linking' y LYSINE          ? 'C6 H15 N2 O2 1' 147.195 
MET 'L-peptide linking' y METHIONINE      ? 'C5 H11 N O2 S'  149.211 
PHE 'L-peptide linking' y PHENYLALANINE   ? 'C9 H11 N O2'    165.189 
PRO 'L-peptide linking' y PROLINE         ? 'C5 H9 N O2'     115.130 
SER 'L-peptide linking' y SERINE          ? 'C3 H7 N O3'     105.093 
THR 'L-peptide linking' y THREONINE       ? 'C4 H9 N O3'     119.119 
TRP 'L-peptide linking' y TRYPTOPHAN      ? 'C11 H12 N2 O2'  204.225 
TYR 'L-peptide linking' y TYROSINE        ? 'C9 H11 N O3'    181.189 
VAL 'L-peptide linking' y VALINE          ? 'C5 H11 N O2'    117.146 
# 
_exptl.entry_id          3KCW 
_exptl.method            'X-RAY DIFFRACTION' 
_exptl.crystals_number   1 
# 
_exptl_crystal.id                    1 
_exptl_crystal.density_meas          ? 
_exptl_crystal.density_Matthews      3.02 
_exptl_crystal.density_percent_sol   59.28 
_exptl_crystal.description           ? 
_exptl_crystal.F_000                 ? 
_exptl_crystal.preparation           ? 
# 
_exptl_crystal_grow.crystal_id      1 
_exptl_crystal_grow.method          'VAPOR DIFFUSION, SITTING DROP' 
_exptl_crystal_grow.temp            298.0 
_exptl_crystal_grow.temp_details    ? 
_exptl_crystal_grow.pH              6.5 
_exptl_crystal_grow.pdbx_details    
'20% PEG 4000, 0.6M NaCl, 0.1M NaMES, pH 6.5, VAPOR DIFFUSION, SITTING DROP, temperature 298.0K' 
_exptl_crystal_grow.pdbx_pH_range   ? 
# 
_diffrn.id                     1 
_diffrn.ambient_temp           100 
_diffrn.ambient_temp_details   ? 
_diffrn.crystal_id             1 
# 
_diffrn_detector.diffrn_id              1 
_diffrn_detector.detector               CCD 
_diffrn_detector.type                   'ADSC QUANTUM 315' 
_diffrn_detector.pdbx_collection_date   2007-06-23 
_diffrn_detector.details                
'Vertically Collimating Premirror, LN2-Cooled Fixed-Exit Double Crystal Si(111) Monochromator, Toroidal Focusing Mirror' 
# 
_diffrn_radiation.diffrn_id                        1 
_diffrn_radiation.wavelength_id                    1 
_diffrn_radiation.pdbx_monochromatic_or_laue_m_l   M 
_diffrn_radiation.monochromator                    'LN2-Cooled, Fixed-Exit Double Crystal Monochromator' 
_diffrn_radiation.pdbx_diffrn_protocol             'SINGLE WAVELENGTH' 
_diffrn_radiation.pdbx_scattering_type             x-ray 
# 
_diffrn_radiation_wavelength.id           1 
_diffrn_radiation_wavelength.wavelength   1.0000 
_diffrn_radiation_wavelength.wt           1.0 
# 
_diffrn_source.diffrn_id                   1 
_diffrn_source.source                      SYNCHROTRON 
_diffrn_source.type                        'NSRRC BEAMLINE BL13B1' 
_diffrn_source.pdbx_synchrotron_site       NSRRC 
_diffrn_source.pdbx_synchrotron_beamline   BL13B1 
_diffrn_source.pdbx_wavelength             ? 
_diffrn_source.pdbx_wavelength_list        1.0000 
# 
_reflns.entry_id                     3KCW 
_reflns.observed_criterion_sigma_I   1 
_reflns.observed_criterion_sigma_F   0 
_reflns.d_resolution_low             30.0 
_reflns.d_resolution_high            2.0 
_reflns.number_obs                   12868 
_reflns.number_all                   ? 
_reflns.percent_possible_obs         100.0 
_reflns.pdbx_Rmerge_I_obs            0.090 
_reflns.pdbx_Rsym_value              0.251 
_reflns.pdbx_netI_over_sigmaI        ? 
_reflns.B_iso_Wilson_estimate        15.1 
_reflns.pdbx_redundancy              9.4 
_reflns.R_free_details               ? 
_reflns.limit_h_max                  ? 
_reflns.limit_h_min                  ? 
_reflns.limit_k_max                  ? 
_reflns.limit_k_min                  ? 
_reflns.limit_l_max                  ? 
_reflns.limit_l_min                  ? 
_reflns.observed_criterion_F_max     ? 
_reflns.observed_criterion_F_min     ? 
_reflns.pdbx_chi_squared             ? 
_reflns.pdbx_scaling_rejects         ? 
_reflns.pdbx_diffrn_id               1 
_reflns.pdbx_ordinal                 1 
# 
_reflns_shell.d_res_high             2.00 
_reflns_shell.d_res_low              2.07 
_reflns_shell.percent_possible_all   100.0 
_reflns_shell.Rmerge_I_obs           0.737 
_reflns_shell.pdbx_Rsym_value        ? 
_reflns_shell.meanI_over_sigI_obs    3.7 
_reflns_shell.pdbx_redundancy        9.3 
_reflns_shell.percent_possible_obs   ? 
_reflns_shell.number_unique_all      1266 
_reflns_shell.number_measured_all    ? 
_reflns_shell.number_measured_obs    ? 
_reflns_shell.number_unique_obs      ? 
_reflns_shell.pdbx_chi_squared       ? 
_reflns_shell.pdbx_diffrn_id         ? 
_reflns_shell.pdbx_ordinal           1 
# 
_refine.entry_id                                 3KCW 
_refine.ls_number_reflns_obs                     12410 
_refine.ls_number_reflns_all                     12882 
_refine.pdbx_ls_sigma_I                          ? 
_refine.pdbx_ls_sigma_F                          0.0 
_refine.pdbx_data_cutoff_high_absF               320890.20 
_refine.pdbx_data_cutoff_low_absF                0.000000 
_refine.pdbx_data_cutoff_high_rms_absF           ? 
_refine.ls_d_res_low                             25.85 
_refine.ls_d_res_high                            2.00 
_refine.ls_percent_reflns_obs                    96.3 
_refine.ls_R_factor_obs                          0.189 
_refine.ls_R_factor_all                          0.19 
_refine.ls_R_factor_R_work                       0.189 
_refine.ls_R_factor_R_free                       0.212 
_refine.ls_R_factor_R_free_error                 0.008 
_refine.ls_R_factor_R_free_error_details         ? 
_refine.ls_percent_reflns_R_free                 5.1 
_refine.ls_number_reflns_R_free                  629 
_refine.ls_number_parameters                     ? 
_refine.ls_number_restraints                     ? 
_refine.occupancy_min                            ? 
_refine.occupancy_max                            ? 
_refine.correlation_coeff_Fo_to_Fc               ? 
_refine.correlation_coeff_Fo_to_Fc_free          ? 
_refine.B_iso_mean                               32.0 
_refine.aniso_B[1][1]                            1.76 
_refine.aniso_B[2][2]                            1.76 
_refine.aniso_B[3][3]                            -3.52 
_refine.aniso_B[1][2]                            0.00 
_refine.aniso_B[1][3]                            0.00 
_refine.aniso_B[2][3]                            0.00 
_refine.solvent_model_details                    'FLAT MODEL' 
_refine.solvent_model_param_ksol                 0.337558 
_refine.solvent_model_param_bsol                 53.5165 
_refine.pdbx_solvent_vdw_probe_radii             ? 
_refine.pdbx_solvent_ion_probe_radii             ? 
_refine.pdbx_solvent_shrinkage_radii             ? 
_refine.pdbx_ls_cross_valid_method               THROUGHOUT 
_refine.details                                  ? 
_refine.pdbx_starting_model                      'PDB enrty 1OSY' 
_refine.pdbx_method_to_determine_struct          'MOLECULAR REPLACEMENT' 
_refine.pdbx_isotropic_thermal_model             RESTRAINED 
_refine.pdbx_stereochemistry_target_values       'Engh & Huber' 
_refine.pdbx_stereochem_target_val_spec_case     ? 
_refine.pdbx_R_Free_selection_details            RANDOM 
_refine.pdbx_overall_ESU_R                       ? 
_refine.pdbx_overall_ESU_R_Free                  ? 
_refine.overall_SU_ML                            ? 
_refine.overall_SU_B                             ? 
_refine.ls_redundancy_reflns_obs                 ? 
_refine.B_iso_min                                ? 
_refine.B_iso_max                                ? 
_refine.overall_SU_R_Cruickshank_DPI             ? 
_refine.overall_SU_R_free                        ? 
_refine.ls_wR_factor_R_free                      ? 
_refine.ls_wR_factor_R_work                      ? 
_refine.overall_FOM_free_R_set                   ? 
_refine.overall_FOM_work_R_set                   ? 
_refine.pdbx_overall_phase_error                 ? 
_refine.pdbx_refine_id                           'X-RAY DIFFRACTION' 
_refine.pdbx_diffrn_id                           1 
_refine.pdbx_TLS_residual_ADP_flag               ? 
_refine.pdbx_overall_SU_R_free_Cruickshank_DPI   ? 
_refine.pdbx_overall_SU_R_Blow_DPI               ? 
_refine.pdbx_overall_SU_R_free_Blow_DPI          ? 
# 
_refine_analyze.entry_id                        3KCW 
_refine_analyze.Luzzati_coordinate_error_obs    0.22 
_refine_analyze.Luzzati_sigma_a_obs             0.15 
_refine_analyze.Luzzati_d_res_low_obs           5.00 
_refine_analyze.Luzzati_coordinate_error_free   0.25 
_refine_analyze.Luzzati_sigma_a_free            0.19 
_refine_analyze.Luzzati_d_res_low_free          ? 
_refine_analyze.number_disordered_residues      ? 
_refine_analyze.occupancy_sum_hydrogen          ? 
_refine_analyze.occupancy_sum_non_hydrogen      ? 
_refine_analyze.pdbx_Luzzati_d_res_high_obs     ? 
_refine_analyze.pdbx_refine_id                  'X-RAY DIFFRACTION' 
# 
_refine_hist.pdbx_refine_id                   'X-RAY DIFFRACTION' 
_refine_hist.cycle_id                         LAST 
_refine_hist.pdbx_number_atoms_protein        870 
_refine_hist.pdbx_number_atoms_nucleic_acid   0 
_refine_hist.pdbx_number_atoms_ligand         0 
_refine_hist.number_atoms_solvent             162 
_refine_hist.number_atoms_total               1032 
_refine_hist.d_res_high                       2.00 
_refine_hist.d_res_low                        25.85 
# 
loop_
_refine_ls_restr.type 
_refine_ls_restr.dev_ideal 
_refine_ls_restr.dev_ideal_target 
_refine_ls_restr.weight 
_refine_ls_restr.number 
_refine_ls_restr.pdbx_refine_id 
_refine_ls_restr.pdbx_restraint_function 
c_bond_d           0.006 ?    ? ? 'X-RAY DIFFRACTION' ? 
c_angle_deg        1.3   ?    ? ? 'X-RAY DIFFRACTION' ? 
c_dihedral_angle_d 26.6  ?    ? ? 'X-RAY DIFFRACTION' ? 
c_improper_angle_d 0.62  ?    ? ? 'X-RAY DIFFRACTION' ? 
c_mcbond_it        1.40  1.50 ? ? 'X-RAY DIFFRACTION' ? 
c_mcangle_it       1.98  2.00 ? ? 'X-RAY DIFFRACTION' ? 
c_scbond_it        2.30  2.00 ? ? 'X-RAY DIFFRACTION' ? 
c_scangle_it       3.40  2.50 ? ? 'X-RAY DIFFRACTION' ? 
# 
_refine_ls_shell.pdbx_total_number_of_bins_used   6 
_refine_ls_shell.d_res_high                       2.00 
_refine_ls_shell.d_res_low                        2.13 
_refine_ls_shell.number_reflns_R_work             1812 
_refine_ls_shell.R_factor_R_work                  0.228 
_refine_ls_shell.percent_reflns_obs               90.7 
_refine_ls_shell.R_factor_R_free                  0.253 
_refine_ls_shell.R_factor_R_free_error            0.025 
_refine_ls_shell.percent_reflns_R_free            5.3 
_refine_ls_shell.number_reflns_R_free             102 
_refine_ls_shell.number_reflns_all                ? 
_refine_ls_shell.R_factor_all                     ? 
_refine_ls_shell.number_reflns_obs                ? 
_refine_ls_shell.redundancy_reflns_obs            ? 
_refine_ls_shell.pdbx_refine_id                   'X-RAY DIFFRACTION' 
# 
loop_
_pdbx_xplor_file.pdbx_refine_id 
_pdbx_xplor_file.serial_no 
_pdbx_xplor_file.param_file 
_pdbx_xplor_file.topol_file 
'X-RAY DIFFRACTION' 1 protein_rep.param protein.top 
'X-RAY DIFFRACTION' 2 water_rep.param   water.top   
# 
_struct.entry_id                  3KCW 
_struct.title                     'Crystal structure of Ganoderma fungal immunomodulatory protein, GMI' 
_struct.pdbx_model_details        ? 
_struct.pdbx_CASP_flag            ? 
_struct.pdbx_model_type_details   ? 
# 
_struct_keywords.entry_id        3KCW 
_struct_keywords.pdbx_keywords   'IMMUNE SYSTEM' 
_struct_keywords.text            'FNIII, IMMUNE SYSTEM' 
# 
loop_
_struct_asym.id 
_struct_asym.pdbx_blank_PDB_chainid_flag 
_struct_asym.pdbx_modified 
_struct_asym.entity_id 
_struct_asym.details 
A N N 1 ? 
B N N 2 ? 
# 
_struct_biol.id        1 
_struct_biol.details   ? 
# 
loop_
_struct_conf.conf_type_id 
_struct_conf.id 
_struct_conf.pdbx_PDB_helix_id 
_struct_conf.beg_label_comp_id 
_struct_conf.beg_label_asym_id 
_struct_conf.beg_label_seq_id 
_struct_conf.pdbx_beg_PDB_ins_code 
_struct_conf.end_label_comp_id 
_struct_conf.end_label_asym_id 
_struct_conf.end_label_seq_id 
_struct_conf.pdbx_end_PDB_ins_code 
_struct_conf.beg_auth_comp_id 
_struct_conf.beg_auth_asym_id 
_struct_conf.beg_auth_seq_id 
_struct_conf.end_auth_comp_id 
_struct_conf.end_auth_asym_id 
_struct_conf.end_auth_seq_id 
_struct_conf.pdbx_PDB_helix_class 
_struct_conf.details 
_struct_conf.pdbx_PDB_helix_length 
HELX_P HELX_P1 1 ASP A 3  ? LYS A 15 ? ASP A 3  LYS A 15 1 ? 13 
HELX_P HELX_P2 2 LEU A 78 ? TYR A 80 ? LEU A 78 TYR A 80 5 ? 3  
# 
_struct_conf_type.id          HELX_P 
_struct_conf_type.criteria    ? 
_struct_conf_type.reference   ? 
# 
_struct_mon_prot_cis.pdbx_id                1 
_struct_mon_prot_cis.label_comp_id          ARG 
_struct_mon_prot_cis.label_seq_id           29 
_struct_mon_prot_cis.label_asym_id          A 
_struct_mon_prot_cis.label_alt_id           . 
_struct_mon_prot_cis.pdbx_PDB_ins_code      ? 
_struct_mon_prot_cis.auth_comp_id           ARG 
_struct_mon_prot_cis.auth_seq_id            29 
_struct_mon_prot_cis.auth_asym_id           A 
_struct_mon_prot_cis.pdbx_label_comp_id_2   PRO 
_struct_mon_prot_cis.pdbx_label_seq_id_2    30 
_struct_mon_prot_cis.pdbx_label_asym_id_2   A 
_struct_mon_prot_cis.pdbx_PDB_ins_code_2    ? 
_struct_mon_prot_cis.pdbx_auth_comp_id_2    PRO 
_struct_mon_prot_cis.pdbx_auth_seq_id_2     30 
_struct_mon_prot_cis.pdbx_auth_asym_id_2    A 
_struct_mon_prot_cis.pdbx_PDB_model_num     1 
_struct_mon_prot_cis.pdbx_omega_angle       -0.26 
# 
loop_
_struct_sheet.id 
_struct_sheet.type 
_struct_sheet.number_strands 
_struct_sheet.details 
A ? 3 ? 
B ? 3 ? 
C ? 4 ? 
# 
loop_
_struct_sheet_order.sheet_id 
_struct_sheet_order.range_id_1 
_struct_sheet_order.range_id_2 
_struct_sheet_order.offset 
_struct_sheet_order.sense 
A 1 2 ? anti-parallel 
A 2 3 ? anti-parallel 
B 1 2 ? anti-parallel 
B 2 3 ? anti-parallel 
C 1 2 ? anti-parallel 
C 2 3 ? anti-parallel 
C 3 4 ? anti-parallel 
# 
loop_
_struct_sheet_range.sheet_id 
_struct_sheet_range.id 
_struct_sheet_range.beg_label_comp_id 
_struct_sheet_range.beg_label_asym_id 
_struct_sheet_range.beg_label_seq_id 
_struct_sheet_range.pdbx_beg_PDB_ins_code 
_struct_sheet_range.end_label_comp_id 
_struct_sheet_range.end_label_asym_id 
_struct_sheet_range.end_label_seq_id 
_struct_sheet_range.pdbx_end_PDB_ins_code 
_struct_sheet_range.beg_auth_comp_id 
_struct_sheet_range.beg_auth_asym_id 
_struct_sheet_range.beg_auth_seq_id 
_struct_sheet_range.end_auth_comp_id 
_struct_sheet_range.end_auth_asym_id 
_struct_sheet_range.end_auth_seq_id 
A 1 ASN A 24  ? ARG A 27  ? ASN A 24  ARG A 27  
A 2 PHE A 33  ? PHE A 39  ? PHE A 33  PHE A 39  
A 3 GLN A 73  ? ASN A 76  ? GLN A 73  ASN A 76  
B 1 ASN A 24  ? ARG A 27  ? ASN A 24  ARG A 27  
B 2 PHE A 33  ? PHE A 39  ? PHE A 33  PHE A 39  
B 3 ILE A 86  ? ALA A 87  ? ILE A 86  ALA A 87  
C 1 LYS A 57  ? ARG A 62  ? LYS A 57  ARG A 62  
C 2 THR A 49  ? VAL A 54  ? THR A 49  VAL A 54  
C 3 ILE A 92  ? ILE A 97  ? ILE A 92  ILE A 97  
C 4 ASN A 104 ? TRP A 110 ? ASN A 104 TRP A 110 
# 
loop_
_pdbx_struct_sheet_hbond.sheet_id 
_pdbx_struct_sheet_hbond.range_id_1 
_pdbx_struct_sheet_hbond.range_id_2 
_pdbx_struct_sheet_hbond.range_1_label_atom_id 
_pdbx_struct_sheet_hbond.range_1_label_comp_id 
_pdbx_struct_sheet_hbond.range_1_label_asym_id 
_pdbx_struct_sheet_hbond.range_1_label_seq_id 
_pdbx_struct_sheet_hbond.range_1_PDB_ins_code 
_pdbx_struct_sheet_hbond.range_1_auth_atom_id 
_pdbx_struct_sheet_hbond.range_1_auth_comp_id 
_pdbx_struct_sheet_hbond.range_1_auth_asym_id 
_pdbx_struct_sheet_hbond.range_1_auth_seq_id 
_pdbx_struct_sheet_hbond.range_2_label_atom_id 
_pdbx_struct_sheet_hbond.range_2_label_comp_id 
_pdbx_struct_sheet_hbond.range_2_label_asym_id 
_pdbx_struct_sheet_hbond.range_2_label_seq_id 
_pdbx_struct_sheet_hbond.range_2_PDB_ins_code 
_pdbx_struct_sheet_hbond.range_2_auth_atom_id 
_pdbx_struct_sheet_hbond.range_2_auth_comp_id 
_pdbx_struct_sheet_hbond.range_2_auth_asym_id 
_pdbx_struct_sheet_hbond.range_2_auth_seq_id 
A 1 2 N GLY A 26 ? N GLY A 26 O THR A 36  ? O THR A 36  
A 2 3 N VAL A 37 ? N VAL A 37 O ILE A 75  ? O ILE A 75  
B 1 2 N GLY A 26 ? N GLY A 26 O THR A 36  ? O THR A 36  
B 2 3 N ILE A 34 ? N ILE A 34 O ILE A 86  ? O ILE A 86  
C 1 2 O LEU A 59 ? O LEU A 59 N VAL A 52  ? N VAL A 52  
C 2 3 N THR A 49 ? N THR A 49 O ILE A 97  ? O ILE A 97  
C 3 4 N VAL A 94 ? N VAL A 94 O VAL A 107 ? O VAL A 107 
# 
_atom_sites.entry_id                    3KCW 
_atom_sites.fract_transf_matrix[1][1]   -0.00143186 
_atom_sites.fract_transf_matrix[1][2]   -0.00115331 
_atom_sites.fract_transf_matrix[1][3]   -0.01028293 
_atom_sites.fract_transf_matrix[2][1]   0.00550258 
_atom_sites.fract_transf_matrix[2][2]   0.00870652 
_atom_sites.fract_transf_matrix[2][3]   -0.00174272 
_atom_sites.fract_transf_matrix[3][1]   0.01047686 
_atom_sites.fract_transf_matrix[3][2]   -0.00676165 
_atom_sites.fract_transf_matrix[3][3]   -0.00070049 
_atom_sites.fract_transf_vector[1]      -0.139390 
_atom_sites.fract_transf_vector[2]      0.100567 
_atom_sites.fract_transf_vector[3]      -0.843923 
# 
loop_
_atom_type.symbol 
C 
N 
O 
# 
loop_
_atom_site.group_PDB 
_atom_site.id 
_atom_site.type_symbol 
_atom_site.label_atom_id 
_atom_site.label_alt_id 
_atom_site.label_comp_id 
_atom_site.label_asym_id 
_atom_site.label_entity_id 
_atom_site.label_seq_id 
_atom_site.pdbx_PDB_ins_code 
_atom_site.Cartn_x 
_atom_site.Cartn_y 
_atom_site.Cartn_z 
_atom_site.occupancy 
_atom_site.B_iso_or_equiv 
_atom_site.pdbx_formal_charge 
_atom_site.auth_seq_id 
_atom_site.auth_comp_id 
_atom_site.auth_asym_id 
_atom_site.auth_atom_id 
_atom_site.pdbx_PDB_model_num 
ATOM   1    N N   . SER A 1 2   ? -21.316 -10.061 -5.036  1.00 50.17 ? 2   SER A N   1 
ATOM   2    C CA  . SER A 1 2   ? -20.422 -10.942 -5.843  1.00 49.22 ? 2   SER A CA  1 
ATOM   3    C C   . SER A 1 2   ? -19.536 -10.132 -6.783  1.00 48.60 ? 2   SER A C   1 
ATOM   4    O O   . SER A 1 2   ? -19.996 -9.189  -7.427  1.00 48.90 ? 2   SER A O   1 
ATOM   5    C CB  . SER A 1 2   ? -21.252 -11.932 -6.658  1.00 49.81 ? 2   SER A CB  1 
ATOM   6    O OG  . SER A 1 2   ? -20.423 -12.694 -7.517  1.00 49.12 ? 2   SER A OG  1 
ATOM   7    N N   . ASP A 1 3   ? -18.266 -10.519 -6.863  1.00 47.45 ? 3   ASP A N   1 
ATOM   8    C CA  . ASP A 1 3   ? -17.298 -9.837  -7.716  1.00 45.74 ? 3   ASP A CA  1 
ATOM   9    C C   . ASP A 1 3   ? -17.015 -10.581 -9.022  1.00 43.17 ? 3   ASP A C   1 
ATOM   10   O O   . ASP A 1 3   ? -16.098 -10.219 -9.762  1.00 41.44 ? 3   ASP A O   1 
ATOM   11   C CB  . ASP A 1 3   ? -15.987 -9.641  -6.955  1.00 49.04 ? 3   ASP A CB  1 
ATOM   12   C CG  . ASP A 1 3   ? -15.503 -10.919 -6.294  1.00 53.07 ? 3   ASP A CG  1 
ATOM   13   O OD1 . ASP A 1 3   ? -15.534 -11.982 -6.953  1.00 55.29 ? 3   ASP A OD1 1 
ATOM   14   O OD2 . ASP A 1 3   ? -15.085 -10.861 -5.116  1.00 55.57 ? 3   ASP A OD2 1 
ATOM   15   N N   . THR A 1 4   ? -17.800 -11.616 -9.308  1.00 39.89 ? 4   THR A N   1 
ATOM   16   C CA  . THR A 1 4   ? -17.605 -12.397 -10.525 1.00 36.40 ? 4   THR A CA  1 
ATOM   17   C C   . THR A 1 4   ? -17.788 -11.542 -11.777 1.00 34.67 ? 4   THR A C   1 
ATOM   18   O O   . THR A 1 4   ? -16.989 -11.619 -12.714 1.00 31.77 ? 4   THR A O   1 
ATOM   19   C CB  . THR A 1 4   ? -18.586 -13.588 -10.587 1.00 36.71 ? 4   THR A CB  1 
ATOM   20   O OG1 . THR A 1 4   ? -18.420 -14.404 -9.421  1.00 35.83 ? 4   THR A OG1 1 
ATOM   21   C CG2 . THR A 1 4   ? -18.321 -14.431 -11.826 1.00 33.86 ? 4   THR A CG2 1 
ATOM   22   N N   . ALA A 1 5   ? -18.839 -10.726 -11.783 1.00 33.34 ? 5   ALA A N   1 
ATOM   23   C CA  . ALA A 1 5   ? -19.135 -9.853  -12.916 1.00 33.35 ? 5   ALA A CA  1 
ATOM   24   C C   . ALA A 1 5   ? -18.013 -8.851  -13.145 1.00 34.34 ? 5   ALA A C   1 
ATOM   25   O O   . ALA A 1 5   ? -17.665 -8.546  -14.286 1.00 34.98 ? 5   ALA A O   1 
ATOM   26   C CB  . ALA A 1 5   ? -20.446 -9.116  -12.678 1.00 33.42 ? 5   ALA A CB  1 
ATOM   27   N N   . LEU A 1 6   ? -17.455 -8.339  -12.055 1.00 34.57 ? 6   LEU A N   1 
ATOM   28   C CA  . LEU A 1 6   ? -16.373 -7.369  -12.146 1.00 35.13 ? 6   LEU A CA  1 
ATOM   29   C C   . LEU A 1 6   ? -15.140 -8.019  -12.756 1.00 32.49 ? 6   LEU A C   1 
ATOM   30   O O   . LEU A 1 6   ? -14.521 -7.464  -13.665 1.00 32.89 ? 6   LEU A O   1 
ATOM   31   C CB  . LEU A 1 6   ? -16.012 -6.827  -10.759 1.00 38.98 ? 6   LEU A CB  1 
ATOM   32   C CG  . LEU A 1 6   ? -17.119 -6.279  -9.856  1.00 43.42 ? 6   LEU A CG  1 
ATOM   33   C CD1 . LEU A 1 6   ? -16.475 -5.679  -8.609  1.00 45.34 ? 6   LEU A CD1 1 
ATOM   34   C CD2 . LEU A 1 6   ? -17.945 -5.229  -10.592 1.00 45.34 ? 6   LEU A CD2 1 
ATOM   35   N N   . ILE A 1 7   ? -14.783 -9.196  -12.257 1.00 31.30 ? 7   ILE A N   1 
ATOM   36   C CA  . ILE A 1 7   ? -13.608 -9.892  -12.768 1.00 29.67 ? 7   ILE A CA  1 
ATOM   37   C C   . ILE A 1 7   ? -13.676 -10.162 -14.266 1.00 28.24 ? 7   ILE A C   1 
ATOM   38   O O   . ILE A 1 7   ? -12.733 -9.842  -14.995 1.00 28.84 ? 7   ILE A O   1 
ATOM   39   C CB  . ILE A 1 7   ? -13.368 -11.230 -12.027 1.00 30.70 ? 7   ILE A CB  1 
ATOM   40   C CG1 . ILE A 1 7   ? -13.115 -10.958 -10.542 1.00 30.11 ? 7   ILE A CG1 1 
ATOM   41   C CG2 . ILE A 1 7   ? -12.159 -11.954 -12.635 1.00 29.12 ? 7   ILE A CG2 1 
ATOM   42   C CD1 . ILE A 1 7   ? -11.897 -10.066 -10.168 1.00 31.96 ? 7   ILE A CD1 1 
ATOM   43   N N   . PHE A 1 8   ? -14.779 -10.738 -14.740 1.00 27.88 ? 8   PHE A N   1 
ATOM   44   C CA  . PHE A 1 8   ? -14.890 -11.033 -16.166 1.00 26.90 ? 8   PHE A CA  1 
ATOM   45   C C   . PHE A 1 8   ? -14.990 -9.781  -17.022 1.00 26.87 ? 8   PHE A C   1 
ATOM   46   O O   . PHE A 1 8   ? -14.548 -9.773  -18.168 1.00 25.24 ? 8   PHE A O   1 
ATOM   47   C CB  . PHE A 1 8   ? -16.069 -11.972 -16.440 1.00 27.37 ? 8   PHE A CB  1 
ATOM   48   C CG  . PHE A 1 8   ? -15.824 -13.386 -15.988 1.00 26.72 ? 8   PHE A CG  1 
ATOM   49   C CD1 . PHE A 1 8   ? -14.703 -14.087 -16.433 1.00 28.94 ? 8   PHE A CD1 1 
ATOM   50   C CD2 . PHE A 1 8   ? -16.698 -14.015 -15.111 1.00 27.95 ? 8   PHE A CD2 1 
ATOM   51   C CE1 . PHE A 1 8   ? -14.456 -15.391 -16.007 1.00 26.10 ? 8   PHE A CE1 1 
ATOM   52   C CE2 . PHE A 1 8   ? -16.462 -15.322 -14.679 1.00 26.89 ? 8   PHE A CE2 1 
ATOM   53   C CZ  . PHE A 1 8   ? -15.337 -16.009 -15.129 1.00 26.65 ? 8   PHE A CZ  1 
ATOM   54   N N   . THR A 1 9   ? -15.564 -8.718  -16.466 1.00 28.56 ? 9   THR A N   1 
ATOM   55   C CA  . THR A 1 9   ? -15.672 -7.461  -17.201 1.00 30.62 ? 9   THR A CA  1 
ATOM   56   C C   . THR A 1 9   ? -14.256 -6.924  -17.364 1.00 31.26 ? 9   THR A C   1 
ATOM   57   O O   . THR A 1 9   ? -13.866 -6.436  -18.428 1.00 29.48 ? 9   THR A O   1 
ATOM   58   C CB  . THR A 1 9   ? -16.505 -6.427  -16.425 1.00 31.48 ? 9   THR A CB  1 
ATOM   59   O OG1 . THR A 1 9   ? -17.845 -6.903  -16.289 1.00 32.57 ? 9   THR A OG1 1 
ATOM   60   C CG2 . THR A 1 9   ? -16.521 -5.096  -17.159 1.00 34.18 ? 9   THR A CG2 1 
ATOM   61   N N   . LEU A 1 10  ? -13.485 -7.029  -16.290 1.00 31.54 ? 10  LEU A N   1 
ATOM   62   C CA  . LEU A 1 10  ? -12.110 -6.565  -16.294 1.00 32.49 ? 10  LEU A CA  1 
ATOM   63   C C   . LEU A 1 10  ? -11.293 -7.437  -17.249 1.00 32.44 ? 10  LEU A C   1 
ATOM   64   O O   . LEU A 1 10  ? -10.500 -6.935  -18.053 1.00 31.45 ? 10  LEU A O   1 
ATOM   65   C CB  . LEU A 1 10  ? -11.543 -6.651  -14.878 1.00 33.35 ? 10  LEU A CB  1 
ATOM   66   C CG  . LEU A 1 10  ? -10.193 -5.996  -14.614 1.00 36.29 ? 10  LEU A CG  1 
ATOM   67   C CD1 . LEU A 1 10  ? -10.288 -4.497  -14.886 1.00 35.41 ? 10  LEU A CD1 1 
ATOM   68   C CD2 . LEU A 1 10  ? -9.787  -6.257  -13.169 1.00 36.80 ? 10  LEU A CD2 1 
ATOM   69   N N   . ALA A 1 11  ? -11.504 -8.747  -17.167 1.00 31.56 ? 11  ALA A N   1 
ATOM   70   C CA  . ALA A 1 11  ? -10.780 -9.686  -18.017 1.00 29.92 ? 11  ALA A CA  1 
ATOM   71   C C   . ALA A 1 11  ? -10.974 -9.359  -19.491 1.00 29.84 ? 11  ALA A C   1 
ATOM   72   O O   . ALA A 1 11  ? -10.013 -9.323  -20.259 1.00 28.82 ? 11  ALA A O   1 
ATOM   73   C CB  . ALA A 1 11  ? -11.236 -11.108 -17.734 1.00 29.38 ? 11  ALA A CB  1 
ATOM   74   N N   . TRP A 1 12  ? -12.218 -9.122  -19.887 1.00 29.16 ? 12  TRP A N   1 
ATOM   75   C CA  . TRP A 1 12  ? -12.503 -8.808  -21.279 1.00 30.42 ? 12  TRP A CA  1 
ATOM   76   C C   . TRP A 1 12  ? -11.782 -7.538  -21.717 1.00 32.42 ? 12  TRP A C   1 
ATOM   77   O O   . TRP A 1 12  ? -11.365 -7.411  -22.872 1.00 30.69 ? 12  TRP A O   1 
ATOM   78   C CB  . TRP A 1 12  ? -14.006 -8.634  -21.491 1.00 28.45 ? 12  TRP A CB  1 
ATOM   79   C CG  . TRP A 1 12  ? -14.355 -8.288  -22.903 1.00 29.41 ? 12  TRP A CG  1 
ATOM   80   C CD1 . TRP A 1 12  ? -15.008 -7.171  -23.335 1.00 30.07 ? 12  TRP A CD1 1 
ATOM   81   C CD2 . TRP A 1 12  ? -14.059 -9.060  -24.073 1.00 29.41 ? 12  TRP A CD2 1 
ATOM   82   N NE1 . TRP A 1 12  ? -15.137 -7.198  -24.703 1.00 30.13 ? 12  TRP A NE1 1 
ATOM   83   C CE2 . TRP A 1 12  ? -14.564 -8.347  -25.182 1.00 29.17 ? 12  TRP A CE2 1 
ATOM   84   C CE3 . TRP A 1 12  ? -13.415 -10.287 -24.292 1.00 27.29 ? 12  TRP A CE3 1 
ATOM   85   C CZ2 . TRP A 1 12  ? -14.446 -8.820  -26.498 1.00 29.57 ? 12  TRP A CZ2 1 
ATOM   86   C CZ3 . TRP A 1 12  ? -13.296 -10.758 -25.599 1.00 25.79 ? 12  TRP A CZ3 1 
ATOM   87   C CH2 . TRP A 1 12  ? -13.811 -10.022 -26.686 1.00 28.18 ? 12  TRP A CH2 1 
ATOM   88   N N   . ASN A 1 13  ? -11.633 -6.600  -20.790 1.00 33.97 ? 13  ASN A N   1 
ATOM   89   C CA  . ASN A 1 13  ? -10.975 -5.341  -21.103 1.00 36.61 ? 13  ASN A CA  1 
ATOM   90   C C   . ASN A 1 13  ? -9.450  -5.411  -21.104 1.00 35.28 ? 13  ASN A C   1 
ATOM   91   O O   . ASN A 1 13  ? -8.816  -5.011  -22.078 1.00 36.92 ? 13  ASN A O   1 
ATOM   92   C CB  . ASN A 1 13  ? -11.435 -4.249  -20.134 1.00 41.63 ? 13  ASN A CB  1 
ATOM   93   C CG  . ASN A 1 13  ? -11.017 -2.861  -20.584 1.00 47.44 ? 13  ASN A CG  1 
ATOM   94   O OD1 . ASN A 1 13  ? -9.828  -2.541  -20.640 1.00 51.32 ? 13  ASN A OD1 1 
ATOM   95   N ND2 . ASN A 1 13  ? -12.000 -2.029  -20.919 1.00 51.57 ? 13  ASN A ND2 1 
ATOM   96   N N   . VAL A 1 14  ? -8.858  -5.925  -20.030 1.00 32.95 ? 14  VAL A N   1 
ATOM   97   C CA  . VAL A 1 14  ? -7.399  -5.992  -19.938 1.00 32.99 ? 14  VAL A CA  1 
ATOM   98   C C   . VAL A 1 14  ? -6.769  -7.293  -20.440 1.00 32.62 ? 14  VAL A C   1 
ATOM   99   O O   . VAL A 1 14  ? -5.559  -7.353  -20.666 1.00 30.49 ? 14  VAL A O   1 
ATOM   100  C CB  . VAL A 1 14  ? -6.923  -5.740  -18.489 1.00 32.66 ? 14  VAL A CB  1 
ATOM   101  C CG1 . VAL A 1 14  ? -7.497  -4.425  -17.976 1.00 34.63 ? 14  VAL A CG1 1 
ATOM   102  C CG2 . VAL A 1 14  ? -7.341  -6.888  -17.589 1.00 31.60 ? 14  VAL A CG2 1 
ATOM   103  N N   . LYS A 1 15  ? -7.594  -8.326  -20.607 1.00 31.51 ? 15  LYS A N   1 
ATOM   104  C CA  . LYS A 1 15  ? -7.145  -9.631  -21.091 1.00 29.56 ? 15  LYS A CA  1 
ATOM   105  C C   . LYS A 1 15  ? -6.328  -10.417 -20.069 1.00 30.80 ? 15  LYS A C   1 
ATOM   106  O O   . LYS A 1 15  ? -6.643  -11.568 -19.768 1.00 31.16 ? 15  LYS A O   1 
ATOM   107  C CB  . LYS A 1 15  ? -6.352  -9.463  -22.389 1.00 31.50 ? 15  LYS A CB  1 
ATOM   108  C CG  . LYS A 1 15  ? -7.164  -8.819  -23.509 1.00 34.85 ? 15  LYS A CG  1 
ATOM   109  C CD  . LYS A 1 15  ? -8.386  -9.667  -23.853 1.00 37.06 ? 15  LYS A CD  1 
ATOM   110  C CE  . LYS A 1 15  ? -9.138  -9.135  -25.067 1.00 39.33 ? 15  LYS A CE  1 
ATOM   111  N NZ  . LYS A 1 15  ? -9.996  -10.214 -25.675 1.00 42.33 ? 15  LYS A NZ  1 
ATOM   112  N N   . GLN A 1 16  ? -5.275  -9.809  -19.535 1.00 30.10 ? 16  GLN A N   1 
ATOM   113  C CA  . GLN A 1 16  ? -4.466  -10.489 -18.536 1.00 32.08 ? 16  GLN A CA  1 
ATOM   114  C C   . GLN A 1 16  ? -4.053  -9.522  -17.437 1.00 32.12 ? 16  GLN A C   1 
ATOM   115  O O   . GLN A 1 16  ? -3.710  -8.367  -17.699 1.00 30.24 ? 16  GLN A O   1 
ATOM   116  C CB  . GLN A 1 16  ? -3.224  -11.118 -19.169 1.00 36.49 ? 16  GLN A CB  1 
ATOM   117  C CG  . GLN A 1 16  ? -2.213  -10.127 -19.682 1.00 43.50 ? 16  GLN A CG  1 
ATOM   118  C CD  . GLN A 1 16  ? -0.805  -10.493 -19.264 1.00 49.25 ? 16  GLN A CD  1 
ATOM   119  O OE1 . GLN A 1 16  ? -0.506  -10.593 -18.069 1.00 52.10 ? 16  GLN A OE1 1 
ATOM   120  N NE2 . GLN A 1 16  ? 0.073   -10.695 -20.243 1.00 51.14 ? 16  GLN A NE2 1 
ATOM   121  N N   . LEU A 1 17  ? -4.101  -10.004 -16.203 1.00 30.52 ? 17  LEU A N   1 
ATOM   122  C CA  . LEU A 1 17  ? -3.745  -9.189  -15.060 1.00 30.49 ? 17  LEU A CA  1 
ATOM   123  C C   . LEU A 1 17  ? -3.382  -10.076 -13.890 1.00 30.19 ? 17  LEU A C   1 
ATOM   124  O O   . LEU A 1 17  ? -4.015  -11.103 -13.652 1.00 29.54 ? 17  LEU A O   1 
ATOM   125  C CB  . LEU A 1 17  ? -4.916  -8.291  -14.662 1.00 32.05 ? 17  LEU A CB  1 
ATOM   126  C CG  . LEU A 1 17  ? -4.712  -7.416  -13.420 1.00 35.50 ? 17  LEU A CG  1 
ATOM   127  C CD1 . LEU A 1 17  ? -3.643  -6.367  -13.697 1.00 37.06 ? 17  LEU A CD1 1 
ATOM   128  C CD2 . LEU A 1 17  ? -6.024  -6.749  -13.039 1.00 35.45 ? 17  LEU A CD2 1 
ATOM   129  N N   . ALA A 1 18  ? -2.349  -9.673  -13.164 1.00 28.88 ? 18  ALA A N   1 
ATOM   130  C CA  . ALA A 1 18  ? -1.903  -10.405 -11.998 1.00 29.65 ? 18  ALA A CA  1 
ATOM   131  C C   . ALA A 1 18  ? -1.490  -9.388  -10.943 1.00 30.95 ? 18  ALA A C   1 
ATOM   132  O O   . ALA A 1 18  ? -0.700  -8.486  -11.215 1.00 30.71 ? 18  ALA A O   1 
ATOM   133  C CB  . ALA A 1 18  ? -0.728  -11.302 -12.357 1.00 30.33 ? 18  ALA A CB  1 
ATOM   134  N N   . PHE A 1 19  ? -2.054  -9.516  -9.748  1.00 29.99 ? 19  PHE A N   1 
ATOM   135  C CA  . PHE A 1 19  ? -1.708  -8.619  -8.659  1.00 29.43 ? 19  PHE A CA  1 
ATOM   136  C C   . PHE A 1 19  ? -1.784  -9.388  -7.357  1.00 29.01 ? 19  PHE A C   1 
ATOM   137  O O   . PHE A 1 19  ? -2.450  -10.423 -7.266  1.00 26.69 ? 19  PHE A O   1 
ATOM   138  C CB  . PHE A 1 19  ? -2.647  -7.397  -8.620  1.00 27.96 ? 19  PHE A CB  1 
ATOM   139  C CG  . PHE A 1 19  ? -4.084  -7.725  -8.305  1.00 28.38 ? 19  PHE A CG  1 
ATOM   140  C CD1 . PHE A 1 19  ? -4.454  -8.181  -7.041  1.00 28.49 ? 19  PHE A CD1 1 
ATOM   141  C CD2 . PHE A 1 19  ? -5.068  -7.573  -9.274  1.00 27.67 ? 19  PHE A CD2 1 
ATOM   142  C CE1 . PHE A 1 19  ? -5.784  -8.481  -6.748  1.00 29.46 ? 19  PHE A CE1 1 
ATOM   143  C CE2 . PHE A 1 19  ? -6.401  -7.869  -8.991  1.00 29.09 ? 19  PHE A CE2 1 
ATOM   144  C CZ  . PHE A 1 19  ? -6.760  -8.323  -7.726  1.00 28.54 ? 19  PHE A CZ  1 
ATOM   145  N N   . ASP A 1 20  ? -1.076  -8.885  -6.356  1.00 27.29 ? 20  ASP A N   1 
ATOM   146  C CA  . ASP A 1 20  ? -1.067  -9.496  -5.043  1.00 26.93 ? 20  ASP A CA  1 
ATOM   147  C C   . ASP A 1 20  ? -0.790  -8.384  -4.046  1.00 28.26 ? 20  ASP A C   1 
ATOM   148  O O   . ASP A 1 20  ? 0.343   -7.915  -3.928  1.00 26.75 ? 20  ASP A O   1 
ATOM   149  C CB  . ASP A 1 20  ? 0.026   -10.555 -4.939  1.00 27.37 ? 20  ASP A CB  1 
ATOM   150  C CG  . ASP A 1 20  ? -0.034  -11.315 -3.632  1.00 31.22 ? 20  ASP A CG  1 
ATOM   151  O OD1 . ASP A 1 20  ? -0.683  -10.824 -2.686  1.00 32.28 ? 20  ASP A OD1 1 
ATOM   152  O OD2 . ASP A 1 20  ? 0.579   -12.398 -3.540  1.00 34.22 ? 20  ASP A OD2 1 
ATOM   153  N N   . TYR A 1 21  ? -1.836  -7.961  -3.344  1.00 26.41 ? 21  TYR A N   1 
ATOM   154  C CA  . TYR A 1 21  ? -1.714  -6.906  -2.356  1.00 26.82 ? 21  TYR A CA  1 
ATOM   155  C C   . TYR A 1 21  ? -1.825  -7.457  -0.947  1.00 28.25 ? 21  TYR A C   1 
ATOM   156  O O   . TYR A 1 21  ? -2.286  -6.774  -0.035  1.00 28.24 ? 21  TYR A O   1 
ATOM   157  C CB  . TYR A 1 21  ? -2.769  -5.828  -2.602  1.00 24.96 ? 21  TYR A CB  1 
ATOM   158  C CG  . TYR A 1 21  ? -2.371  -4.851  -3.688  1.00 24.44 ? 21  TYR A CG  1 
ATOM   159  C CD1 . TYR A 1 21  ? -1.679  -3.674  -3.380  1.00 23.71 ? 21  TYR A CD1 1 
ATOM   160  C CD2 . TYR A 1 21  ? -2.653  -5.115  -5.023  1.00 21.41 ? 21  TYR A CD2 1 
ATOM   161  C CE1 . TYR A 1 21  ? -1.281  -2.786  -4.389  1.00 22.08 ? 21  TYR A CE1 1 
ATOM   162  C CE2 . TYR A 1 21  ? -2.259  -4.240  -6.033  1.00 23.62 ? 21  TYR A CE2 1 
ATOM   163  C CZ  . TYR A 1 21  ? -1.572  -3.077  -5.712  1.00 22.13 ? 21  TYR A CZ  1 
ATOM   164  O OH  . TYR A 1 21  ? -1.186  -2.220  -6.723  1.00 21.32 ? 21  TYR A OH  1 
ATOM   165  N N   . THR A 1 22  ? -1.413  -8.708  -0.778  1.00 27.83 ? 22  THR A N   1 
ATOM   166  C CA  . THR A 1 22  ? -1.419  -9.320  0.537   1.00 29.57 ? 22  THR A CA  1 
ATOM   167  C C   . THR A 1 22  ? -0.316  -8.553  1.269   1.00 29.89 ? 22  THR A C   1 
ATOM   168  O O   . THR A 1 22  ? 0.856   -8.631  0.900   1.00 29.44 ? 22  THR A O   1 
ATOM   169  C CB  . THR A 1 22  ? -1.046  -10.812 0.462   1.00 31.50 ? 22  THR A CB  1 
ATOM   170  O OG1 . THR A 1 22  ? -1.943  -11.482 -0.434  1.00 33.15 ? 22  THR A OG1 1 
ATOM   171  C CG2 . THR A 1 22  ? -1.137  -11.451 1.841   1.00 31.89 ? 22  THR A CG2 1 
ATOM   172  N N   . PRO A 1 23  ? -0.679  -7.788  2.304   1.00 30.16 ? 23  PRO A N   1 
ATOM   173  C CA  . PRO A 1 23  ? 0.329   -7.019  3.040   1.00 29.97 ? 23  PRO A CA  1 
ATOM   174  C C   . PRO A 1 23  ? 1.382   -7.813  3.794   1.00 30.03 ? 23  PRO A C   1 
ATOM   175  O O   . PRO A 1 23  ? 1.064   -8.684  4.602   1.00 30.90 ? 23  PRO A O   1 
ATOM   176  C CB  . PRO A 1 23  ? -0.514  -6.146  3.968   1.00 30.54 ? 23  PRO A CB  1 
ATOM   177  C CG  . PRO A 1 23  ? -1.723  -6.989  4.214   1.00 33.47 ? 23  PRO A CG  1 
ATOM   178  C CD  . PRO A 1 23  ? -2.029  -7.539  2.841   1.00 30.99 ? 23  PRO A CD  1 
ATOM   179  N N   . ASN A 1 24  ? 2.640   -7.513  3.496   1.00 28.63 ? 24  ASN A N   1 
ATOM   180  C CA  . ASN A 1 24  ? 3.767   -8.138  4.172   1.00 28.11 ? 24  ASN A CA  1 
ATOM   181  C C   . ASN A 1 24  ? 4.305   -7.042  5.088   1.00 25.21 ? 24  ASN A C   1 
ATOM   182  O O   . ASN A 1 24  ? 5.040   -6.157  4.643   1.00 23.39 ? 24  ASN A O   1 
ATOM   183  C CB  . ASN A 1 24  ? 4.839   -8.563  3.167   1.00 30.22 ? 24  ASN A CB  1 
ATOM   184  C CG  . ASN A 1 24  ? 6.120   -9.023  3.841   1.00 36.84 ? 24  ASN A CG  1 
ATOM   185  O OD1 . ASN A 1 24  ? 6.086   -9.628  4.916   1.00 37.86 ? 24  ASN A OD1 1 
ATOM   186  N ND2 . ASN A 1 24  ? 7.258   -8.749  3.208   1.00 38.63 ? 24  ASN A ND2 1 
ATOM   187  N N   . TRP A 1 25  ? 3.906   -7.086  6.354   1.00 24.17 ? 25  TRP A N   1 
ATOM   188  C CA  . TRP A 1 25  ? 4.325   -6.079  7.325   1.00 25.41 ? 25  TRP A CA  1 
ATOM   189  C C   . TRP A 1 25  ? 5.730   -6.340  7.840   1.00 26.70 ? 25  TRP A C   1 
ATOM   190  O O   . TRP A 1 25  ? 6.046   -7.451  8.268   1.00 27.84 ? 25  TRP A O   1 
ATOM   191  C CB  . TRP A 1 25  ? 3.361   -6.040  8.514   1.00 25.75 ? 25  TRP A CB  1 
ATOM   192  C CG  . TRP A 1 25  ? 1.927   -5.817  8.138   1.00 25.96 ? 25  TRP A CG  1 
ATOM   193  C CD1 . TRP A 1 25  ? 0.982   -6.773  7.895   1.00 26.76 ? 25  TRP A CD1 1 
ATOM   194  C CD2 . TRP A 1 25  ? 1.276   -4.555  7.958   1.00 26.03 ? 25  TRP A CD2 1 
ATOM   195  N NE1 . TRP A 1 25  ? -0.217  -6.187  7.576   1.00 23.93 ? 25  TRP A NE1 1 
ATOM   196  C CE2 . TRP A 1 25  ? -0.067  -4.824  7.607   1.00 26.06 ? 25  TRP A CE2 1 
ATOM   197  C CE3 . TRP A 1 25  ? 1.697   -3.221  8.058   1.00 23.13 ? 25  TRP A CE3 1 
ATOM   198  C CZ2 . TRP A 1 25  ? -0.996  -3.807  7.355   1.00 23.17 ? 25  TRP A CZ2 1 
ATOM   199  C CZ3 . TRP A 1 25  ? 0.771   -2.206  7.807   1.00 24.26 ? 25  TRP A CZ3 1 
ATOM   200  C CH2 . TRP A 1 25  ? -0.561  -2.509  7.460   1.00 23.57 ? 25  TRP A CH2 1 
ATOM   201  N N   . GLY A 1 26  ? 6.561   -5.307  7.809   1.00 26.76 ? 26  GLY A N   1 
ATOM   202  C CA  . GLY A 1 26  ? 7.925   -5.442  8.278   1.00 26.87 ? 26  GLY A CA  1 
ATOM   203  C C   . GLY A 1 26  ? 8.105   -4.771  9.621   1.00 29.11 ? 26  GLY A C   1 
ATOM   204  O O   . GLY A 1 26  ? 7.655   -3.640  9.824   1.00 26.01 ? 26  GLY A O   1 
ATOM   205  N N   . ARG A 1 27  ? 8.756   -5.466  10.547  1.00 30.31 ? 27  ARG A N   1 
ATOM   206  C CA  . ARG A 1 27  ? 8.987   -4.909  11.872  1.00 33.93 ? 27  ARG A CA  1 
ATOM   207  C C   . ARG A 1 27  ? 10.361  -4.251  11.950  1.00 33.71 ? 27  ARG A C   1 
ATOM   208  O O   . ARG A 1 27  ? 11.318  -4.722  11.340  1.00 34.65 ? 27  ARG A O   1 
ATOM   209  C CB  . ARG A 1 27  ? 8.837   -6.004  12.932  1.00 36.45 ? 27  ARG A CB  1 
ATOM   210  C CG  . ARG A 1 27  ? 7.388   -6.424  13.143  1.00 39.59 ? 27  ARG A CG  1 
ATOM   211  C CD  . ARG A 1 27  ? 7.254   -7.569  14.136  1.00 43.26 ? 27  ARG A CD  1 
ATOM   212  N NE  . ARG A 1 27  ? 5.851   -7.875  14.412  1.00 43.50 ? 27  ARG A NE  1 
ATOM   213  C CZ  . ARG A 1 27  ? 5.050   -7.120  15.158  1.00 43.42 ? 27  ARG A CZ  1 
ATOM   214  N NH1 . ARG A 1 27  ? 5.512   -6.010  15.715  1.00 41.44 ? 27  ARG A NH1 1 
ATOM   215  N NH2 . ARG A 1 27  ? 3.782   -7.471  15.340  1.00 42.66 ? 27  ARG A NH2 1 
ATOM   216  N N   . GLY A 1 28  ? 10.450  -3.151  12.690  1.00 34.66 ? 28  GLY A N   1 
ATOM   217  C CA  . GLY A 1 28  ? 11.716  -2.452  12.808  1.00 34.61 ? 28  GLY A CA  1 
ATOM   218  C C   . GLY A 1 28  ? 12.378  -2.622  14.161  1.00 34.90 ? 28  GLY A C   1 
ATOM   219  O O   . GLY A 1 28  ? 12.557  -3.740  14.639  1.00 34.68 ? 28  GLY A O   1 
ATOM   220  N N   . ARG A 1 29  ? 12.753  -1.504  14.774  1.00 33.73 ? 29  ARG A N   1 
ATOM   221  C CA  . ARG A 1 29  ? 13.396  -1.528  16.081  1.00 33.25 ? 29  ARG A CA  1 
ATOM   222  C C   . ARG A 1 29  ? 12.681  -0.535  16.988  1.00 31.51 ? 29  ARG A C   1 
ATOM   223  O O   . ARG A 1 29  ? 12.577  0.643   16.656  1.00 30.96 ? 29  ARG A O   1 
ATOM   224  C CB  . ARG A 1 29  ? 14.866  -1.121  15.964  1.00 35.20 ? 29  ARG A CB  1 
ATOM   225  C CG  . ARG A 1 29  ? 15.661  -1.868  14.913  1.00 38.66 ? 29  ARG A CG  1 
ATOM   226  C CD  . ARG A 1 29  ? 17.084  -1.330  14.857  1.00 40.36 ? 29  ARG A CD  1 
ATOM   227  N NE  . ARG A 1 29  ? 17.814  -1.799  13.686  1.00 41.87 ? 29  ARG A NE  1 
ATOM   228  C CZ  . ARG A 1 29  ? 19.039  -1.400  13.360  1.00 43.83 ? 29  ARG A CZ  1 
ATOM   229  N NH1 . ARG A 1 29  ? 19.678  -0.520  14.125  1.00 42.22 ? 29  ARG A NH1 1 
ATOM   230  N NH2 . ARG A 1 29  ? 19.626  -1.872  12.268  1.00 42.50 ? 29  ARG A NH2 1 
ATOM   231  N N   . PRO A 1 30  ? 12.144  -1.004  18.125  1.00 30.01 ? 30  PRO A N   1 
ATOM   232  C CA  . PRO A 1 30  ? 12.176  -2.396  18.580  1.00 30.65 ? 30  PRO A CA  1 
ATOM   233  C C   . PRO A 1 30  ? 11.285  -3.255  17.680  1.00 31.38 ? 30  PRO A C   1 
ATOM   234  O O   . PRO A 1 30  ? 10.638  -2.733  16.769  1.00 29.19 ? 30  PRO A O   1 
ATOM   235  C CB  . PRO A 1 30  ? 11.645  -2.299  20.005  1.00 30.09 ? 30  PRO A CB  1 
ATOM   236  C CG  . PRO A 1 30  ? 10.647  -1.194  19.897  1.00 30.25 ? 30  PRO A CG  1 
ATOM   237  C CD  . PRO A 1 30  ? 11.391  -0.164  19.075  1.00 31.37 ? 30  PRO A CD  1 
ATOM   238  N N   . SER A 1 31  ? 11.241  -4.559  17.938  1.00 30.97 ? 31  SER A N   1 
ATOM   239  C CA  . SER A 1 31  ? 10.438  -5.465  17.118  1.00 32.32 ? 31  SER A CA  1 
ATOM   240  C C   . SER A 1 31  ? 8.940   -5.209  17.231  1.00 31.68 ? 31  SER A C   1 
ATOM   241  O O   . SER A 1 31  ? 8.165   -5.644  16.376  1.00 31.79 ? 31  SER A O   1 
ATOM   242  C CB  . SER A 1 31  ? 10.740  -6.925  17.482  1.00 35.08 ? 31  SER A CB  1 
ATOM   243  O OG  . SER A 1 31  ? 10.301  -7.236  18.794  1.00 39.26 ? 31  SER A OG  1 
ATOM   244  N N   . SER A 1 32  ? 8.531   -4.503  18.282  1.00 30.78 ? 32  SER A N   1 
ATOM   245  C CA  . SER A 1 32  ? 7.121   -4.194  18.494  1.00 29.80 ? 32  SER A CA  1 
ATOM   246  C C   . SER A 1 32  ? 6.680   -3.044  17.591  1.00 29.29 ? 32  SER A C   1 
ATOM   247  O O   . SER A 1 32  ? 5.507   -2.662  17.578  1.00 28.84 ? 32  SER A O   1 
ATOM   248  C CB  . SER A 1 32  ? 6.875   -3.818  19.956  1.00 29.01 ? 32  SER A CB  1 
ATOM   249  O OG  . SER A 1 32  ? 7.662   -2.701  20.333  1.00 29.60 ? 32  SER A OG  1 
ATOM   250  N N   . PHE A 1 33  ? 7.631   -2.493  16.845  1.00 28.36 ? 33  PHE A N   1 
ATOM   251  C CA  . PHE A 1 33  ? 7.351   -1.389  15.937  1.00 28.70 ? 33  PHE A CA  1 
ATOM   252  C C   . PHE A 1 33  ? 7.241   -1.884  14.499  1.00 29.64 ? 33  PHE A C   1 
ATOM   253  O O   . PHE A 1 33  ? 8.055   -2.691  14.041  1.00 31.17 ? 33  PHE A O   1 
ATOM   254  C CB  . PHE A 1 33  ? 8.466   -0.336  16.016  1.00 28.71 ? 33  PHE A CB  1 
ATOM   255  C CG  . PHE A 1 33  ? 8.197   0.780   16.997  1.00 27.32 ? 33  PHE A CG  1 
ATOM   256  C CD1 . PHE A 1 33  ? 7.742   0.510   18.285  1.00 28.59 ? 33  PHE A CD1 1 
ATOM   257  C CD2 . PHE A 1 33  ? 8.418   2.105   16.630  1.00 29.04 ? 33  PHE A CD2 1 
ATOM   258  C CE1 . PHE A 1 33  ? 7.508   1.543   19.197  1.00 27.92 ? 33  PHE A CE1 1 
ATOM   259  C CE2 . PHE A 1 33  ? 8.189   3.148   17.533  1.00 29.38 ? 33  PHE A CE2 1 
ATOM   260  C CZ  . PHE A 1 33  ? 7.731   2.862   18.822  1.00 29.90 ? 33  PHE A CZ  1 
ATOM   261  N N   . ILE A 1 34  ? 6.230   -1.396  13.793  1.00 27.42 ? 34  ILE A N   1 
ATOM   262  C CA  . ILE A 1 34  ? 6.028   -1.747  12.394  1.00 25.86 ? 34  ILE A CA  1 
ATOM   263  C C   . ILE A 1 34  ? 6.636   -0.591  11.606  1.00 26.35 ? 34  ILE A C   1 
ATOM   264  O O   . ILE A 1 34  ? 6.258   0.566   11.803  1.00 25.18 ? 34  ILE A O   1 
ATOM   265  C CB  . ILE A 1 34  ? 4.531   -1.870  12.068  1.00 26.36 ? 34  ILE A CB  1 
ATOM   266  C CG1 . ILE A 1 34  ? 3.940   -3.054  12.837  1.00 27.88 ? 34  ILE A CG1 1 
ATOM   267  C CG2 . ILE A 1 34  ? 4.331   -2.035  10.569  1.00 24.95 ? 34  ILE A CG2 1 
ATOM   268  C CD1 . ILE A 1 34  ? 4.508   -4.468  12.529  1.00 31.96 ? 34  ILE A CD1 1 
ATOM   269  N N   . ASP A 1 35  ? 7.575   -0.894  10.718  1.00 26.09 ? 35  ASP A N   1 
ATOM   270  C CA  . ASP A 1 35  ? 8.224   0.166   9.962   1.00 29.27 ? 35  ASP A CA  1 
ATOM   271  C C   . ASP A 1 35  ? 7.951   0.174   8.464   1.00 27.41 ? 35  ASP A C   1 
ATOM   272  O O   . ASP A 1 35  ? 8.204   1.175   7.799   1.00 27.11 ? 35  ASP A O   1 
ATOM   273  C CB  . ASP A 1 35  ? 9.739   0.134   10.226  1.00 35.29 ? 35  ASP A CB  1 
ATOM   274  C CG  . ASP A 1 35  ? 10.414  -1.084  9.630   1.00 40.35 ? 35  ASP A CG  1 
ATOM   275  O OD1 . ASP A 1 35  ? 9.814   -2.179  9.650   1.00 44.42 ? 35  ASP A OD1 1 
ATOM   276  O OD2 . ASP A 1 35  ? 11.561  -0.950  9.152   1.00 46.99 ? 35  ASP A OD2 1 
ATOM   277  N N   . THR A 1 36  ? 7.437   -0.928  7.926   1.00 27.07 ? 36  THR A N   1 
ATOM   278  C CA  . THR A 1 36  ? 7.146   -0.987  6.497   1.00 26.46 ? 36  THR A CA  1 
ATOM   279  C C   . THR A 1 36  ? 6.028   -1.962  6.158   1.00 24.32 ? 36  THR A C   1 
ATOM   280  O O   . THR A 1 36  ? 5.585   -2.756  6.990   1.00 23.23 ? 36  THR A O   1 
ATOM   281  C CB  . THR A 1 36  ? 8.368   -1.461  5.660   1.00 29.28 ? 36  THR A CB  1 
ATOM   282  O OG1 . THR A 1 36  ? 8.588   -2.859  5.897   1.00 26.28 ? 36  THR A OG1 1 
ATOM   283  C CG2 . THR A 1 36  ? 9.628   -0.682  6.019   1.00 28.80 ? 36  THR A CG2 1 
ATOM   284  N N   . VAL A 1 37  ? 5.569   -1.874  4.919   1.00 24.57 ? 37  VAL A N   1 
ATOM   285  C CA  . VAL A 1 37  ? 4.580   -2.804  4.400   1.00 22.73 ? 37  VAL A CA  1 
ATOM   286  C C   . VAL A 1 37  ? 4.994   -2.990  2.953   1.00 23.68 ? 37  VAL A C   1 
ATOM   287  O O   . VAL A 1 37  ? 5.373   -2.027  2.279   1.00 23.12 ? 37  VAL A O   1 
ATOM   288  C CB  . VAL A 1 37  ? 3.122   -2.285  4.487   1.00 22.76 ? 37  VAL A CB  1 
ATOM   289  C CG1 . VAL A 1 37  ? 2.896   -1.107  3.549   1.00 26.78 ? 37  VAL A CG1 1 
ATOM   290  C CG2 . VAL A 1 37  ? 2.169   -3.427  4.140   1.00 26.40 ? 37  VAL A CG2 1 
ATOM   291  N N   . THR A 1 38  ? 4.968   -4.233  2.487   1.00 23.03 ? 38  THR A N   1 
ATOM   292  C CA  . THR A 1 38  ? 5.353   -4.525  1.118   1.00 25.14 ? 38  THR A CA  1 
ATOM   293  C C   . THR A 1 38  ? 4.256   -5.329  0.433   1.00 25.46 ? 38  THR A C   1 
ATOM   294  O O   . THR A 1 38  ? 3.658   -6.219  1.035   1.00 23.85 ? 38  THR A O   1 
ATOM   295  C CB  . THR A 1 38  ? 6.673   -5.344  1.065   1.00 26.48 ? 38  THR A CB  1 
ATOM   296  O OG1 . THR A 1 38  ? 7.703   -4.647  1.778   1.00 26.10 ? 38  THR A OG1 1 
ATOM   297  C CG2 . THR A 1 38  ? 7.119   -5.550  -0.383  1.00 26.88 ? 38  THR A CG2 1 
ATOM   298  N N   . PHE A 1 39  ? 3.992   -4.993  -0.823  1.00 25.38 ? 39  PHE A N   1 
ATOM   299  C CA  . PHE A 1 39  ? 2.993   -5.697  -1.614  1.00 25.82 ? 39  PHE A CA  1 
ATOM   300  C C   . PHE A 1 39  ? 3.771   -6.494  -2.666  1.00 26.52 ? 39  PHE A C   1 
ATOM   301  O O   . PHE A 1 39  ? 4.530   -5.923  -3.451  1.00 27.40 ? 39  PHE A O   1 
ATOM   302  C CB  . PHE A 1 39  ? 2.044   -4.692  -2.277  1.00 25.37 ? 39  PHE A CB  1 
ATOM   303  C CG  . PHE A 1 39  ? 1.235   -3.887  -1.295  1.00 24.91 ? 39  PHE A CG  1 
ATOM   304  C CD1 . PHE A 1 39  ? 0.389   -4.519  -0.390  1.00 24.88 ? 39  PHE A CD1 1 
ATOM   305  C CD2 . PHE A 1 39  ? 1.328   -2.499  -1.267  1.00 27.08 ? 39  PHE A CD2 1 
ATOM   306  C CE1 . PHE A 1 39  ? -0.356  -3.779  0.533   1.00 27.13 ? 39  PHE A CE1 1 
ATOM   307  C CE2 . PHE A 1 39  ? 0.585   -1.749  -0.344  1.00 26.94 ? 39  PHE A CE2 1 
ATOM   308  C CZ  . PHE A 1 39  ? -0.258  -2.395  0.556   1.00 24.53 ? 39  PHE A CZ  1 
ATOM   309  N N   . PRO A 1 40  ? 3.597   -7.826  -2.686  1.00 26.96 ? 40  PRO A N   1 
ATOM   310  C CA  . PRO A 1 40  ? 4.269   -8.740  -3.621  1.00 26.56 ? 40  PRO A CA  1 
ATOM   311  C C   . PRO A 1 40  ? 4.150   -8.398  -5.103  1.00 26.61 ? 40  PRO A C   1 
ATOM   312  O O   . PRO A 1 40  ? 5.139   -8.448  -5.841  1.00 26.55 ? 40  PRO A O   1 
ATOM   313  C CB  . PRO A 1 40  ? 3.631   -10.091 -3.302  1.00 25.96 ? 40  PRO A CB  1 
ATOM   314  C CG  . PRO A 1 40  ? 3.300   -9.972  -1.853  1.00 27.40 ? 40  PRO A CG  1 
ATOM   315  C CD  . PRO A 1 40  ? 2.719   -8.581  -1.775  1.00 26.93 ? 40  PRO A CD  1 
ATOM   316  N N   . THR A 1 41  ? 2.943   -8.061  -5.546  1.00 27.15 ? 41  THR A N   1 
ATOM   317  C CA  . THR A 1 41  ? 2.733   -7.744  -6.954  1.00 27.90 ? 41  THR A CA  1 
ATOM   318  C C   . THR A 1 41  ? 1.759   -6.591  -7.120  1.00 28.21 ? 41  THR A C   1 
ATOM   319  O O   . THR A 1 41  ? 0.544   -6.783  -7.051  1.00 29.66 ? 41  THR A O   1 
ATOM   320  C CB  . THR A 1 41  ? 2.180   -8.971  -7.713  1.00 28.62 ? 41  THR A CB  1 
ATOM   321  O OG1 . THR A 1 41  ? 2.974   -10.121 -7.398  1.00 28.64 ? 41  THR A OG1 1 
ATOM   322  C CG2 . THR A 1 41  ? 2.221   -8.732  -9.215  1.00 29.42 ? 41  THR A CG2 1 
ATOM   323  N N   . VAL A 1 42  ? 2.294   -5.398  -7.358  1.00 26.32 ? 42  VAL A N   1 
ATOM   324  C CA  . VAL A 1 42  ? 1.462   -4.212  -7.516  1.00 26.04 ? 42  VAL A CA  1 
ATOM   325  C C   . VAL A 1 42  ? 1.159   -3.878  -8.972  1.00 27.65 ? 42  VAL A C   1 
ATOM   326  O O   . VAL A 1 42  ? 1.807   -4.388  -9.889  1.00 26.89 ? 42  VAL A O   1 
ATOM   327  C CB  . VAL A 1 42  ? 2.142   -2.971  -6.878  1.00 24.66 ? 42  VAL A CB  1 
ATOM   328  C CG1 . VAL A 1 42  ? 2.401   -3.222  -5.401  1.00 21.81 ? 42  VAL A CG1 1 
ATOM   329  C CG2 . VAL A 1 42  ? 3.455   -2.658  -7.607  1.00 23.21 ? 42  VAL A CG2 1 
ATOM   330  N N   . LEU A 1 43  ? 0.160   -3.023  -9.172  1.00 27.47 ? 43  LEU A N   1 
ATOM   331  C CA  . LEU A 1 43  ? -0.202  -2.574  -10.507 1.00 28.81 ? 43  LEU A CA  1 
ATOM   332  C C   . LEU A 1 43  ? 0.919   -1.644  -10.944 1.00 31.32 ? 43  LEU A C   1 
ATOM   333  O O   . LEU A 1 43  ? 1.562   -0.999  -10.105 1.00 29.26 ? 43  LEU A O   1 
ATOM   334  C CB  . LEU A 1 43  ? -1.519  -1.804  -10.482 1.00 29.08 ? 43  LEU A CB  1 
ATOM   335  C CG  . LEU A 1 43  ? -2.750  -2.567  -9.998  1.00 30.92 ? 43  LEU A CG  1 
ATOM   336  C CD1 . LEU A 1 43  ? -3.980  -1.690  -10.197 1.00 31.57 ? 43  LEU A CD1 1 
ATOM   337  C CD2 . LEU A 1 43  ? -2.895  -3.871  -10.774 1.00 29.70 ? 43  LEU A CD2 1 
ATOM   338  N N   . THR A 1 44  ? 1.147   -1.559  -12.249 1.00 31.58 ? 44  THR A N   1 
ATOM   339  C CA  . THR A 1 44  ? 2.225   -0.725  -12.759 1.00 34.52 ? 44  THR A CA  1 
ATOM   340  C C   . THR A 1 44  ? 1.814   0.168   -13.920 1.00 34.26 ? 44  THR A C   1 
ATOM   341  O O   . THR A 1 44  ? 2.665   0.785   -14.559 1.00 34.87 ? 44  THR A O   1 
ATOM   342  C CB  . THR A 1 44  ? 3.395   -1.598  -13.233 1.00 36.66 ? 44  THR A CB  1 
ATOM   343  O OG1 . THR A 1 44  ? 2.961   -2.402  -14.336 1.00 37.35 ? 44  THR A OG1 1 
ATOM   344  C CG2 . THR A 1 44  ? 3.867   -2.521  -12.111 1.00 38.03 ? 44  THR A CG2 1 
ATOM   345  N N   . ASP A 1 45  ? 0.516   0.245   -14.191 1.00 34.28 ? 45  ASP A N   1 
ATOM   346  C CA  . ASP A 1 45  ? 0.032   1.055   -15.304 1.00 35.31 ? 45  ASP A CA  1 
ATOM   347  C C   . ASP A 1 45  ? 0.071   2.563   -15.054 1.00 35.13 ? 45  ASP A C   1 
ATOM   348  O O   . ASP A 1 45  ? -0.027  3.352   -15.993 1.00 35.63 ? 45  ASP A O   1 
ATOM   349  C CB  . ASP A 1 45  ? -1.387  0.626   -15.683 1.00 36.52 ? 45  ASP A CB  1 
ATOM   350  C CG  . ASP A 1 45  ? -2.383  0.837   -14.558 1.00 39.55 ? 45  ASP A CG  1 
ATOM   351  O OD1 . ASP A 1 45  ? -2.185  0.271   -13.458 1.00 39.38 ? 45  ASP A OD1 1 
ATOM   352  O OD2 . ASP A 1 45  ? -3.371  1.568   -14.779 1.00 42.21 ? 45  ASP A OD2 1 
ATOM   353  N N   . LYS A 1 46  ? 0.211   2.965   -13.794 1.00 33.17 ? 46  LYS A N   1 
ATOM   354  C CA  . LYS A 1 46  ? 0.262   4.386   -13.450 1.00 32.47 ? 46  LYS A CA  1 
ATOM   355  C C   . LYS A 1 46  ? 1.270   4.620   -12.336 1.00 30.67 ? 46  LYS A C   1 
ATOM   356  O O   . LYS A 1 46  ? 1.730   3.674   -11.698 1.00 31.56 ? 46  LYS A O   1 
ATOM   357  C CB  . LYS A 1 46  ? -1.106  4.882   -12.974 1.00 30.63 ? 46  LYS A CB  1 
ATOM   358  C CG  . LYS A 1 46  ? -2.240  4.711   -13.964 1.00 30.76 ? 46  LYS A CG  1 
ATOM   359  C CD  . LYS A 1 46  ? -3.535  5.233   -13.357 1.00 30.96 ? 46  LYS A CD  1 
ATOM   360  C CE  . LYS A 1 46  ? -4.725  4.978   -14.257 1.00 31.17 ? 46  LYS A CE  1 
ATOM   361  N NZ  . LYS A 1 46  ? -5.988  5.416   -13.605 1.00 31.13 ? 46  LYS A NZ  1 
ATOM   362  N N   . ALA A 1 47  ? 1.600   5.886   -12.098 1.00 30.43 ? 47  ALA A N   1 
ATOM   363  C CA  . ALA A 1 47  ? 2.543   6.247   -11.042 1.00 29.44 ? 47  ALA A CA  1 
ATOM   364  C C   . ALA A 1 47  ? 1.784   6.390   -9.723  1.00 28.56 ? 47  ALA A C   1 
ATOM   365  O O   . ALA A 1 47  ? 1.615   7.492   -9.199  1.00 29.43 ? 47  ALA A O   1 
ATOM   366  C CB  . ALA A 1 47  ? 3.247   7.556   -11.392 1.00 30.20 ? 47  ALA A CB  1 
ATOM   367  N N   . TYR A 1 48  ? 1.321   5.265   -9.190  1.00 26.37 ? 48  TYR A N   1 
ATOM   368  C CA  . TYR A 1 48  ? 0.571   5.266   -7.941  1.00 24.76 ? 48  TYR A CA  1 
ATOM   369  C C   . TYR A 1 48  ? 1.397   5.761   -6.763  1.00 23.76 ? 48  TYR A C   1 
ATOM   370  O O   . TYR A 1 48  ? 2.607   5.550   -6.709  1.00 21.88 ? 48  TYR A O   1 
ATOM   371  C CB  . TYR A 1 48  ? 0.057   3.857   -7.636  1.00 24.01 ? 48  TYR A CB  1 
ATOM   372  C CG  . TYR A 1 48  ? -0.904  3.328   -8.676  1.00 25.28 ? 48  TYR A CG  1 
ATOM   373  C CD1 . TYR A 1 48  ? -2.165  3.905   -8.849  1.00 26.34 ? 48  TYR A CD1 1 
ATOM   374  C CD2 . TYR A 1 48  ? -0.540  2.278   -9.515  1.00 25.44 ? 48  TYR A CD2 1 
ATOM   375  C CE1 . TYR A 1 48  ? -3.037  3.448   -9.841  1.00 26.92 ? 48  TYR A CE1 1 
ATOM   376  C CE2 . TYR A 1 48  ? -1.400  1.817   -10.508 1.00 26.52 ? 48  TYR A CE2 1 
ATOM   377  C CZ  . TYR A 1 48  ? -2.645  2.405   -10.665 1.00 27.28 ? 48  TYR A CZ  1 
ATOM   378  O OH  . TYR A 1 48  ? -3.492  1.950   -11.649 1.00 30.55 ? 48  TYR A OH  1 
ATOM   379  N N   . THR A 1 49  ? 0.734   6.437   -5.828  1.00 22.43 ? 49  THR A N   1 
ATOM   380  C CA  . THR A 1 49  ? 1.394   6.926   -4.627  1.00 21.59 ? 49  THR A CA  1 
ATOM   381  C C   . THR A 1 49  ? 0.558   6.418   -3.455  1.00 21.05 ? 49  THR A C   1 
ATOM   382  O O   . THR A 1 49  ? -0.558  5.924   -3.657  1.00 18.93 ? 49  THR A O   1 
ATOM   383  C CB  . THR A 1 49  ? 1.491   8.466   -4.609  1.00 22.35 ? 49  THR A CB  1 
ATOM   384  O OG1 . THR A 1 49  ? 0.191   9.033   -4.795  1.00 21.53 ? 49  THR A OG1 1 
ATOM   385  C CG2 . THR A 1 49  ? 2.423   8.952   -5.724  1.00 24.25 ? 49  THR A CG2 1 
ATOM   386  N N   . TYR A 1 50  ? 1.089   6.524   -2.242  1.00 19.86 ? 50  TYR A N   1 
ATOM   387  C CA  . TYR A 1 50  ? 0.385   6.019   -1.063  1.00 21.10 ? 50  TYR A CA  1 
ATOM   388  C C   . TYR A 1 50  ? 0.269   7.018   0.074   1.00 21.65 ? 50  TYR A C   1 
ATOM   389  O O   . TYR A 1 50  ? 1.207   7.770   0.355   1.00 22.18 ? 50  TYR A O   1 
ATOM   390  C CB  . TYR A 1 50  ? 1.102   4.783   -0.519  1.00 21.70 ? 50  TYR A CB  1 
ATOM   391  C CG  . TYR A 1 50  ? 1.261   3.658   -1.510  1.00 22.47 ? 50  TYR A CG  1 
ATOM   392  C CD1 . TYR A 1 50  ? 0.252   2.708   -1.685  1.00 21.99 ? 50  TYR A CD1 1 
ATOM   393  C CD2 . TYR A 1 50  ? 2.422   3.535   -2.272  1.00 22.67 ? 50  TYR A CD2 1 
ATOM   394  C CE1 . TYR A 1 50  ? 0.401   1.652   -2.596  1.00 22.35 ? 50  TYR A CE1 1 
ATOM   395  C CE2 . TYR A 1 50  ? 2.580   2.489   -3.187  1.00 24.20 ? 50  TYR A CE2 1 
ATOM   396  C CZ  . TYR A 1 50  ? 1.563   1.550   -3.337  1.00 23.59 ? 50  TYR A CZ  1 
ATOM   397  O OH  . TYR A 1 50  ? 1.721   0.502   -4.216  1.00 23.78 ? 50  TYR A OH  1 
ATOM   398  N N   . ARG A 1 51  ? -0.879  6.986   0.742   1.00 21.59 ? 51  ARG A N   1 
ATOM   399  C CA  . ARG A 1 51  ? -1.142  7.848   1.888   1.00 23.41 ? 51  ARG A CA  1 
ATOM   400  C C   . ARG A 1 51  ? -1.227  6.930   3.106   1.00 22.42 ? 51  ARG A C   1 
ATOM   401  O O   . ARG A 1 51  ? -1.764  5.823   3.015   1.00 20.80 ? 51  ARG A O   1 
ATOM   402  C CB  . ARG A 1 51  ? -2.468  8.598   1.698   1.00 25.53 ? 51  ARG A CB  1 
ATOM   403  C CG  . ARG A 1 51  ? -2.815  9.572   2.828   1.00 30.17 ? 51  ARG A CG  1 
ATOM   404  C CD  . ARG A 1 51  ? -3.973  10.489  2.431   1.00 32.83 ? 51  ARG A CD  1 
ATOM   405  N NE  . ARG A 1 51  ? -5.234  9.759   2.334   1.00 36.85 ? 51  ARG A NE  1 
ATOM   406  C CZ  . ARG A 1 51  ? -6.053  9.529   3.357   1.00 38.25 ? 51  ARG A CZ  1 
ATOM   407  N NH1 . ARG A 1 51  ? -5.748  9.976   4.568   1.00 39.30 ? 51  ARG A NH1 1 
ATOM   408  N NH2 . ARG A 1 51  ? -7.176  8.843   3.171   1.00 39.23 ? 51  ARG A NH2 1 
ATOM   409  N N   . VAL A 1 52  ? -0.689  7.381   4.233   1.00 20.91 ? 52  VAL A N   1 
ATOM   410  C CA  . VAL A 1 52  ? -0.712  6.583   5.454   1.00 22.06 ? 52  VAL A CA  1 
ATOM   411  C C   . VAL A 1 52  ? -1.444  7.290   6.589   1.00 23.24 ? 52  VAL A C   1 
ATOM   412  O O   . VAL A 1 52  ? -1.256  8.488   6.815   1.00 23.86 ? 52  VAL A O   1 
ATOM   413  C CB  . VAL A 1 52  ? 0.719   6.241   5.925   1.00 22.38 ? 52  VAL A CB  1 
ATOM   414  C CG1 . VAL A 1 52  ? 0.669   5.507   7.266   1.00 22.10 ? 52  VAL A CG1 1 
ATOM   415  C CG2 . VAL A 1 52  ? 1.416   5.381   4.876   1.00 22.68 ? 52  VAL A CG2 1 
ATOM   416  N N   . VAL A 1 53  ? -2.277  6.533   7.296   1.00 23.16 ? 53  VAL A N   1 
ATOM   417  C CA  . VAL A 1 53  ? -3.056  7.054   8.417   1.00 23.78 ? 53  VAL A CA  1 
ATOM   418  C C   . VAL A 1 53  ? -2.750  6.190   9.637   1.00 23.45 ? 53  VAL A C   1 
ATOM   419  O O   . VAL A 1 53  ? -2.854  4.964   9.578   1.00 23.46 ? 53  VAL A O   1 
ATOM   420  C CB  . VAL A 1 53  ? -4.574  6.983   8.117   1.00 25.16 ? 53  VAL A CB  1 
ATOM   421  C CG1 . VAL A 1 53  ? -5.375  7.537   9.288   1.00 26.50 ? 53  VAL A CG1 1 
ATOM   422  C CG2 . VAL A 1 53  ? -4.884  7.755   6.845   1.00 25.17 ? 53  VAL A CG2 1 
ATOM   423  N N   . VAL A 1 54  ? -2.351  6.827   10.731  1.00 21.32 ? 54  VAL A N   1 
ATOM   424  C CA  . VAL A 1 54  ? -2.034  6.102   11.954  1.00 23.64 ? 54  VAL A CA  1 
ATOM   425  C C   . VAL A 1 54  ? -2.939  6.563   13.093  1.00 26.44 ? 54  VAL A C   1 
ATOM   426  O O   . VAL A 1 54  ? -2.974  7.750   13.436  1.00 24.72 ? 54  VAL A O   1 
ATOM   427  C CB  . VAL A 1 54  ? -0.561  6.313   12.360  1.00 23.07 ? 54  VAL A CB  1 
ATOM   428  C CG1 . VAL A 1 54  ? -0.244  5.522   13.620  1.00 22.21 ? 54  VAL A CG1 1 
ATOM   429  C CG2 . VAL A 1 54  ? 0.354   5.884   11.215  1.00 21.29 ? 54  VAL A CG2 1 
ATOM   430  N N   . SER A 1 55  ? -3.672  5.617   13.670  1.00 26.94 ? 55  SER A N   1 
ATOM   431  C CA  . SER A 1 55  ? -4.583  5.916   14.768  1.00 28.35 ? 55  SER A CA  1 
ATOM   432  C C   . SER A 1 55  ? -5.443  7.139   14.474  1.00 28.10 ? 55  SER A C   1 
ATOM   433  O O   . SER A 1 55  ? -5.581  8.032   15.314  1.00 27.70 ? 55  SER A O   1 
ATOM   434  C CB  . SER A 1 55  ? -3.798  6.129   16.060  1.00 28.77 ? 55  SER A CB  1 
ATOM   435  O OG  . SER A 1 55  ? -3.177  4.924   16.468  1.00 33.70 ? 55  SER A OG  1 
ATOM   436  N N   . GLY A 1 56  ? -6.008  7.174   13.272  1.00 26.49 ? 56  GLY A N   1 
ATOM   437  C CA  . GLY A 1 56  ? -6.864  8.279   12.887  1.00 26.82 ? 56  GLY A CA  1 
ATOM   438  C C   . GLY A 1 56  ? -6.173  9.530   12.375  1.00 26.55 ? 56  GLY A C   1 
ATOM   439  O O   . GLY A 1 56  ? -6.842  10.427  11.870  1.00 27.58 ? 56  GLY A O   1 
ATOM   440  N N   . LYS A 1 57  ? -4.851  9.606   12.504  1.00 26.38 ? 57  LYS A N   1 
ATOM   441  C CA  . LYS A 1 57  ? -4.120  10.779  12.033  1.00 25.23 ? 57  LYS A CA  1 
ATOM   442  C C   . LYS A 1 57  ? -3.548  10.603  10.624  1.00 24.42 ? 57  LYS A C   1 
ATOM   443  O O   . LYS A 1 57  ? -2.738  9.713   10.375  1.00 24.28 ? 57  LYS A O   1 
ATOM   444  C CB  . LYS A 1 57  ? -2.979  11.124  12.994  1.00 25.79 ? 57  LYS A CB  1 
ATOM   445  C CG  . LYS A 1 57  ? -2.244  12.405  12.607  1.00 29.42 ? 57  LYS A CG  1 
ATOM   446  C CD  . LYS A 1 57  ? -1.115  12.741  13.571  1.00 30.67 ? 57  LYS A CD  1 
ATOM   447  C CE  . LYS A 1 57  ? -0.565  14.132  13.285  1.00 33.08 ? 57  LYS A CE  1 
ATOM   448  N NZ  . LYS A 1 57  ? 0.604   14.463  14.144  1.00 33.79 ? 57  LYS A NZ  1 
ATOM   449  N N   . ASP A 1 58  ? -3.963  11.467  9.706   1.00 24.01 ? 58  ASP A N   1 
ATOM   450  C CA  . ASP A 1 58  ? -3.479  11.405  8.332   1.00 25.55 ? 58  ASP A CA  1 
ATOM   451  C C   . ASP A 1 58  ? -2.036  11.911  8.269   1.00 25.83 ? 58  ASP A C   1 
ATOM   452  O O   . ASP A 1 58  ? -1.771  13.075  8.562   1.00 27.97 ? 58  ASP A O   1 
ATOM   453  C CB  . ASP A 1 58  ? -4.393  12.247  7.430   1.00 28.05 ? 58  ASP A CB  1 
ATOM   454  C CG  . ASP A 1 58  ? -3.875  12.366  6.007   1.00 32.15 ? 58  ASP A CG  1 
ATOM   455  O OD1 . ASP A 1 58  ? -3.313  11.383  5.478   1.00 30.85 ? 58  ASP A OD1 1 
ATOM   456  O OD2 . ASP A 1 58  ? -4.047  13.451  5.407   1.00 38.86 ? 58  ASP A OD2 1 
ATOM   457  N N   . LEU A 1 59  ? -1.104  11.035  7.900   1.00 22.23 ? 59  LEU A N   1 
ATOM   458  C CA  . LEU A 1 59  ? 0.302   11.420  7.808   1.00 23.53 ? 59  LEU A CA  1 
ATOM   459  C C   . LEU A 1 59  ? 0.662   11.997  6.439   1.00 25.06 ? 59  LEU A C   1 
ATOM   460  O O   . LEU A 1 59  ? 1.785   12.460  6.223   1.00 25.81 ? 59  LEU A O   1 
ATOM   461  C CB  . LEU A 1 59  ? 1.208   10.228  8.121   1.00 22.68 ? 59  LEU A CB  1 
ATOM   462  C CG  . LEU A 1 59  ? 1.002   9.598   9.505   1.00 24.88 ? 59  LEU A CG  1 
ATOM   463  C CD1 . LEU A 1 59  ? 2.091   8.564   9.754   1.00 22.99 ? 59  LEU A CD1 1 
ATOM   464  C CD2 . LEU A 1 59  ? 1.041   10.684  10.585  1.00 25.24 ? 59  LEU A CD2 1 
ATOM   465  N N   . GLY A 1 60  ? -0.291  11.961  5.516   1.00 22.79 ? 60  GLY A N   1 
ATOM   466  C CA  . GLY A 1 60  ? -0.044  12.512  4.199   1.00 23.82 ? 60  GLY A CA  1 
ATOM   467  C C   . GLY A 1 60  ? 0.523   11.549  3.173   1.00 25.15 ? 60  GLY A C   1 
ATOM   468  O O   . GLY A 1 60  ? 0.516   10.328  3.358   1.00 23.52 ? 60  GLY A O   1 
ATOM   469  N N   . VAL A 1 61  ? 1.030   12.125  2.088   1.00 24.48 ? 61  VAL A N   1 
ATOM   470  C CA  . VAL A 1 61  ? 1.600   11.370  0.983   1.00 25.91 ? 61  VAL A CA  1 
ATOM   471  C C   . VAL A 1 61  ? 3.093   11.651  0.827   1.00 26.83 ? 61  VAL A C   1 
ATOM   472  O O   . VAL A 1 61  ? 3.580   12.719  1.201   1.00 25.73 ? 61  VAL A O   1 
ATOM   473  C CB  . VAL A 1 61  ? 0.882   11.738  -0.336  1.00 26.11 ? 61  VAL A CB  1 
ATOM   474  C CG1 . VAL A 1 61  ? 1.336   10.827  -1.463  1.00 27.87 ? 61  VAL A CG1 1 
ATOM   475  C CG2 . VAL A 1 61  ? -0.622  11.643  -0.141  1.00 26.40 ? 61  VAL A CG2 1 
ATOM   476  N N   . ARG A 1 62  ? 3.815   10.677  0.282   1.00 25.80 ? 62  ARG A N   1 
ATOM   477  C CA  . ARG A 1 62  ? 5.249   10.809  0.049   1.00 26.26 ? 62  ARG A CA  1 
ATOM   478  C C   . ARG A 1 62  ? 5.562   10.166  -1.300  1.00 27.48 ? 62  ARG A C   1 
ATOM   479  O O   . ARG A 1 62  ? 4.752   9.400   -1.834  1.00 23.54 ? 62  ARG A O   1 
ATOM   480  C CB  . ARG A 1 62  ? 6.048   10.087  1.140   1.00 26.81 ? 62  ARG A CB  1 
ATOM   481  C CG  . ARG A 1 62  ? 5.821   10.586  2.560   1.00 28.70 ? 62  ARG A CG  1 
ATOM   482  C CD  . ARG A 1 62  ? 6.444   11.956  2.820   1.00 28.32 ? 62  ARG A CD  1 
ATOM   483  N NE  . ARG A 1 62  ? 6.298   12.329  4.226   1.00 28.37 ? 62  ARG A NE  1 
ATOM   484  C CZ  . ARG A 1 62  ? 5.158   12.720  4.790   1.00 29.19 ? 62  ARG A CZ  1 
ATOM   485  N NH1 . ARG A 1 62  ? 4.048   12.809  4.069   1.00 28.79 ? 62  ARG A NH1 1 
ATOM   486  N NH2 . ARG A 1 62  ? 5.119   12.989  6.089   1.00 29.25 ? 62  ARG A NH2 1 
ATOM   487  N N   . PRO A 1 63  ? 6.727   10.487  -1.884  1.00 28.37 ? 63  PRO A N   1 
ATOM   488  C CA  . PRO A 1 63  ? 7.051   9.870   -3.174  1.00 28.14 ? 63  PRO A CA  1 
ATOM   489  C C   . PRO A 1 63  ? 7.188   8.358   -2.998  1.00 26.28 ? 63  PRO A C   1 
ATOM   490  O O   . PRO A 1 63  ? 7.644   7.879   -1.960  1.00 24.36 ? 63  PRO A O   1 
ATOM   491  C CB  . PRO A 1 63  ? 8.363   10.556  -3.574  1.00 30.08 ? 63  PRO A CB  1 
ATOM   492  C CG  . PRO A 1 63  ? 8.955   10.991  -2.264  1.00 33.20 ? 63  PRO A CG  1 
ATOM   493  C CD  . PRO A 1 63  ? 7.747   11.478  -1.500  1.00 29.85 ? 63  PRO A CD  1 
ATOM   494  N N   . SER A 1 64  ? 6.783   7.609   -4.014  1.00 25.07 ? 64  SER A N   1 
ATOM   495  C CA  . SER A 1 64  ? 6.833   6.156   -3.952  1.00 24.13 ? 64  SER A CA  1 
ATOM   496  C C   . SER A 1 64  ? 8.209   5.564   -4.206  1.00 23.73 ? 64  SER A C   1 
ATOM   497  O O   . SER A 1 64  ? 9.011   6.126   -4.954  1.00 22.84 ? 64  SER A O   1 
ATOM   498  C CB  . SER A 1 64  ? 5.867   5.555   -4.982  1.00 25.28 ? 64  SER A CB  1 
ATOM   499  O OG  . SER A 1 64  ? 4.549   6.036   -4.811  1.00 24.64 ? 64  SER A OG  1 
ATOM   500  N N   . TYR A 1 65  ? 8.483   4.431   -3.569  1.00 21.59 ? 65  TYR A N   1 
ATOM   501  C CA  . TYR A 1 65  ? 9.729   3.723   -3.816  1.00 23.80 ? 65  TYR A CA  1 
ATOM   502  C C   . TYR A 1 65  ? 9.436   3.035   -5.150  1.00 25.03 ? 65  TYR A C   1 
ATOM   503  O O   . TYR A 1 65  ? 8.278   2.977   -5.576  1.00 22.41 ? 65  TYR A O   1 
ATOM   504  C CB  . TYR A 1 65  ? 9.998   2.678   -2.732  1.00 24.20 ? 65  TYR A CB  1 
ATOM   505  C CG  . TYR A 1 65  ? 10.618  3.227   -1.461  1.00 24.11 ? 65  TYR A CG  1 
ATOM   506  C CD1 . TYR A 1 65  ? 10.757  4.603   -1.256  1.00 25.22 ? 65  TYR A CD1 1 
ATOM   507  C CD2 . TYR A 1 65  ? 11.067  2.363   -0.462  1.00 23.53 ? 65  TYR A CD2 1 
ATOM   508  C CE1 . TYR A 1 65  ? 11.329  5.104   -0.082  1.00 26.08 ? 65  TYR A CE1 1 
ATOM   509  C CE2 . TYR A 1 65  ? 11.637  2.850   0.709   1.00 24.07 ? 65  TYR A CE2 1 
ATOM   510  C CZ  . TYR A 1 65  ? 11.767  4.216   0.894   1.00 25.19 ? 65  TYR A CZ  1 
ATOM   511  O OH  . TYR A 1 65  ? 12.351  4.686   2.049   1.00 27.12 ? 65  TYR A OH  1 
ATOM   512  N N   . ALA A 1 66  ? 10.465  2.523   -5.810  1.00 25.66 ? 66  ALA A N   1 
ATOM   513  C CA  . ALA A 1 66  ? 10.278  1.883   -7.108  1.00 26.22 ? 66  ALA A CA  1 
ATOM   514  C C   . ALA A 1 66  ? 9.602   0.525   -7.053  1.00 26.19 ? 66  ALA A C   1 
ATOM   515  O O   . ALA A 1 66  ? 9.627   -0.152  -6.029  1.00 26.61 ? 66  ALA A O   1 
ATOM   516  C CB  . ALA A 1 66  ? 11.627  1.748   -7.810  1.00 27.69 ? 66  ALA A CB  1 
ATOM   517  N N   . VAL A 1 67  ? 8.964   0.142   -8.157  1.00 26.37 ? 67  VAL A N   1 
ATOM   518  C CA  . VAL A 1 67  ? 8.370   -1.185  -8.241  1.00 26.09 ? 67  VAL A CA  1 
ATOM   519  C C   . VAL A 1 67  ? 9.596   -1.994  -8.636  1.00 26.88 ? 67  VAL A C   1 
ATOM   520  O O   . VAL A 1 67  ? 10.217  -1.724  -9.663  1.00 27.15 ? 67  VAL A O   1 
ATOM   521  C CB  . VAL A 1 67  ? 7.311   -1.296  -9.355  1.00 27.08 ? 67  VAL A CB  1 
ATOM   522  C CG1 . VAL A 1 67  ? 6.885   -2.756  -9.509  1.00 26.91 ? 67  VAL A CG1 1 
ATOM   523  C CG2 . VAL A 1 67  ? 6.093   -0.431  -9.010  1.00 25.17 ? 67  VAL A CG2 1 
ATOM   524  N N   . GLU A 1 68  ? 9.960   -2.970  -7.819  1.00 28.59 ? 68  GLU A N   1 
ATOM   525  C CA  . GLU A 1 68  ? 11.148  -3.765  -8.097  1.00 30.15 ? 68  GLU A CA  1 
ATOM   526  C C   . GLU A 1 68  ? 10.946  -4.828  -9.169  1.00 31.06 ? 68  GLU A C   1 
ATOM   527  O O   . GLU A 1 68  ? 9.820   -5.098  -9.591  1.00 26.42 ? 68  GLU A O   1 
ATOM   528  C CB  . GLU A 1 68  ? 11.647  -4.394  -6.797  1.00 34.78 ? 68  GLU A CB  1 
ATOM   529  C CG  . GLU A 1 68  ? 11.658  -3.406  -5.639  1.00 39.37 ? 68  GLU A CG  1 
ATOM   530  C CD  . GLU A 1 68  ? 12.703  -3.730  -4.591  1.00 44.21 ? 68  GLU A CD  1 
ATOM   531  O OE1 . GLU A 1 68  ? 12.783  -4.902  -4.163  1.00 46.98 ? 68  GLU A OE1 1 
ATOM   532  O OE2 . GLU A 1 68  ? 13.440  -2.802  -4.192  1.00 45.62 ? 68  GLU A OE2 1 
ATOM   533  N N   . SER A 1 69  ? 12.051  -5.420  -9.610  1.00 32.50 ? 69  SER A N   1 
ATOM   534  C CA  . SER A 1 69  ? 12.022  -6.440  -10.653 1.00 34.49 ? 69  SER A CA  1 
ATOM   535  C C   . SER A 1 69  ? 11.070  -7.590  -10.349 1.00 34.71 ? 69  SER A C   1 
ATOM   536  O O   . SER A 1 69  ? 10.450  -8.133  -11.259 1.00 35.53 ? 69  SER A O   1 
ATOM   537  C CB  . SER A 1 69  ? 13.432  -6.986  -10.896 1.00 35.25 ? 69  SER A CB  1 
ATOM   538  O OG  . SER A 1 69  ? 13.977  -7.539  -9.711  1.00 38.42 ? 69  SER A OG  1 
ATOM   539  N N   . ASP A 1 70  ? 10.953  -7.961  -9.076  1.00 35.25 ? 70  ASP A N   1 
ATOM   540  C CA  . ASP A 1 70  ? 10.061  -9.051  -8.690  1.00 35.71 ? 70  ASP A CA  1 
ATOM   541  C C   . ASP A 1 70  ? 8.610   -8.586  -8.650  1.00 34.67 ? 70  ASP A C   1 
ATOM   542  O O   . ASP A 1 70  ? 7.723   -9.334  -8.237  1.00 34.84 ? 70  ASP A O   1 
ATOM   543  C CB  . ASP A 1 70  ? 10.455  -9.615  -7.321  1.00 38.27 ? 70  ASP A CB  1 
ATOM   544  C CG  . ASP A 1 70  ? 10.296  -8.600  -6.198  1.00 41.77 ? 70  ASP A CG  1 
ATOM   545  O OD1 . ASP A 1 70  ? 9.792   -7.485  -6.457  1.00 41.24 ? 70  ASP A OD1 1 
ATOM   546  O OD2 . ASP A 1 70  ? 10.675  -8.923  -5.052  1.00 42.52 ? 70  ASP A OD2 1 
ATOM   547  N N   . GLY A 1 71  ? 8.380   -7.343  -9.068  1.00 33.05 ? 71  GLY A N   1 
ATOM   548  C CA  . GLY A 1 71  ? 7.038   -6.789  -9.090  1.00 30.84 ? 71  GLY A CA  1 
ATOM   549  C C   . GLY A 1 71  ? 6.504   -6.231  -7.779  1.00 30.86 ? 71  GLY A C   1 
ATOM   550  O O   . GLY A 1 71  ? 5.366   -5.757  -7.728  1.00 28.08 ? 71  GLY A O   1 
ATOM   551  N N   . SER A 1 72  ? 7.313   -6.261  -6.724  1.00 27.48 ? 72  SER A N   1 
ATOM   552  C CA  . SER A 1 72  ? 6.861   -5.768  -5.426  1.00 27.88 ? 72  SER A CA  1 
ATOM   553  C C   . SER A 1 72  ? 7.113   -4.278  -5.218  1.00 25.62 ? 72  SER A C   1 
ATOM   554  O O   . SER A 1 72  ? 7.918   -3.661  -5.918  1.00 24.59 ? 72  SER A O   1 
ATOM   555  C CB  . SER A 1 72  ? 7.538   -6.546  -4.294  1.00 28.12 ? 72  SER A CB  1 
ATOM   556  O OG  . SER A 1 72  ? 8.911   -6.198  -4.189  1.00 27.92 ? 72  SER A OG  1 
ATOM   557  N N   . GLN A 1 73  ? 6.404   -3.703  -4.254  1.00 24.96 ? 73  GLN A N   1 
ATOM   558  C CA  . GLN A 1 73  ? 6.576   -2.295  -3.926  1.00 25.07 ? 73  GLN A CA  1 
ATOM   559  C C   . GLN A 1 73  ? 6.471   -2.146  -2.420  1.00 25.77 ? 73  GLN A C   1 
ATOM   560  O O   . GLN A 1 73  ? 5.573   -2.706  -1.786  1.00 24.71 ? 73  GLN A O   1 
ATOM   561  C CB  . GLN A 1 73  ? 5.535   -1.417  -4.629  1.00 25.11 ? 73  GLN A CB  1 
ATOM   562  C CG  . GLN A 1 73  ? 5.868   0.078   -4.540  1.00 24.84 ? 73  GLN A CG  1 
ATOM   563  C CD  . GLN A 1 73  ? 5.099   0.932   -5.535  1.00 27.02 ? 73  GLN A CD  1 
ATOM   564  O OE1 . GLN A 1 73  ? 5.615   1.940   -6.034  1.00 26.74 ? 73  GLN A OE1 1 
ATOM   565  N NE2 . GLN A 1 73  ? 3.861   0.540   -5.825  1.00 22.82 ? 73  GLN A NE2 1 
ATOM   566  N N   . LYS A 1 74  ? 7.401   -1.390  -1.851  1.00 25.96 ? 74  LYS A N   1 
ATOM   567  C CA  . LYS A 1 74  ? 7.446   -1.186  -0.414  1.00 26.95 ? 74  LYS A CA  1 
ATOM   568  C C   . LYS A 1 74  ? 7.102   0.233   0.015   1.00 25.65 ? 74  LYS A C   1 
ATOM   569  O O   . LYS A 1 74  ? 7.415   1.201   -0.677  1.00 23.81 ? 74  LYS A O   1 
ATOM   570  C CB  . LYS A 1 74  ? 8.840   -1.550  0.104   1.00 29.75 ? 74  LYS A CB  1 
ATOM   571  C CG  . LYS A 1 74  ? 9.077   -1.242  1.577   1.00 34.41 ? 74  LYS A CG  1 
ATOM   572  C CD  . LYS A 1 74  ? 10.400  -1.827  2.059   1.00 39.61 ? 74  LYS A CD  1 
ATOM   573  C CE  . LYS A 1 74  ? 11.577  -1.278  1.269   1.00 42.74 ? 74  LYS A CE  1 
ATOM   574  N NZ  . LYS A 1 74  ? 12.880  -1.840  1.728   1.00 45.88 ? 74  LYS A NZ  1 
ATOM   575  N N   . ILE A 1 75  ? 6.434   0.342   1.158   1.00 23.91 ? 75  ILE A N   1 
ATOM   576  C CA  . ILE A 1 75  ? 6.078   1.631   1.725   1.00 24.25 ? 75  ILE A CA  1 
ATOM   577  C C   . ILE A 1 75  ? 6.821   1.694   3.052   1.00 24.65 ? 75  ILE A C   1 
ATOM   578  O O   . ILE A 1 75  ? 6.605   0.864   3.943   1.00 23.94 ? 75  ILE A O   1 
ATOM   579  C CB  . ILE A 1 75  ? 4.554   1.781   1.979   1.00 25.30 ? 75  ILE A CB  1 
ATOM   580  C CG1 . ILE A 1 75  ? 3.788   1.820   0.650   1.00 26.99 ? 75  ILE A CG1 1 
ATOM   581  C CG2 . ILE A 1 75  ? 4.275   3.084   2.733   1.00 23.06 ? 75  ILE A CG2 1 
ATOM   582  C CD1 . ILE A 1 75  ? 3.697   0.481   -0.075  1.00 31.96 ? 75  ILE A CD1 1 
ATOM   583  N N   . ASN A 1 76  ? 7.715   2.667   3.166   1.00 22.55 ? 76  ASN A N   1 
ATOM   584  C CA  . ASN A 1 76  ? 8.516   2.843   4.373   1.00 22.70 ? 76  ASN A CA  1 
ATOM   585  C C   . ASN A 1 76  ? 7.836   3.883   5.262   1.00 22.06 ? 76  ASN A C   1 
ATOM   586  O O   . ASN A 1 76  ? 7.855   5.076   4.958   1.00 19.28 ? 76  ASN A O   1 
ATOM   587  C CB  . ASN A 1 76  ? 9.920   3.298   3.977   1.00 25.52 ? 76  ASN A CB  1 
ATOM   588  C CG  . ASN A 1 76  ? 10.819  3.540   5.169   1.00 26.90 ? 76  ASN A CG  1 
ATOM   589  O OD1 . ASN A 1 76  ? 10.455  3.251   6.310   1.00 27.11 ? 76  ASN A OD1 1 
ATOM   590  N ND2 . ASN A 1 76  ? 12.010  4.067   4.906   1.00 29.60 ? 76  ASN A ND2 1 
ATOM   591  N N   . PHE A 1 77  ? 7.238   3.428   6.359   1.00 20.39 ? 77  PHE A N   1 
ATOM   592  C CA  . PHE A 1 77  ? 6.524   4.327   7.261   1.00 21.30 ? 77  PHE A CA  1 
ATOM   593  C C   . PHE A 1 77  ? 7.408   5.389   7.910   1.00 21.92 ? 77  PHE A C   1 
ATOM   594  O O   . PHE A 1 77  ? 6.924   6.449   8.315   1.00 20.16 ? 77  PHE A O   1 
ATOM   595  C CB  . PHE A 1 77  ? 5.786   3.515   8.332   1.00 21.35 ? 77  PHE A CB  1 
ATOM   596  C CG  . PHE A 1 77  ? 4.758   2.568   7.766   1.00 23.68 ? 77  PHE A CG  1 
ATOM   597  C CD1 . PHE A 1 77  ? 3.863   2.997   6.790   1.00 23.45 ? 77  PHE A CD1 1 
ATOM   598  C CD2 . PHE A 1 77  ? 4.680   1.252   8.213   1.00 23.06 ? 77  PHE A CD2 1 
ATOM   599  C CE1 . PHE A 1 77  ? 2.903   2.130   6.263   1.00 24.74 ? 77  PHE A CE1 1 
ATOM   600  C CE2 . PHE A 1 77  ? 3.725   0.377   7.693   1.00 25.10 ? 77  PHE A CE2 1 
ATOM   601  C CZ  . PHE A 1 77  ? 2.836   0.817   6.718   1.00 24.50 ? 77  PHE A CZ  1 
ATOM   602  N N   . LEU A 1 78  ? 8.702   5.115   8.005   1.00 23.69 ? 78  LEU A N   1 
ATOM   603  C CA  . LEU A 1 78  ? 9.623   6.081   8.583   1.00 26.61 ? 78  LEU A CA  1 
ATOM   604  C C   . LEU A 1 78  ? 9.567   7.385   7.781   1.00 27.48 ? 78  LEU A C   1 
ATOM   605  O O   . LEU A 1 78  ? 9.723   8.476   8.336   1.00 27.84 ? 78  LEU A O   1 
ATOM   606  C CB  . LEU A 1 78  ? 11.051  5.520   8.588   1.00 27.28 ? 78  LEU A CB  1 
ATOM   607  C CG  . LEU A 1 78  ? 11.441  4.603   9.759   1.00 28.49 ? 78  LEU A CG  1 
ATOM   608  C CD1 . LEU A 1 78  ? 10.462  3.461   9.876   1.00 30.07 ? 78  LEU A CD1 1 
ATOM   609  C CD2 . LEU A 1 78  ? 12.861  4.073   9.554   1.00 29.41 ? 78  LEU A CD2 1 
ATOM   610  N N   . GLU A 1 79  ? 9.313   7.266   6.481   1.00 26.31 ? 79  GLU A N   1 
ATOM   611  C CA  . GLU A 1 79  ? 9.238   8.428   5.594   1.00 27.48 ? 79  GLU A CA  1 
ATOM   612  C C   . GLU A 1 79  ? 7.980   9.258   5.858   1.00 26.75 ? 79  GLU A C   1 
ATOM   613  O O   . GLU A 1 79  ? 7.935   10.445  5.528   1.00 27.46 ? 79  GLU A O   1 
ATOM   614  C CB  . GLU A 1 79  ? 9.234   7.972   4.128   1.00 30.54 ? 79  GLU A CB  1 
ATOM   615  C CG  . GLU A 1 79  ? 10.404  7.071   3.743   1.00 35.19 ? 79  GLU A CG  1 
ATOM   616  C CD  . GLU A 1 79  ? 11.595  7.843   3.198   1.00 38.17 ? 79  GLU A CD  1 
ATOM   617  O OE1 . GLU A 1 79  ? 11.736  9.040   3.539   1.00 40.14 ? 79  GLU A OE1 1 
ATOM   618  O OE2 . GLU A 1 79  ? 12.400  7.246   2.441   1.00 35.72 ? 79  GLU A OE2 1 
ATOM   619  N N   . TYR A 1 80  ? 6.967   8.627   6.450   1.00 24.68 ? 80  TYR A N   1 
ATOM   620  C CA  . TYR A 1 80  ? 5.694   9.290   6.743   1.00 25.12 ? 80  TYR A CA  1 
ATOM   621  C C   . TYR A 1 80  ? 5.510   9.723   8.191   1.00 26.40 ? 80  TYR A C   1 
ATOM   622  O O   . TYR A 1 80  ? 4.763   10.663  8.473   1.00 25.26 ? 80  TYR A O   1 
ATOM   623  C CB  . TYR A 1 80  ? 4.508   8.365   6.437   1.00 23.06 ? 80  TYR A CB  1 
ATOM   624  C CG  . TYR A 1 80  ? 4.311   7.985   4.993   1.00 19.47 ? 80  TYR A CG  1 
ATOM   625  C CD1 . TYR A 1 80  ? 5.188   7.112   4.354   1.00 21.29 ? 80  TYR A CD1 1 
ATOM   626  C CD2 . TYR A 1 80  ? 3.234   8.493   4.269   1.00 18.82 ? 80  TYR A CD2 1 
ATOM   627  C CE1 . TYR A 1 80  ? 4.995   6.749   3.019   1.00 19.42 ? 80  TYR A CE1 1 
ATOM   628  C CE2 . TYR A 1 80  ? 3.030   8.143   2.940   1.00 20.72 ? 80  TYR A CE2 1 
ATOM   629  C CZ  . TYR A 1 80  ? 3.916   7.272   2.321   1.00 21.61 ? 80  TYR A CZ  1 
ATOM   630  O OH  . TYR A 1 80  ? 3.735   6.953   1.000   1.00 20.82 ? 80  TYR A OH  1 
ATOM   631  N N   . ASN A 1 81  ? 6.173   9.022   9.105   1.00 27.15 ? 81  ASN A N   1 
ATOM   632  C CA  . ASN A 1 81  ? 6.001   9.267   10.530  1.00 28.63 ? 81  ASN A CA  1 
ATOM   633  C C   . ASN A 1 81  ? 7.141   10.010  11.223  1.00 29.24 ? 81  ASN A C   1 
ATOM   634  O O   . ASN A 1 81  ? 7.515   9.673   12.344  1.00 28.14 ? 81  ASN A O   1 
ATOM   635  C CB  . ASN A 1 81  ? 5.742   7.916   11.202  1.00 28.04 ? 81  ASN A CB  1 
ATOM   636  C CG  . ASN A 1 81  ? 5.155   8.049   12.583  1.00 29.90 ? 81  ASN A CG  1 
ATOM   637  O OD1 . ASN A 1 81  ? 4.370   8.956   12.854  1.00 30.46 ? 81  ASN A OD1 1 
ATOM   638  N ND2 . ASN A 1 81  ? 5.513   7.120   13.466  1.00 30.10 ? 81  ASN A ND2 1 
ATOM   639  N N   . SER A 1 82  ? 7.677   11.023  10.547  1.00 30.78 ? 82  SER A N   1 
ATOM   640  C CA  . SER A 1 82  ? 8.762   11.840  11.080  1.00 31.37 ? 82  SER A CA  1 
ATOM   641  C C   . SER A 1 82  ? 10.000  11.027  11.422  1.00 31.21 ? 82  SER A C   1 
ATOM   642  O O   . SER A 1 82  ? 10.723  11.347  12.368  1.00 29.51 ? 82  SER A O   1 
ATOM   643  C CB  . SER A 1 82  ? 8.285   12.602  12.318  1.00 34.26 ? 82  SER A CB  1 
ATOM   644  O OG  . SER A 1 82  ? 7.151   13.396  12.012  1.00 37.09 ? 82  SER A OG  1 
ATOM   645  N N   . GLY A 1 83  ? 10.233  9.969   10.653  1.00 29.33 ? 83  GLY A N   1 
ATOM   646  C CA  . GLY A 1 83  ? 11.399  9.131   10.864  1.00 28.96 ? 83  GLY A CA  1 
ATOM   647  C C   . GLY A 1 83  ? 11.250  7.959   11.816  1.00 28.73 ? 83  GLY A C   1 
ATOM   648  O O   . GLY A 1 83  ? 12.219  7.243   12.049  1.00 28.45 ? 83  GLY A O   1 
ATOM   649  N N   . TYR A 1 84  ? 10.053  7.746   12.357  1.00 29.63 ? 84  TYR A N   1 
ATOM   650  C CA  . TYR A 1 84  ? 9.837   6.646   13.297  1.00 30.14 ? 84  TYR A CA  1 
ATOM   651  C C   . TYR A 1 84  ? 8.893   5.560   12.801  1.00 30.24 ? 84  TYR A C   1 
ATOM   652  O O   . TYR A 1 84  ? 8.017   5.806   11.970  1.00 28.23 ? 84  TYR A O   1 
ATOM   653  C CB  . TYR A 1 84  ? 9.289   7.185   14.619  1.00 32.15 ? 84  TYR A CB  1 
ATOM   654  C CG  . TYR A 1 84  ? 10.172  8.226   15.260  1.00 35.45 ? 84  TYR A CG  1 
ATOM   655  C CD1 . TYR A 1 84  ? 11.395  7.876   15.833  1.00 36.28 ? 84  TYR A CD1 1 
ATOM   656  C CD2 . TYR A 1 84  ? 9.809   9.572   15.247  1.00 36.88 ? 84  TYR A CD2 1 
ATOM   657  C CE1 . TYR A 1 84  ? 12.241  8.846   16.373  1.00 38.68 ? 84  TYR A CE1 1 
ATOM   658  C CE2 . TYR A 1 84  ? 10.645  10.549  15.782  1.00 39.24 ? 84  TYR A CE2 1 
ATOM   659  C CZ  . TYR A 1 84  ? 11.859  10.181  16.341  1.00 39.03 ? 84  TYR A CZ  1 
ATOM   660  O OH  . TYR A 1 84  ? 12.695  11.151  16.850  1.00 41.59 ? 84  TYR A OH  1 
ATOM   661  N N   . GLY A 1 85  ? 9.087   4.355   13.333  1.00 29.71 ? 85  GLY A N   1 
ATOM   662  C CA  . GLY A 1 85  ? 8.225   3.243   12.992  1.00 28.71 ? 85  GLY A CA  1 
ATOM   663  C C   . GLY A 1 85  ? 6.952   3.444   13.793  1.00 29.42 ? 85  GLY A C   1 
ATOM   664  O O   . GLY A 1 85  ? 6.831   4.427   14.526  1.00 28.11 ? 85  GLY A O   1 
ATOM   665  N N   . ILE A 1 86  ? 6.009   2.519   13.679  1.00 27.39 ? 86  ILE A N   1 
ATOM   666  C CA  . ILE A 1 86  ? 4.742   2.645   14.385  1.00 26.19 ? 86  ILE A CA  1 
ATOM   667  C C   . ILE A 1 86  ? 4.537   1.521   15.399  1.00 25.56 ? 86  ILE A C   1 
ATOM   668  O O   . ILE A 1 86  ? 4.616   0.349   15.045  1.00 25.80 ? 86  ILE A O   1 
ATOM   669  C CB  . ILE A 1 86  ? 3.582   2.625   13.373  1.00 25.91 ? 86  ILE A CB  1 
ATOM   670  C CG1 . ILE A 1 86  ? 3.805   3.722   12.322  1.00 28.40 ? 86  ILE A CG1 1 
ATOM   671  C CG2 . ILE A 1 86  ? 2.249   2.803   14.092  1.00 24.82 ? 86  ILE A CG2 1 
ATOM   672  C CD1 . ILE A 1 86  ? 4.783   3.365   11.251  1.00 31.96 ? 86  ILE A CD1 1 
ATOM   673  N N   . ALA A 1 87  ? 4.282   1.874   16.655  1.00 26.02 ? 87  ALA A N   1 
ATOM   674  C CA  . ALA A 1 87  ? 4.038   0.863   17.687  1.00 26.80 ? 87  ALA A CA  1 
ATOM   675  C C   . ALA A 1 87  ? 2.887   -0.007  17.185  1.00 27.32 ? 87  ALA A C   1 
ATOM   676  O O   . ALA A 1 87  ? 1.846   0.515   16.773  1.00 25.96 ? 87  ALA A O   1 
ATOM   677  C CB  . ALA A 1 87  ? 3.663   1.529   18.998  1.00 27.76 ? 87  ALA A CB  1 
ATOM   678  N N   . ASP A 1 88  ? 3.063   -1.328  17.225  1.00 29.10 ? 88  ASP A N   1 
ATOM   679  C CA  . ASP A 1 88  ? 2.038   -2.231  16.714  1.00 29.09 ? 88  ASP A CA  1 
ATOM   680  C C   . ASP A 1 88  ? 0.697   -2.223  17.432  1.00 29.86 ? 88  ASP A C   1 
ATOM   681  O O   . ASP A 1 88  ? -0.209  -2.981  17.071  1.00 26.91 ? 88  ASP A O   1 
ATOM   682  C CB  . ASP A 1 88  ? 2.574   -3.670  16.616  1.00 30.72 ? 88  ASP A CB  1 
ATOM   683  C CG  . ASP A 1 88  ? 2.922   -4.274  17.964  1.00 33.16 ? 88  ASP A CG  1 
ATOM   684  O OD1 . ASP A 1 88  ? 2.601   -3.669  19.009  1.00 34.45 ? 88  ASP A OD1 1 
ATOM   685  O OD2 . ASP A 1 88  ? 3.517   -5.373  17.971  1.00 34.60 ? 88  ASP A OD2 1 
ATOM   686  N N   . THR A 1 89  ? 0.559   -1.372  18.443  1.00 29.21 ? 89  THR A N   1 
ATOM   687  C CA  . THR A 1 89  ? -0.707  -1.267  19.156  1.00 30.68 ? 89  THR A CA  1 
ATOM   688  C C   . THR A 1 89  ? -1.585  -0.263  18.413  1.00 30.99 ? 89  THR A C   1 
ATOM   689  O O   . THR A 1 89  ? -2.803  -0.236  18.596  1.00 30.54 ? 89  THR A O   1 
ATOM   690  C CB  . THR A 1 89  ? -0.510  -0.800  20.614  1.00 31.30 ? 89  THR A CB  1 
ATOM   691  O OG1 . THR A 1 89  ? 0.381   0.319   20.648  1.00 33.83 ? 89  THR A OG1 1 
ATOM   692  C CG2 . THR A 1 89  ? 0.062   -1.930  21.458  1.00 32.15 ? 89  THR A CG2 1 
ATOM   693  N N   . ASN A 1 90  ? -0.958  0.554   17.567  1.00 28.33 ? 90  ASN A N   1 
ATOM   694  C CA  . ASN A 1 90  ? -1.682  1.550   16.780  1.00 28.05 ? 90  ASN A CA  1 
ATOM   695  C C   . ASN A 1 90  ? -2.373  0.877   15.607  1.00 28.45 ? 90  ASN A C   1 
ATOM   696  O O   . ASN A 1 90  ? -1.984  -0.212  15.186  1.00 29.27 ? 90  ASN A O   1 
ATOM   697  C CB  . ASN A 1 90  ? -0.737  2.604   16.192  1.00 27.99 ? 90  ASN A CB  1 
ATOM   698  C CG  . ASN A 1 90  ? -0.112  3.493   17.241  1.00 31.60 ? 90  ASN A CG  1 
ATOM   699  O OD1 . ASN A 1 90  ? 1.052   3.317   17.608  1.00 33.21 ? 90  ASN A OD1 1 
ATOM   700  N ND2 . ASN A 1 90  ? -0.882  4.454   17.733  1.00 31.86 ? 90  ASN A ND2 1 
ATOM   701  N N   . THR A 1 91  ? -3.398  1.530   15.077  1.00 25.40 ? 91  THR A N   1 
ATOM   702  C CA  . THR A 1 91  ? -4.084  1.005   13.909  1.00 26.15 ? 91  THR A CA  1 
ATOM   703  C C   . THR A 1 91  ? -3.395  1.733   12.754  1.00 25.66 ? 91  THR A C   1 
ATOM   704  O O   . THR A 1 91  ? -3.042  2.907   12.881  1.00 26.28 ? 91  THR A O   1 
ATOM   705  C CB  . THR A 1 91  ? -5.586  1.357   13.917  1.00 28.22 ? 91  THR A CB  1 
ATOM   706  O OG1 . THR A 1 91  ? -5.744  2.780   13.881  1.00 34.00 ? 91  THR A OG1 1 
ATOM   707  C CG2 . THR A 1 91  ? -6.256  0.811   15.176  1.00 28.93 ? 91  THR A CG2 1 
ATOM   708  N N   . ILE A 1 92  ? -3.169  1.037   11.648  1.00 23.50 ? 92  ILE A N   1 
ATOM   709  C CA  . ILE A 1 92  ? -2.518  1.649   10.493  1.00 22.02 ? 92  ILE A CA  1 
ATOM   710  C C   . ILE A 1 92  ? -3.330  1.383   9.237   1.00 24.25 ? 92  ILE A C   1 
ATOM   711  O O   . ILE A 1 92  ? -3.730  0.248   8.973   1.00 25.01 ? 92  ILE A O   1 
ATOM   712  C CB  . ILE A 1 92  ? -1.100  1.073   10.256  1.00 22.36 ? 92  ILE A CB  1 
ATOM   713  C CG1 . ILE A 1 92  ? -0.272  1.138   11.540  1.00 21.36 ? 92  ILE A CG1 1 
ATOM   714  C CG2 . ILE A 1 92  ? -0.396  1.855   9.147   1.00 24.15 ? 92  ILE A CG2 1 
ATOM   715  C CD1 . ILE A 1 92  ? -0.611  0.114   12.596  1.00 31.96 ? 92  ILE A CD1 1 
ATOM   716  N N   . GLN A 1 93  ? -3.581  2.433   8.462   1.00 22.78 ? 93  GLN A N   1 
ATOM   717  C CA  . GLN A 1 93  ? -4.306  2.280   7.213   1.00 24.71 ? 93  GLN A CA  1 
ATOM   718  C C   . GLN A 1 93  ? -3.436  2.838   6.098   1.00 23.96 ? 93  GLN A C   1 
ATOM   719  O O   . GLN A 1 93  ? -2.861  3.921   6.225   1.00 23.31 ? 93  GLN A O   1 
ATOM   720  C CB  . GLN A 1 93  ? -5.635  3.035   7.264   1.00 26.96 ? 93  GLN A CB  1 
ATOM   721  C CG  . GLN A 1 93  ? -6.617  2.467   8.275   1.00 32.17 ? 93  GLN A CG  1 
ATOM   722  C CD  . GLN A 1 93  ? -7.610  3.502   8.741   1.00 37.28 ? 93  GLN A CD  1 
ATOM   723  O OE1 . GLN A 1 93  ? -7.230  4.521   9.318   1.00 38.51 ? 93  GLN A OE1 1 
ATOM   724  N NE2 . GLN A 1 93  ? -8.893  3.253   8.491   1.00 40.69 ? 93  GLN A NE2 1 
ATOM   725  N N   . VAL A 1 94  ? -3.320  2.081   5.015   1.00 22.25 ? 94  VAL A N   1 
ATOM   726  C CA  . VAL A 1 94  ? -2.529  2.517   3.872   1.00 21.37 ? 94  VAL A CA  1 
ATOM   727  C C   . VAL A 1 94  ? -3.458  2.587   2.674   1.00 22.45 ? 94  VAL A C   1 
ATOM   728  O O   . VAL A 1 94  ? -4.180  1.634   2.378   1.00 21.67 ? 94  VAL A O   1 
ATOM   729  C CB  . VAL A 1 94  ? -1.380  1.536   3.557   1.00 22.42 ? 94  VAL A CB  1 
ATOM   730  C CG1 . VAL A 1 94  ? -0.592  2.038   2.349   1.00 21.52 ? 94  VAL A CG1 1 
ATOM   731  C CG2 . VAL A 1 94  ? -0.464  1.393   4.771   1.00 20.87 ? 94  VAL A CG2 1 
ATOM   732  N N   . TYR A 1 95  ? -3.438  3.724   1.988   1.00 20.91 ? 95  TYR A N   1 
ATOM   733  C CA  . TYR A 1 95  ? -4.289  3.925   0.825   1.00 20.79 ? 95  TYR A CA  1 
ATOM   734  C C   . TYR A 1 95  ? -3.455  4.142   -0.427  1.00 21.37 ? 95  TYR A C   1 
ATOM   735  O O   . TYR A 1 95  ? -2.456  4.861   -0.389  1.00 19.80 ? 95  TYR A O   1 
ATOM   736  C CB  . TYR A 1 95  ? -5.173  5.160   1.032   1.00 20.22 ? 95  TYR A CB  1 
ATOM   737  C CG  . TYR A 1 95  ? -6.170  5.020   2.151   1.00 21.90 ? 95  TYR A CG  1 
ATOM   738  C CD1 . TYR A 1 95  ? -7.444  4.498   1.914   1.00 20.75 ? 95  TYR A CD1 1 
ATOM   739  C CD2 . TYR A 1 95  ? -5.828  5.360   3.457   1.00 22.39 ? 95  TYR A CD2 1 
ATOM   740  C CE1 . TYR A 1 95  ? -8.348  4.314   2.955   1.00 21.88 ? 95  TYR A CE1 1 
ATOM   741  C CE2 . TYR A 1 95  ? -6.720  5.178   4.505   1.00 23.87 ? 95  TYR A CE2 1 
ATOM   742  C CZ  . TYR A 1 95  ? -7.977  4.651   4.248   1.00 24.66 ? 95  TYR A CZ  1 
ATOM   743  O OH  . TYR A 1 95  ? -8.839  4.424   5.295   1.00 23.71 ? 95  TYR A OH  1 
ATOM   744  N N   . VAL A 1 96  ? -3.853  3.515   -1.531  1.00 19.56 ? 96  VAL A N   1 
ATOM   745  C CA  . VAL A 1 96  ? -3.151  3.734   -2.786  1.00 20.56 ? 96  VAL A CA  1 
ATOM   746  C C   . VAL A 1 96  ? -3.935  4.872   -3.433  1.00 20.86 ? 96  VAL A C   1 
ATOM   747  O O   . VAL A 1 96  ? -5.153  4.976   -3.254  1.00 21.36 ? 96  VAL A O   1 
ATOM   748  C CB  . VAL A 1 96  ? -3.158  2.483   -3.701  1.00 21.30 ? 96  VAL A CB  1 
ATOM   749  C CG1 . VAL A 1 96  ? -4.575  2.148   -4.141  1.00 21.68 ? 96  VAL A CG1 1 
ATOM   750  C CG2 . VAL A 1 96  ? -2.258  2.730   -4.909  1.00 22.63 ? 96  VAL A CG2 1 
ATOM   751  N N   . ILE A 1 97  ? -3.243  5.729   -4.172  1.00 21.06 ? 97  ILE A N   1 
ATOM   752  C CA  . ILE A 1 97  ? -3.879  6.878   -4.801  1.00 22.60 ? 97  ILE A CA  1 
ATOM   753  C C   . ILE A 1 97  ? -3.779  6.845   -6.317  1.00 23.12 ? 97  ILE A C   1 
ATOM   754  O O   . ILE A 1 97  ? -2.694  6.685   -6.870  1.00 22.03 ? 97  ILE A O   1 
ATOM   755  C CB  . ILE A 1 97  ? -3.231  8.195   -4.313  1.00 22.93 ? 97  ILE A CB  1 
ATOM   756  C CG1 . ILE A 1 97  ? -3.354  8.305   -2.798  1.00 22.40 ? 97  ILE A CG1 1 
ATOM   757  C CG2 . ILE A 1 97  ? -3.896  9.393   -4.993  1.00 24.03 ? 97  ILE A CG2 1 
ATOM   758  C CD1 . ILE A 1 97  ? -2.455  9.358   -2.153  1.00 31.96 ? 97  ILE A CD1 1 
ATOM   759  N N   . ASP A 1 98  ? -4.923  7.002   -6.975  1.00 23.58 ? 98  ASP A N   1 
ATOM   760  C CA  . ASP A 1 98  ? -4.999  7.010   -8.429  1.00 26.22 ? 98  ASP A CA  1 
ATOM   761  C C   . ASP A 1 98  ? -4.625  8.416   -8.896  1.00 25.08 ? 98  ASP A C   1 
ATOM   762  O O   . ASP A 1 98  ? -5.356  9.373   -8.654  1.00 27.05 ? 98  ASP A O   1 
ATOM   763  C CB  . ASP A 1 98  ? -6.425  6.661   -8.868  1.00 26.58 ? 98  ASP A CB  1 
ATOM   764  C CG  . ASP A 1 98  ? -6.622  6.779   -10.362 1.00 29.03 ? 98  ASP A CG  1 
ATOM   765  O OD1 . ASP A 1 98  ? -5.613  6.880   -11.088 1.00 30.12 ? 98  ASP A OD1 1 
ATOM   766  O OD2 . ASP A 1 98  ? -7.788  6.761   -10.812 1.00 31.30 ? 98  ASP A OD2 1 
ATOM   767  N N   . PRO A 1 99  ? -3.482  8.557   -9.578  1.00 26.17 ? 99  PRO A N   1 
ATOM   768  C CA  . PRO A 1 99  ? -3.048  9.877   -10.048 1.00 26.84 ? 99  PRO A CA  1 
ATOM   769  C C   . PRO A 1 99  ? -4.023  10.595  -10.977 1.00 28.00 ? 99  PRO A C   1 
ATOM   770  O O   . PRO A 1 99  ? -4.026  11.820  -11.043 1.00 29.15 ? 99  PRO A O   1 
ATOM   771  C CB  . PRO A 1 99  ? -1.702  9.578   -10.709 1.00 26.28 ? 99  PRO A CB  1 
ATOM   772  C CG  . PRO A 1 99  ? -1.884  8.182   -11.222 1.00 27.93 ? 99  PRO A CG  1 
ATOM   773  C CD  . PRO A 1 99  ? -2.579  7.500   -10.066 1.00 26.60 ? 99  PRO A CD  1 
ATOM   774  N N   . ASP A 1 100 ? -4.860  9.837   -11.676 1.00 28.70 ? 100 ASP A N   1 
ATOM   775  C CA  . ASP A 1 100 ? -5.825  10.424  -12.596 1.00 30.27 ? 100 ASP A CA  1 
ATOM   776  C C   . ASP A 1 100 ? -7.000  11.122  -11.905 1.00 30.42 ? 100 ASP A C   1 
ATOM   777  O O   . ASP A 1 100 ? -7.529  12.101  -12.423 1.00 30.40 ? 100 ASP A O   1 
ATOM   778  C CB  . ASP A 1 100 ? -6.360  9.345   -13.541 1.00 34.53 ? 100 ASP A CB  1 
ATOM   779  C CG  . ASP A 1 100 ? -5.278  8.759   -14.437 1.00 39.41 ? 100 ASP A CG  1 
ATOM   780  O OD1 . ASP A 1 100 ? -5.548  7.743   -15.113 1.00 44.49 ? 100 ASP A OD1 1 
ATOM   781  O OD2 . ASP A 1 100 ? -4.157  9.313   -14.470 1.00 41.54 ? 100 ASP A OD2 1 
ATOM   782  N N   . THR A 1 101 ? -7.402  10.627  -10.737 1.00 28.50 ? 101 THR A N   1 
ATOM   783  C CA  . THR A 1 101 ? -8.540  11.200  -10.017 1.00 27.94 ? 101 THR A CA  1 
ATOM   784  C C   . THR A 1 101 ? -8.236  11.687  -8.605  1.00 27.75 ? 101 THR A C   1 
ATOM   785  O O   . THR A 1 101 ? -8.931  12.557  -8.073  1.00 26.13 ? 101 THR A O   1 
ATOM   786  C CB  . THR A 1 101 ? -9.669  10.173  -9.876  1.00 27.78 ? 101 THR A CB  1 
ATOM   787  O OG1 . THR A 1 101 ? -9.174  9.035   -9.158  1.00 26.88 ? 101 THR A OG1 1 
ATOM   788  C CG2 . THR A 1 101 ? -10.175 9.736   -11.236 1.00 26.41 ? 101 THR A CG2 1 
ATOM   789  N N   . GLY A 1 102 ? -7.214  11.108  -7.988  1.00 27.24 ? 102 GLY A N   1 
ATOM   790  C CA  . GLY A 1 102 ? -6.886  11.480  -6.626  1.00 26.11 ? 102 GLY A CA  1 
ATOM   791  C C   . GLY A 1 102 ? -7.676  10.585  -5.686  1.00 24.58 ? 102 GLY A C   1 
ATOM   792  O O   . GLY A 1 102 ? -7.669  10.776  -4.472  1.00 24.07 ? 102 GLY A O   1 
ATOM   793  N N   . ASN A 1 103 ? -8.370  9.601   -6.248  1.00 22.73 ? 103 ASN A N   1 
ATOM   794  C CA  . ASN A 1 103 ? -9.152  8.680   -5.426  1.00 23.65 ? 103 ASN A CA  1 
ATOM   795  C C   . ASN A 1 103 ? -8.230  7.870   -4.515  1.00 23.34 ? 103 ASN A C   1 
ATOM   796  O O   . ASN A 1 103 ? -7.121  7.509   -4.912  1.00 21.49 ? 103 ASN A O   1 
ATOM   797  C CB  . ASN A 1 103 ? -9.970  7.724   -6.310  1.00 22.37 ? 103 ASN A CB  1 
ATOM   798  C CG  . ASN A 1 103 ? -11.152 8.411   -6.982  1.00 25.52 ? 103 ASN A CG  1 
ATOM   799  O OD1 . ASN A 1 103 ? -11.447 9.571   -6.703  1.00 23.72 ? 103 ASN A OD1 1 
ATOM   800  N ND2 . ASN A 1 103 ? -11.835 7.690   -7.867  1.00 25.98 ? 103 ASN A ND2 1 
ATOM   801  N N   . ASN A 1 104 ? -8.691  7.602   -3.294  1.00 21.42 ? 104 ASN A N   1 
ATOM   802  C CA  . ASN A 1 104 ? -7.926  6.822   -2.316  1.00 22.60 ? 104 ASN A CA  1 
ATOM   803  C C   . ASN A 1 104 ? -8.603  5.472   -2.089  1.00 22.47 ? 104 ASN A C   1 
ATOM   804  O O   . ASN A 1 104 ? -9.799  5.417   -1.796  1.00 22.27 ? 104 ASN A O   1 
ATOM   805  C CB  . ASN A 1 104 ? -7.844  7.563   -0.973  1.00 21.74 ? 104 ASN A CB  1 
ATOM   806  C CG  . ASN A 1 104 ? -6.856  8.716   -0.996  1.00 24.93 ? 104 ASN A CG  1 
ATOM   807  O OD1 . ASN A 1 104 ? -6.849  9.534   -1.920  1.00 26.35 ? 104 ASN A OD1 1 
ATOM   808  N ND2 . ASN A 1 104 ? -6.018  8.790   0.028   1.00 23.20 ? 104 ASN A ND2 1 
ATOM   809  N N   . PHE A 1 105 ? -7.833  4.394   -2.215  1.00 22.62 ? 105 PHE A N   1 
ATOM   810  C CA  . PHE A 1 105 ? -8.350  3.039   -2.025  1.00 23.40 ? 105 PHE A CA  1 
ATOM   811  C C   . PHE A 1 105 ? -7.532  2.311   -0.963  1.00 22.84 ? 105 PHE A C   1 
ATOM   812  O O   . PHE A 1 105 ? -6.306  2.242   -1.056  1.00 21.20 ? 105 PHE A O   1 
ATOM   813  C CB  . PHE A 1 105 ? -8.276  2.259   -3.342  1.00 24.46 ? 105 PHE A CB  1 
ATOM   814  C CG  . PHE A 1 105 ? -9.037  2.894   -4.466  1.00 25.87 ? 105 PHE A CG  1 
ATOM   815  C CD1 . PHE A 1 105 ? -10.417 2.750   -4.560  1.00 28.13 ? 105 PHE A CD1 1 
ATOM   816  C CD2 . PHE A 1 105 ? -8.377  3.647   -5.429  1.00 27.03 ? 105 PHE A CD2 1 
ATOM   817  C CE1 . PHE A 1 105 ? -11.125 3.347   -5.599  1.00 29.06 ? 105 PHE A CE1 1 
ATOM   818  C CE2 . PHE A 1 105 ? -9.079  4.249   -6.472  1.00 27.75 ? 105 PHE A CE2 1 
ATOM   819  C CZ  . PHE A 1 105 ? -10.451 4.099   -6.556  1.00 26.82 ? 105 PHE A CZ  1 
ATOM   820  N N   . ILE A 1 106 ? -8.207  1.761   0.042   1.00 21.50 ? 106 ILE A N   1 
ATOM   821  C CA  . ILE A 1 106 ? -7.509  1.046   1.109   1.00 22.86 ? 106 ILE A CA  1 
ATOM   822  C C   . ILE A 1 106 ? -6.812  -0.194  0.542   1.00 23.18 ? 106 ILE A C   1 
ATOM   823  O O   . ILE A 1 106 ? -7.417  -0.959  -0.216  1.00 20.98 ? 106 ILE A O   1 
ATOM   824  C CB  . ILE A 1 106 ? -8.504  0.616   2.233   1.00 23.98 ? 106 ILE A CB  1 
ATOM   825  C CG1 . ILE A 1 106 ? -7.740  0.000   3.403   1.00 24.01 ? 106 ILE A CG1 1 
ATOM   826  C CG2 . ILE A 1 106 ? -9.537  -0.363  1.688   1.00 23.52 ? 106 ILE A CG2 1 
ATOM   827  C CD1 . ILE A 1 106 ? -6.966  0.997   4.259   1.00 31.96 ? 106 ILE A CD1 1 
ATOM   828  N N   . VAL A 1 107 ? -5.537  -0.381  0.882   1.00 22.19 ? 107 VAL A N   1 
ATOM   829  C CA  . VAL A 1 107 ? -4.795  -1.554  0.408   1.00 23.33 ? 107 VAL A CA  1 
ATOM   830  C C   . VAL A 1 107 ? -4.157  -2.333  1.553   1.00 23.52 ? 107 VAL A C   1 
ATOM   831  O O   . VAL A 1 107 ? -3.694  -3.456  1.369   1.00 24.49 ? 107 VAL A O   1 
ATOM   832  C CB  . VAL A 1 107 ? -3.682  -1.182  -0.611  1.00 22.16 ? 107 VAL A CB  1 
ATOM   833  C CG1 . VAL A 1 107 ? -4.310  -0.773  -1.929  1.00 24.31 ? 107 VAL A CG1 1 
ATOM   834  C CG2 . VAL A 1 107 ? -2.800  -0.060  -0.059  1.00 22.96 ? 107 VAL A CG2 1 
ATOM   835  N N   . ALA A 1 108 ? -4.126  -1.740  2.740   1.00 25.43 ? 108 ALA A N   1 
ATOM   836  C CA  . ALA A 1 108 ? -3.556  -2.423  3.895   1.00 24.85 ? 108 ALA A CA  1 
ATOM   837  C C   . ALA A 1 108 ? -4.082  -1.833  5.183   1.00 26.09 ? 108 ALA A C   1 
ATOM   838  O O   . ALA A 1 108 ? -4.221  -0.615  5.307   1.00 26.01 ? 108 ALA A O   1 
ATOM   839  C CB  . ALA A 1 108 ? -2.033  -2.334  3.872   1.00 23.84 ? 108 ALA A CB  1 
ATOM   840  N N   . GLN A 1 109 ? -4.369  -2.702  6.144   1.00 25.78 ? 109 GLN A N   1 
ATOM   841  C CA  . GLN A 1 109 ? -4.863  -2.263  7.431   1.00 27.70 ? 109 GLN A CA  1 
ATOM   842  C C   . GLN A 1 109 ? -4.328  -3.130  8.568   1.00 28.09 ? 109 GLN A C   1 
ATOM   843  O O   . GLN A 1 109 ? -4.529  -4.345  8.593   1.00 26.01 ? 109 GLN A O   1 
ATOM   844  C CB  . GLN A 1 109 ? -6.389  -2.278  7.435   1.00 32.07 ? 109 GLN A CB  1 
ATOM   845  C CG  . GLN A 1 109 ? -6.995  -1.767  8.726   1.00 39.75 ? 109 GLN A CG  1 
ATOM   846  C CD  . GLN A 1 109 ? -8.496  -1.624  8.635   1.00 43.74 ? 109 GLN A CD  1 
ATOM   847  O OE1 . GLN A 1 109 ? -9.212  -2.595  8.374   1.00 46.73 ? 109 GLN A OE1 1 
ATOM   848  N NE2 . GLN A 1 109 ? -8.985  -0.407  8.843   1.00 43.93 ? 109 GLN A NE2 1 
ATOM   849  N N   . TRP A 1 110 ? -3.631  -2.494  9.501   1.00 26.34 ? 110 TRP A N   1 
ATOM   850  C CA  . TRP A 1 110 ? -3.080  -3.192  10.647  1.00 29.01 ? 110 TRP A CA  1 
ATOM   851  C C   . TRP A 1 110 ? -3.903  -2.876  11.883  1.00 31.26 ? 110 TRP A C   1 
ATOM   852  O O   . TRP A 1 110 ? -4.102  -1.711  12.224  1.00 30.78 ? 110 TRP A O   1 
ATOM   853  C CB  . TRP A 1 110 ? -1.629  -2.777  10.900  1.00 27.87 ? 110 TRP A CB  1 
ATOM   854  C CG  . TRP A 1 110 ? -1.068  -3.411  12.136  1.00 30.58 ? 110 TRP A CG  1 
ATOM   855  C CD1 . TRP A 1 110 ? -1.139  -2.934  13.417  1.00 29.51 ? 110 TRP A CD1 1 
ATOM   856  C CD2 . TRP A 1 110 ? -0.427  -4.689  12.219  1.00 30.43 ? 110 TRP A CD2 1 
ATOM   857  N NE1 . TRP A 1 110 ? -0.584  -3.840  14.291  1.00 28.53 ? 110 TRP A NE1 1 
ATOM   858  C CE2 . TRP A 1 110 ? -0.140  -4.925  13.583  1.00 30.09 ? 110 TRP A CE2 1 
ATOM   859  C CE3 . TRP A 1 110 ? -0.068  -5.660  11.272  1.00 31.44 ? 110 TRP A CE3 1 
ATOM   860  C CZ2 . TRP A 1 110 ? 0.491   -6.094  14.025  1.00 30.01 ? 110 TRP A CZ2 1 
ATOM   861  C CZ3 . TRP A 1 110 ? 0.559   -6.824  11.712  1.00 32.94 ? 110 TRP A CZ3 1 
ATOM   862  C CH2 . TRP A 1 110 ? 0.831   -7.029  13.078  1.00 32.82 ? 110 TRP A CH2 1 
ATOM   863  N N   . ASN A 1 111 ? -4.382  -3.916  12.553  1.00 33.97 ? 111 ASN A N   1 
ATOM   864  C CA  . ASN A 1 111 ? -5.166  -3.728  13.762  1.00 37.30 ? 111 ASN A CA  1 
ATOM   865  C C   . ASN A 1 111 ? -4.727  -4.745  14.803  1.00 38.38 ? 111 ASN A C   1 
ATOM   866  O O   . ASN A 1 111 ? -4.704  -5.949  14.475  1.00 31.96 ? 111 ASN A O   1 
ATOM   867  C CB  . ASN A 1 111 ? -6.656  -3.889  13.450  1.00 41.04 ? 111 ASN A CB  1 
ATOM   868  C CG  . ASN A 1 111 ? -7.526  -3.746  14.680  1.00 45.74 ? 111 ASN A CG  1 
ATOM   869  O OD1 . ASN A 1 111 ? -7.605  -4.655  15.512  1.00 48.66 ? 111 ASN A OD1 1 
ATOM   870  N ND2 . ASN A 1 111 ? -8.175  -2.593  14.813  1.00 46.67 ? 111 ASN A ND2 1 
HETATM 871  O O   . HOH B 2 .   ? -21.135 -10.919 -10.205 1.00 40.22 ? 501 HOH A O   1 
HETATM 872  O O   . HOH B 2 .   ? -10.495 -12.288 -23.591 1.00 27.40 ? 502 HOH A O   1 
HETATM 873  O O   . HOH B 2 .   ? -0.475  -7.937  -14.675 1.00 43.60 ? 503 HOH A O   1 
HETATM 874  O O   . HOH B 2 .   ? -1.132  -12.737 -8.516  1.00 35.94 ? 504 HOH A O   1 
HETATM 875  O O   . HOH B 2 .   ? -0.036  0.107   -6.332  1.00 24.45 ? 505 HOH A O   1 
HETATM 876  O O   . HOH B 2 .   ? 2.202   0.680   -7.956  1.00 25.63 ? 506 HOH A O   1 
HETATM 877  O O   . HOH B 2 .   ? 3.439   2.059   -10.069 1.00 36.86 ? 507 HOH A O   1 
HETATM 878  O O   . HOH B 2 .   ? 4.251   3.743   -8.046  1.00 29.37 ? 508 HOH A O   1 
HETATM 879  O O   . HOH B 2 .   ? -4.699  -5.465  5.544   1.00 24.84 ? 509 HOH A O   1 
HETATM 880  O O   . HOH B 2 .   ? -2.958  -7.359  7.131   1.00 34.82 ? 510 HOH A O   1 
HETATM 881  O O   . HOH B 2 .   ? 3.133   -9.758  7.479   1.00 33.51 ? 511 HOH A O   1 
HETATM 882  O O   . HOH B 2 .   ? 9.811   -8.060  9.661   1.00 36.56 ? 512 HOH A O   1 
HETATM 883  O O   . HOH B 2 .   ? 12.164  3.213   16.865  0.50 25.32 ? 513 HOH A O   1 
HETATM 884  O O   . HOH B 2 .   ? 13.334  -5.453  19.915  1.00 41.87 ? 514 HOH A O   1 
HETATM 885  O O   . HOH B 2 .   ? 9.868   -5.245  21.043  1.00 57.89 ? 515 HOH A O   1 
HETATM 886  O O   . HOH B 2 .   ? 7.522   -4.983  4.508   1.00 25.40 ? 516 HOH A O   1 
HETATM 887  O O   . HOH B 2 .   ? 6.572   -9.156  -0.362  1.00 28.17 ? 517 HOH A O   1 
HETATM 888  O O   . HOH B 2 .   ? 7.078   -10.505 -5.216  1.00 42.99 ? 518 HOH A O   1 
HETATM 889  O O   . HOH B 2 .   ? 4.233   -5.489  -10.303 1.00 30.93 ? 519 HOH A O   1 
HETATM 890  O O   . HOH B 2 .   ? -0.352  -3.466  -13.873 1.00 39.18 ? 520 HOH A O   1 
HETATM 891  O O   . HOH B 2 .   ? 0.599   7.987   -14.030 1.00 26.67 ? 521 HOH A O   1 
HETATM 892  O O   . HOH B 2 .   ? 1.850   10.133  -9.321  1.00 42.51 ? 522 HOH A O   1 
HETATM 893  O O   . HOH B 2 .   ? -0.903  9.007   -7.227  1.00 29.35 ? 523 HOH A O   1 
HETATM 894  O O   . HOH B 2 .   ? 0.264   11.718  -4.815  1.00 33.84 ? 524 HOH A O   1 
HETATM 895  O O   . HOH B 2 .   ? 3.854   6.959   -2.337  1.00 18.84 ? 525 HOH A O   1 
HETATM 896  O O   . HOH B 2 .   ? -9.312  8.149   4.444   1.00 37.93 ? 526 HOH A O   1 
HETATM 897  O O   . HOH B 2 .   ? -5.802  4.890   11.513  1.00 38.59 ? 527 HOH A O   1 
HETATM 898  O O   . HOH B 2 .   ? 6.186   9.082   -6.329  1.00 29.21 ? 528 HOH A O   1 
HETATM 899  O O   . HOH B 2 .   ? 11.140  7.730   -4.083  1.00 32.66 ? 529 HOH A O   1 
HETATM 900  O O   . HOH B 2 .   ? 6.433   3.483   -1.888  1.00 26.98 ? 530 HOH A O   1 
HETATM 901  O O   . HOH B 2 .   ? 8.704   2.088   -10.414 1.00 31.38 ? 531 HOH A O   1 
HETATM 902  O O   . HOH B 2 .   ? 10.862  -7.176  -14.188 1.00 59.59 ? 532 HOH A O   1 
HETATM 903  O O   . HOH B 2 .   ? 9.955   -3.872  -2.935  1.00 36.07 ? 533 HOH A O   1 
HETATM 904  O O   . HOH B 2 .   ? 9.822   -0.906  -3.487  1.00 26.60 ? 534 HOH A O   1 
HETATM 905  O O   . HOH B 2 .   ? 8.154   4.540   1.094   1.00 26.22 ? 535 HOH A O   1 
HETATM 906  O O   . HOH B 2 .   ? 6.198   5.779   -0.289  1.00 28.43 ? 536 HOH A O   1 
HETATM 907  O O   . HOH B 2 .   ? -9.891  5.735   -9.574  1.00 31.61 ? 537 HOH A O   1 
HETATM 908  O O   . HOH B 2 .   ? -9.417  -0.917  -2.082  1.00 32.37 ? 538 HOH A O   1 
HETATM 909  O O   . HOH B 2 .   ? -4.778  -6.172  10.497  1.00 46.16 ? 539 HOH A O   1 
HETATM 910  O O   . HOH B 2 .   ? -8.901  6.528   -13.150 1.00 37.30 ? 540 HOH A O   1 
HETATM 911  O O   . HOH B 2 .   ? 0.404   14.794  1.755   1.00 27.31 ? 541 HOH A O   1 
HETATM 912  O O   . HOH B 2 .   ? -0.987  13.835  -3.301  1.00 34.34 ? 542 HOH A O   1 
HETATM 913  O O   . HOH B 2 .   ? -3.246  13.074  -4.078  1.00 39.10 ? 543 HOH A O   1 
HETATM 914  O O   . HOH B 2 .   ? -22.313 -8.014  -3.848  1.00 66.67 ? 544 HOH A O   1 
HETATM 915  O O   . HOH B 2 .   ? -15.829 -14.886 -8.821  1.00 50.31 ? 545 HOH A O   1 
HETATM 916  O O   . HOH B 2 .   ? -14.339 -4.209  -20.591 1.00 61.87 ? 546 HOH A O   1 
HETATM 917  O O   . HOH B 2 .   ? -3.643  -5.328  -20.273 1.00 56.18 ? 547 HOH A O   1 
HETATM 918  O O   . HOH B 2 .   ? -3.867  -6.908  -23.512 1.00 58.88 ? 548 HOH A O   1 
HETATM 919  O O   . HOH B 2 .   ? -11.460 -6.945  -27.583 1.00 43.97 ? 550 HOH A O   1 
HETATM 920  O O   . HOH B 2 .   ? -7.040  -10.488 -27.003 1.00 38.31 ? 551 HOH A O   1 
HETATM 921  O O   . HOH B 2 .   ? 0.177   -5.899  -11.893 1.00 37.03 ? 552 HOH A O   1 
HETATM 922  O O   . HOH B 2 .   ? 1.792   -8.763  -12.738 1.00 56.82 ? 553 HOH A O   1 
HETATM 923  O O   . HOH B 2 .   ? 4.366   -7.815  -12.016 1.00 48.55 ? 554 HOH A O   1 
HETATM 924  O O   . HOH B 2 .   ? 1.376   -13.289 -1.182  1.00 54.59 ? 555 HOH A O   1 
HETATM 925  O O   . HOH B 2 .   ? -3.761  -13.384 0.389   1.00 52.82 ? 556 HOH A O   1 
HETATM 926  O O   . HOH B 2 .   ? 2.432   -10.596 1.251   1.00 46.72 ? 557 HOH A O   1 
HETATM 927  O O   . HOH B 2 .   ? 4.704   -11.680 5.853   1.00 58.92 ? 558 HOH A O   1 
HETATM 928  O O   . HOH B 2 .   ? 8.575   -8.931  6.836   1.00 57.55 ? 559 HOH A O   1 
HETATM 929  O O   . HOH B 2 .   ? 11.262  -3.563  7.743   1.00 52.52 ? 560 HOH A O   1 
HETATM 930  O O   . HOH B 2 .   ? 7.373   -9.584  17.156  1.00 55.99 ? 561 HOH A O   1 
HETATM 931  O O   . HOH B 2 .   ? 15.120  -3.221  20.909  1.00 46.37 ? 562 HOH A O   1 
HETATM 932  O O   . HOH B 2 .   ? 14.206  -2.256  23.168  1.00 43.92 ? 563 HOH A O   1 
HETATM 933  O O   . HOH B 2 .   ? 12.193  1.156   7.104   1.00 41.04 ? 564 HOH A O   1 
HETATM 934  O O   . HOH B 2 .   ? 12.871  0.614   3.611   1.00 37.16 ? 565 HOH A O   1 
HETATM 935  O O   . HOH B 2 .   ? 5.343   -10.398 -8.624  1.00 50.60 ? 566 HOH A O   1 
HETATM 936  O O   . HOH B 2 .   ? 7.754   -12.677 -7.541  1.00 57.99 ? 567 HOH A O   1 
HETATM 937  O O   . HOH B 2 .   ? 1.591   -12.236 -7.965  1.00 36.85 ? 568 HOH A O   1 
HETATM 938  O O   . HOH B 2 .   ? 5.487   9.925   -10.156 1.00 61.00 ? 569 HOH A O   1 
HETATM 939  O O   . HOH B 2 .   ? 4.772   7.263   -8.041  1.00 50.57 ? 570 HOH A O   1 
HETATM 940  O O   . HOH B 2 .   ? -1.603  11.471  -7.161  1.00 48.45 ? 571 HOH A O   1 
HETATM 941  O O   . HOH B 2 .   ? -3.806  12.687  -6.638  1.00 43.05 ? 572 HOH A O   1 
HETATM 942  O O   . HOH B 2 .   ? -5.028  14.622  -8.310  1.00 67.77 ? 573 HOH A O   1 
HETATM 943  O O   . HOH B 2 .   ? -4.691  11.935  -1.503  1.00 40.04 ? 574 HOH A O   1 
HETATM 944  O O   . HOH B 2 .   ? -4.978  3.314   17.617  1.00 36.01 ? 575 HOH A O   1 
HETATM 945  O O   . HOH B 2 .   ? -3.653  2.369   19.638  1.00 48.56 ? 576 HOH A O   1 
HETATM 946  O O   . HOH B 2 .   ? -1.342  2.850   20.521  1.00 44.35 ? 577 HOH A O   1 
HETATM 947  O O   . HOH B 2 .   ? -5.725  13.879  10.268  1.00 28.86 ? 578 HOH A O   1 
HETATM 948  O O   . HOH B 2 .   ? -3.475  13.877  0.161   1.00 43.77 ? 579 HOH A O   1 
HETATM 949  O O   . HOH B 2 .   ? -1.422  15.185  -0.980  1.00 31.91 ? 580 HOH A O   1 
HETATM 950  O O   . HOH B 2 .   ? 11.551  8.798   -1.578  1.00 42.56 ? 581 HOH A O   1 
HETATM 951  O O   . HOH B 2 .   ? 9.613   8.462   -0.093  1.00 36.85 ? 582 HOH A O   1 
HETATM 952  O O   . HOH B 2 .   ? 9.873   10.581  1.673   1.00 40.68 ? 583 HOH A O   1 
HETATM 953  O O   . HOH B 2 .   ? 10.068  12.289  4.334   1.00 34.33 ? 584 HOH A O   1 
HETATM 954  O O   . HOH B 2 .   ? 8.582   8.132   -6.963  1.00 62.20 ? 585 HOH A O   1 
HETATM 955  O O   . HOH B 2 .   ? 12.477  -0.113  -2.867  1.00 29.32 ? 586 HOH A O   1 
HETATM 956  O O   . HOH B 2 .   ? 14.046  -0.123  -0.621  1.00 36.73 ? 587 HOH A O   1 
HETATM 957  O O   . HOH B 2 .   ? 13.186  -7.610  -7.077  1.00 39.20 ? 588 HOH A O   1 
HETATM 958  O O   . HOH B 2 .   ? 8.504   -5.614  -12.128 1.00 56.15 ? 589 HOH A O   1 
HETATM 959  O O   . HOH B 2 .   ? 14.733  3.734   6.568   1.00 50.42 ? 590 HOH A O   1 
HETATM 960  O O   . HOH B 2 .   ? 7.514   12.551  7.963   1.00 26.06 ? 591 HOH A O   1 
HETATM 961  O O   . HOH B 2 .   ? 7.066   14.578  9.389   0.50 43.55 ? 592 HOH A O   1 
HETATM 962  O O   . HOH B 2 .   ? 14.418  7.403   10.200  0.50 36.16 ? 593 HOH A O   1 
HETATM 963  O O   . HOH B 2 .   ? 10.979  0.963   13.637  1.00 38.40 ? 594 HOH A O   1 
HETATM 964  O O   . HOH B 2 .   ? 11.524  3.451   14.329  1.00 31.92 ? 595 HOH A O   1 
HETATM 965  O O   . HOH B 2 .   ? 13.261  5.247   13.623  0.50 29.94 ? 596 HOH A O   1 
HETATM 966  O O   . HOH B 2 .   ? 6.003   6.360   16.274  1.00 54.64 ? 597 HOH A O   1 
HETATM 967  O O   . HOH B 2 .   ? 4.580   4.725   17.694  1.00 41.90 ? 598 HOH A O   1 
HETATM 968  O O   . HOH B 2 .   ? 3.501   -1.946  20.609  1.00 39.76 ? 599 HOH A O   1 
HETATM 969  O O   . HOH B 2 .   ? -0.340  7.125   17.495  1.00 42.14 ? 600 HOH A O   1 
HETATM 970  O O   . HOH B 2 .   ? -0.853  8.841   15.015  1.00 34.41 ? 601 HOH A O   1 
HETATM 971  O O   . HOH B 2 .   ? -13.669 5.441   -9.314  1.00 57.68 ? 602 HOH A O   1 
HETATM 972  O O   . HOH B 2 .   ? -7.242  -6.035  7.043   1.00 47.61 ? 603 HOH A O   1 
HETATM 973  O O   . HOH B 2 .   ? -1.085  -9.872  5.884   1.00 48.40 ? 604 HOH A O   1 
HETATM 974  O O   . HOH B 2 .   ? -0.776  -5.684  19.151  1.00 55.55 ? 605 HOH A O   1 
HETATM 975  O O   . HOH B 2 .   ? 11.178  9.647   -6.062  1.00 47.00 ? 606 HOH A O   1 
HETATM 976  O O   . HOH B 2 .   ? -9.863  6.063   13.537  1.00 53.97 ? 607 HOH A O   1 
HETATM 977  O O   . HOH B 2 .   ? -14.111 8.009   -9.660  1.00 40.20 ? 608 HOH A O   1 
HETATM 978  O O   . HOH B 2 .   ? -16.627 -5.180  -26.252 1.00 45.97 ? 609 HOH A O   1 
HETATM 979  O O   . HOH B 2 .   ? -24.845 -10.656 -6.089  1.00 59.33 ? 610 HOH A O   1 
HETATM 980  O O   . HOH B 2 .   ? -22.132 -5.078  -6.152  1.00 50.09 ? 611 HOH A O   1 
HETATM 981  O O   . HOH B 2 .   ? -13.704 -14.066 -5.880  1.00 55.19 ? 612 HOH A O   1 
HETATM 982  O O   . HOH B 2 .   ? -11.770 -5.319  -24.948 1.00 54.63 ? 613 HOH A O   1 
HETATM 983  O O   . HOH B 2 .   ? -4.322  -3.395  -15.980 1.00 49.07 ? 614 HOH A O   1 
HETATM 984  O O   . HOH B 2 .   ? -3.174  -5.591  -17.266 1.00 44.00 ? 615 HOH A O   1 
HETATM 985  O O   . HOH B 2 .   ? 3.417   -11.250 -12.272 1.00 53.78 ? 616 HOH A O   1 
HETATM 986  O O   . HOH B 2 .   ? 6.105   -10.108 7.736   1.00 55.94 ? 617 HOH A O   1 
HETATM 987  O O   . HOH B 2 .   ? 7.277   -12.464 7.637   1.00 68.44 ? 618 HOH A O   1 
HETATM 988  O O   . HOH B 2 .   ? 7.230   -10.278 11.496  1.00 60.62 ? 619 HOH A O   1 
HETATM 989  O O   . HOH B 2 .   ? 12.654  -6.315  13.820  1.00 44.26 ? 620 HOH A O   1 
HETATM 990  O O   . HOH B 2 .   ? 16.368  -3.636  11.337  1.00 57.42 ? 621 HOH A O   1 
HETATM 991  O O   . HOH B 2 .   ? 15.843  -3.897  17.899  1.00 61.82 ? 622 HOH A O   1 
HETATM 992  O O   . HOH B 2 .   ? 7.739   -7.839  19.727  1.00 61.33 ? 623 HOH A O   1 
HETATM 993  O O   . HOH B 2 .   ? 5.920   -0.802  20.627  1.00 49.51 ? 624 HOH A O   1 
HETATM 994  O O   . HOH B 2 .   ? 10.166  -5.620  1.454   1.00 41.51 ? 625 HOH A O   1 
HETATM 995  O O   . HOH B 2 .   ? 8.227   -9.693  -2.667  1.00 66.10 ? 626 HOH A O   1 
HETATM 996  O O   . HOH B 2 .   ? 5.594   1.656   -11.881 1.00 54.47 ? 627 HOH A O   1 
HETATM 997  O O   . HOH B 2 .   ? 3.501   3.933   -14.969 1.00 61.34 ? 628 HOH A O   1 
HETATM 998  O O   . HOH B 2 .   ? -1.749  8.254   -15.267 1.00 49.63 ? 629 HOH A O   1 
HETATM 999  O O   . HOH B 2 .   ? -7.627  10.239  6.550   1.00 42.42 ? 630 HOH A O   1 
HETATM 1000 O O   . HOH B 2 .   ? -6.733  14.764  5.556   1.00 62.23 ? 631 HOH A O   1 
HETATM 1001 O O   . HOH B 2 .   ? -8.971  6.607   7.284   1.00 47.61 ? 632 HOH A O   1 
HETATM 1002 O O   . HOH B 2 .   ? -8.243  3.882   13.574  1.00 49.91 ? 633 HOH A O   1 
HETATM 1003 O O   . HOH B 2 .   ? -2.363  15.306  10.390  1.00 60.77 ? 634 HOH A O   1 
HETATM 1004 O O   . HOH B 2 .   ? 4.464   12.863  9.922   1.00 42.27 ? 635 HOH A O   1 
HETATM 1005 O O   . HOH B 2 .   ? 12.573  -1.182  -10.447 1.00 43.39 ? 636 HOH A O   1 
HETATM 1006 O O   . HOH B 2 .   ? 14.409  6.665   7.437   1.00 54.13 ? 637 HOH A O   1 
HETATM 1007 O O   . HOH B 2 .   ? 11.277  10.863  7.665   1.00 51.82 ? 638 HOH A O   1 
HETATM 1008 O O   . HOH B 2 .   ? -10.378 1.135   6.882   1.00 61.30 ? 639 HOH A O   1 
HETATM 1009 O O   . HOH B 2 .   ? 2.557   -5.073  21.240  1.00 55.08 ? 640 HOH A O   1 
HETATM 1010 O O   . HOH B 2 .   ? -3.180  -4.352  18.203  1.00 65.04 ? 641 HOH A O   1 
HETATM 1011 O O   . HOH B 2 .   ? -4.495  -6.803  17.244  1.00 40.92 ? 642 HOH A O   1 
HETATM 1012 O O   . HOH B 2 .   ? -6.949  -7.271  18.255  1.00 61.23 ? 643 HOH A O   1 
HETATM 1013 O O   . HOH B 2 .   ? -6.456  -7.971  15.866  1.00 64.04 ? 644 HOH A O   1 
HETATM 1014 O O   . HOH B 2 .   ? -6.151  -9.964  14.400  1.00 58.79 ? 645 HOH A O   1 
HETATM 1015 O O   . HOH B 2 .   ? -3.850  -8.950  14.598  1.00 71.95 ? 646 HOH A O   1 
HETATM 1016 O O   . HOH B 2 .   ? -2.364  -8.458  12.524  1.00 59.45 ? 647 HOH A O   1 
HETATM 1017 O O   . HOH B 2 .   ? -3.888  -14.811 14.847  1.00 58.05 ? 648 HOH A O   1 
HETATM 1018 O O   . HOH B 2 .   ? -5.450  -12.923 17.034  1.00 66.77 ? 649 HOH A O   1 
HETATM 1019 O O   . HOH B 2 .   ? -4.578  -10.619 18.126  1.00 65.99 ? 650 HOH A O   1 
HETATM 1020 O O   . HOH B 2 .   ? -23.502 -7.528  -1.541  1.00 63.06 ? 651 HOH A O   1 
HETATM 1021 O O   . HOH B 2 .   ? -23.412 -12.058 -4.153  1.00 68.86 ? 652 HOH A O   1 
HETATM 1022 O O   . HOH B 2 .   ? 11.968  -9.439  19.843  1.00 65.06 ? 653 HOH A O   1 
HETATM 1023 O O   . HOH B 2 .   ? 7.310   -10.797 21.317  1.00 70.35 ? 654 HOH A O   1 
HETATM 1024 O O   . HOH B 2 .   ? 7.180   -12.838 16.176  1.00 62.87 ? 655 HOH A O   1 
HETATM 1025 O O   . HOH B 2 .   ? 7.410   -16.170 7.515   1.00 68.50 ? 656 HOH A O   1 
HETATM 1026 O O   . HOH B 2 .   ? 8.593   -11.338 5.377   1.00 57.26 ? 657 HOH A O   1 
HETATM 1027 O O   . HOH B 2 .   ? -2.694  16.270  -10.059 1.00 56.01 ? 658 HOH A O   1 
HETATM 1028 O O   . HOH B 2 .   ? -3.177  -11.218 15.643  1.00 61.25 ? 659 HOH A O   1 
HETATM 1029 O O   . HOH B 2 .   ? 0.855   -15.498 -10.610 1.00 60.61 ? 660 HOH A O   1 
HETATM 1030 O O   . HOH B 2 .   ? -3.006  15.620  6.413   1.00 53.75 ? 661 HOH A O   1 
HETATM 1031 O O   . HOH B 2 .   ? -0.180  15.861  5.822   1.00 52.24 ? 662 HOH A O   1 
HETATM 1032 O O   . HOH B 2 .   ? -2.798  -7.876  10.111  1.00 64.79 ? 663 HOH A O   1 
# 
loop_
_pdbx_poly_seq_scheme.asym_id 
_pdbx_poly_seq_scheme.entity_id 
_pdbx_poly_seq_scheme.seq_id 
_pdbx_poly_seq_scheme.mon_id 
_pdbx_poly_seq_scheme.ndb_seq_num 
_pdbx_poly_seq_scheme.pdb_seq_num 
_pdbx_poly_seq_scheme.auth_seq_num 
_pdbx_poly_seq_scheme.pdb_mon_id 
_pdbx_poly_seq_scheme.auth_mon_id 
_pdbx_poly_seq_scheme.pdb_strand_id 
_pdbx_poly_seq_scheme.pdb_ins_code 
_pdbx_poly_seq_scheme.hetero 
A 1 1   MET 1   1   ?   ?   ?   A . n 
A 1 2   SER 2   2   2   SER SER A . n 
A 1 3   ASP 3   3   3   ASP ASP A . n 
A 1 4   THR 4   4   4   THR THR A . n 
A 1 5   ALA 5   5   5   ALA ALA A . n 
A 1 6   LEU 6   6   6   LEU LEU A . n 
A 1 7   ILE 7   7   7   ILE ILE A . n 
A 1 8   PHE 8   8   8   PHE PHE A . n 
A 1 9   THR 9   9   9   THR THR A . n 
A 1 10  LEU 10  10  10  LEU LEU A . n 
A 1 11  ALA 11  11  11  ALA ALA A . n 
A 1 12  TRP 12  12  12  TRP TRP A . n 
A 1 13  ASN 13  13  13  ASN ASN A . n 
A 1 14  VAL 14  14  14  VAL VAL A . n 
A 1 15  LYS 15  15  15  LYS LYS A . n 
A 1 16  GLN 16  16  16  GLN GLN A . n 
A 1 17  LEU 17  17  17  LEU LEU A . n 
A 1 18  ALA 18  18  18  ALA ALA A . n 
A 1 19  PHE 19  19  19  PHE PHE A . n 
A 1 20  ASP 20  20  20  ASP ASP A . n 
A 1 21  TYR 21  21  21  TYR TYR A . n 
A 1 22  THR 22  22  22  THR THR A . n 
A 1 23  PRO 23  23  23  PRO PRO A . n 
A 1 24  ASN 24  24  24  ASN ASN A . n 
A 1 25  TRP 25  25  25  TRP TRP A . n 
A 1 26  GLY 26  26  26  GLY GLY A . n 
A 1 27  ARG 27  27  27  ARG ARG A . n 
A 1 28  GLY 28  28  28  GLY GLY A . n 
A 1 29  ARG 29  29  29  ARG ARG A . n 
A 1 30  PRO 30  30  30  PRO PRO A . n 
A 1 31  SER 31  31  31  SER SER A . n 
A 1 32  SER 32  32  32  SER SER A . n 
A 1 33  PHE 33  33  33  PHE PHE A . n 
A 1 34  ILE 34  34  34  ILE ILE A . n 
A 1 35  ASP 35  35  35  ASP ASP A . n 
A 1 36  THR 36  36  36  THR THR A . n 
A 1 37  VAL 37  37  37  VAL VAL A . n 
A 1 38  THR 38  38  38  THR THR A . n 
A 1 39  PHE 39  39  39  PHE PHE A . n 
A 1 40  PRO 40  40  40  PRO PRO A . n 
A 1 41  THR 41  41  41  THR THR A . n 
A 1 42  VAL 42  42  42  VAL VAL A . n 
A 1 43  LEU 43  43  43  LEU LEU A . n 
A 1 44  THR 44  44  44  THR THR A . n 
A 1 45  ASP 45  45  45  ASP ASP A . n 
A 1 46  LYS 46  46  46  LYS LYS A . n 
A 1 47  ALA 47  47  47  ALA ALA A . n 
A 1 48  TYR 48  48  48  TYR TYR A . n 
A 1 49  THR 49  49  49  THR THR A . n 
A 1 50  TYR 50  50  50  TYR TYR A . n 
A 1 51  ARG 51  51  51  ARG ARG A . n 
A 1 52  VAL 52  52  52  VAL VAL A . n 
A 1 53  VAL 53  53  53  VAL VAL A . n 
A 1 54  VAL 54  54  54  VAL VAL A . n 
A 1 55  SER 55  55  55  SER SER A . n 
A 1 56  GLY 56  56  56  GLY GLY A . n 
A 1 57  LYS 57  57  57  LYS LYS A . n 
A 1 58  ASP 58  58  58  ASP ASP A . n 
A 1 59  LEU 59  59  59  LEU LEU A . n 
A 1 60  GLY 60  60  60  GLY GLY A . n 
A 1 61  VAL 61  61  61  VAL VAL A . n 
A 1 62  ARG 62  62  62  ARG ARG A . n 
A 1 63  PRO 63  63  63  PRO PRO A . n 
A 1 64  SER 64  64  64  SER SER A . n 
A 1 65  TYR 65  65  65  TYR TYR A . n 
A 1 66  ALA 66  66  66  ALA ALA A . n 
A 1 67  VAL 67  67  67  VAL VAL A . n 
A 1 68  GLU 68  68  68  GLU GLU A . n 
A 1 69  SER 69  69  69  SER SER A . n 
A 1 70  ASP 70  70  70  ASP ASP A . n 
A 1 71  GLY 71  71  71  GLY GLY A . n 
A 1 72  SER 72  72  72  SER SER A . n 
A 1 73  GLN 73  73  73  GLN GLN A . n 
A 1 74  LYS 74  74  74  LYS LYS A . n 
A 1 75  ILE 75  75  75  ILE ILE A . n 
A 1 76  ASN 76  76  76  ASN ASN A . n 
A 1 77  PHE 77  77  77  PHE PHE A . n 
A 1 78  LEU 78  78  78  LEU LEU A . n 
A 1 79  GLU 79  79  79  GLU GLU A . n 
A 1 80  TYR 80  80  80  TYR TYR A . n 
A 1 81  ASN 81  81  81  ASN ASN A . n 
A 1 82  SER 82  82  82  SER SER A . n 
A 1 83  GLY 83  83  83  GLY GLY A . n 
A 1 84  TYR 84  84  84  TYR TYR A . n 
A 1 85  GLY 85  85  85  GLY GLY A . n 
A 1 86  ILE 86  86  86  ILE ILE A . n 
A 1 87  ALA 87  87  87  ALA ALA A . n 
A 1 88  ASP 88  88  88  ASP ASP A . n 
A 1 89  THR 89  89  89  THR THR A . n 
A 1 90  ASN 90  90  90  ASN ASN A . n 
A 1 91  THR 91  91  91  THR THR A . n 
A 1 92  ILE 92  92  92  ILE ILE A . n 
A 1 93  GLN 93  93  93  GLN GLN A . n 
A 1 94  VAL 94  94  94  VAL VAL A . n 
A 1 95  TYR 95  95  95  TYR TYR A . n 
A 1 96  VAL 96  96  96  VAL VAL A . n 
A 1 97  ILE 97  97  97  ILE ILE A . n 
A 1 98  ASP 98  98  98  ASP ASP A . n 
A 1 99  PRO 99  99  99  PRO PRO A . n 
A 1 100 ASP 100 100 100 ASP ASP A . n 
A 1 101 THR 101 101 101 THR THR A . n 
A 1 102 GLY 102 102 102 GLY GLY A . n 
A 1 103 ASN 103 103 103 ASN ASN A . n 
A 1 104 ASN 104 104 104 ASN ASN A . n 
A 1 105 PHE 105 105 105 PHE PHE A . n 
A 1 106 ILE 106 106 106 ILE ILE A . n 
A 1 107 VAL 107 107 107 VAL VAL A . n 
A 1 108 ALA 108 108 108 ALA ALA A . n 
A 1 109 GLN 109 109 109 GLN GLN A . n 
A 1 110 TRP 110 110 110 TRP TRP A . n 
A 1 111 ASN 111 111 111 ASN ASN A . n 
A 1 112 TYR 112 112 ?   ?   ?   A . n 
A 1 113 LEU 113 113 ?   ?   ?   A . n 
A 1 114 GLU 114 114 ?   ?   ?   A . n 
A 1 115 GLN 115 115 ?   ?   ?   A . n 
A 1 116 LYS 116 116 ?   ?   ?   A . n 
A 1 117 LEU 117 117 ?   ?   ?   A . n 
A 1 118 ILE 118 118 ?   ?   ?   A . n 
A 1 119 SER 119 119 ?   ?   ?   A . n 
A 1 120 GLU 120 120 ?   ?   ?   A . n 
A 1 121 GLU 121 121 ?   ?   ?   A . n 
A 1 122 ASP 122 122 ?   ?   ?   A . n 
A 1 123 LEU 123 123 ?   ?   ?   A . n 
A 1 124 ASN 124 124 ?   ?   ?   A . n 
A 1 125 SER 125 125 ?   ?   ?   A . n 
A 1 126 ALA 126 126 ?   ?   ?   A . n 
A 1 127 VAL 127 127 ?   ?   ?   A . n 
A 1 128 ASP 128 128 ?   ?   ?   A . n 
A 1 129 HIS 129 129 ?   ?   ?   A . n 
A 1 130 HIS 130 130 ?   ?   ?   A . n 
A 1 131 HIS 131 131 ?   ?   ?   A . n 
A 1 132 HIS 132 132 ?   ?   ?   A . n 
A 1 133 HIS 133 133 ?   ?   ?   A . n 
A 1 134 HIS 134 134 ?   ?   ?   A . n 
# 
loop_
_pdbx_nonpoly_scheme.asym_id 
_pdbx_nonpoly_scheme.entity_id 
_pdbx_nonpoly_scheme.mon_id 
_pdbx_nonpoly_scheme.ndb_seq_num 
_pdbx_nonpoly_scheme.pdb_seq_num 
_pdbx_nonpoly_scheme.auth_seq_num 
_pdbx_nonpoly_scheme.pdb_mon_id 
_pdbx_nonpoly_scheme.auth_mon_id 
_pdbx_nonpoly_scheme.pdb_strand_id 
_pdbx_nonpoly_scheme.pdb_ins_code 
B 2 HOH 1   501 501 HOH HOH A . 
B 2 HOH 2   502 502 HOH HOH A . 
B 2 HOH 3   503 503 HOH HOH A . 
B 2 HOH 4   504 504 HOH HOH A . 
B 2 HOH 5   505 505 HOH HOH A . 
B 2 HOH 6   506 506 HOH HOH A . 
B 2 HOH 7   507 507 HOH HOH A . 
B 2 HOH 8   508 508 HOH HOH A . 
B 2 HOH 9   509 509 HOH HOH A . 
B 2 HOH 10  510 510 HOH HOH A . 
B 2 HOH 11  511 511 HOH HOH A . 
B 2 HOH 12  512 512 HOH HOH A . 
B 2 HOH 13  513 513 HOH HOH A . 
B 2 HOH 14  514 514 HOH HOH A . 
B 2 HOH 15  515 515 HOH HOH A . 
B 2 HOH 16  516 516 HOH HOH A . 
B 2 HOH 17  517 517 HOH HOH A . 
B 2 HOH 18  518 518 HOH HOH A . 
B 2 HOH 19  519 519 HOH HOH A . 
B 2 HOH 20  520 520 HOH HOH A . 
B 2 HOH 21  521 521 HOH HOH A . 
B 2 HOH 22  522 522 HOH HOH A . 
B 2 HOH 23  523 523 HOH HOH A . 
B 2 HOH 24  524 524 HOH HOH A . 
B 2 HOH 25  525 525 HOH HOH A . 
B 2 HOH 26  526 526 HOH HOH A . 
B 2 HOH 27  527 527 HOH HOH A . 
B 2 HOH 28  528 528 HOH HOH A . 
B 2 HOH 29  529 529 HOH HOH A . 
B 2 HOH 30  530 530 HOH HOH A . 
B 2 HOH 31  531 531 HOH HOH A . 
B 2 HOH 32  532 532 HOH HOH A . 
B 2 HOH 33  533 533 HOH HOH A . 
B 2 HOH 34  534 534 HOH HOH A . 
B 2 HOH 35  535 535 HOH HOH A . 
B 2 HOH 36  536 536 HOH HOH A . 
B 2 HOH 37  537 537 HOH HOH A . 
B 2 HOH 38  538 538 HOH HOH A . 
B 2 HOH 39  539 539 HOH HOH A . 
B 2 HOH 40  540 540 HOH HOH A . 
B 2 HOH 41  541 541 HOH HOH A . 
B 2 HOH 42  542 542 HOH HOH A . 
B 2 HOH 43  543 543 HOH HOH A . 
B 2 HOH 44  544 544 HOH HOH A . 
B 2 HOH 45  545 545 HOH HOH A . 
B 2 HOH 46  546 546 HOH HOH A . 
B 2 HOH 47  547 547 HOH HOH A . 
B 2 HOH 48  548 548 HOH HOH A . 
B 2 HOH 49  550 550 HOH HOH A . 
B 2 HOH 50  551 551 HOH HOH A . 
B 2 HOH 51  552 552 HOH HOH A . 
B 2 HOH 52  553 553 HOH HOH A . 
B 2 HOH 53  554 554 HOH HOH A . 
B 2 HOH 54  555 555 HOH HOH A . 
B 2 HOH 55  556 556 HOH HOH A . 
B 2 HOH 56  557 557 HOH HOH A . 
B 2 HOH 57  558 558 HOH HOH A . 
B 2 HOH 58  559 559 HOH HOH A . 
B 2 HOH 59  560 560 HOH HOH A . 
B 2 HOH 60  561 561 HOH HOH A . 
B 2 HOH 61  562 562 HOH HOH A . 
B 2 HOH 62  563 563 HOH HOH A . 
B 2 HOH 63  564 564 HOH HOH A . 
B 2 HOH 64  565 565 HOH HOH A . 
B 2 HOH 65  566 566 HOH HOH A . 
B 2 HOH 66  567 567 HOH HOH A . 
B 2 HOH 67  568 568 HOH HOH A . 
B 2 HOH 68  569 569 HOH HOH A . 
B 2 HOH 69  570 570 HOH HOH A . 
B 2 HOH 70  571 571 HOH HOH A . 
B 2 HOH 71  572 572 HOH HOH A . 
B 2 HOH 72  573 573 HOH HOH A . 
B 2 HOH 73  574 574 HOH HOH A . 
B 2 HOH 74  575 575 HOH HOH A . 
B 2 HOH 75  576 576 HOH HOH A . 
B 2 HOH 76  577 577 HOH HOH A . 
B 2 HOH 77  578 578 HOH HOH A . 
B 2 HOH 78  579 579 HOH HOH A . 
B 2 HOH 79  580 580 HOH HOH A . 
B 2 HOH 80  581 581 HOH HOH A . 
B 2 HOH 81  582 582 HOH HOH A . 
B 2 HOH 82  583 583 HOH HOH A . 
B 2 HOH 83  584 584 HOH HOH A . 
B 2 HOH 84  585 585 HOH HOH A . 
B 2 HOH 85  586 586 HOH HOH A . 
B 2 HOH 86  587 587 HOH HOH A . 
B 2 HOH 87  588 588 HOH HOH A . 
B 2 HOH 88  589 589 HOH HOH A . 
B 2 HOH 89  590 590 HOH HOH A . 
B 2 HOH 90  591 591 HOH HOH A . 
B 2 HOH 91  592 592 HOH HOH A . 
B 2 HOH 92  593 593 HOH HOH A . 
B 2 HOH 93  594 594 HOH HOH A . 
B 2 HOH 94  595 595 HOH HOH A . 
B 2 HOH 95  596 596 HOH HOH A . 
B 2 HOH 96  597 597 HOH HOH A . 
B 2 HOH 97  598 598 HOH HOH A . 
B 2 HOH 98  599 599 HOH HOH A . 
B 2 HOH 99  600 600 HOH HOH A . 
B 2 HOH 100 601 601 HOH HOH A . 
B 2 HOH 101 602 602 HOH HOH A . 
B 2 HOH 102 603 603 HOH HOH A . 
B 2 HOH 103 604 604 HOH HOH A . 
B 2 HOH 104 605 605 HOH HOH A . 
B 2 HOH 105 606 606 HOH HOH A . 
B 2 HOH 106 607 607 HOH HOH A . 
B 2 HOH 107 608 608 HOH HOH A . 
B 2 HOH 108 609 609 HOH HOH A . 
B 2 HOH 109 610 610 HOH HOH A . 
B 2 HOH 110 611 611 HOH HOH A . 
B 2 HOH 111 612 612 HOH HOH A . 
B 2 HOH 112 613 613 HOH HOH A . 
B 2 HOH 113 614 614 HOH HOH A . 
B 2 HOH 114 615 615 HOH HOH A . 
B 2 HOH 115 616 616 HOH HOH A . 
B 2 HOH 116 617 617 HOH HOH A . 
B 2 HOH 117 618 618 HOH HOH A . 
B 2 HOH 118 619 619 HOH HOH A . 
B 2 HOH 119 620 620 HOH HOH A . 
B 2 HOH 120 621 621 HOH HOH A . 
B 2 HOH 121 622 622 HOH HOH A . 
B 2 HOH 122 623 623 HOH HOH A . 
B 2 HOH 123 624 624 HOH HOH A . 
B 2 HOH 124 625 625 HOH HOH A . 
B 2 HOH 125 626 626 HOH HOH A . 
B 2 HOH 126 627 627 HOH HOH A . 
B 2 HOH 127 628 628 HOH HOH A . 
B 2 HOH 128 629 629 HOH HOH A . 
B 2 HOH 129 630 630 HOH HOH A . 
B 2 HOH 130 631 631 HOH HOH A . 
B 2 HOH 131 632 632 HOH HOH A . 
B 2 HOH 132 633 633 HOH HOH A . 
B 2 HOH 133 634 634 HOH HOH A . 
B 2 HOH 134 635 635 HOH HOH A . 
B 2 HOH 135 636 636 HOH HOH A . 
B 2 HOH 136 637 637 HOH HOH A . 
B 2 HOH 137 638 638 HOH HOH A . 
B 2 HOH 138 639 639 HOH HOH A . 
B 2 HOH 139 640 640 HOH HOH A . 
B 2 HOH 140 641 641 HOH HOH A . 
B 2 HOH 141 642 642 HOH HOH A . 
B 2 HOH 142 643 643 HOH HOH A . 
B 2 HOH 143 644 644 HOH HOH A . 
B 2 HOH 144 645 645 HOH HOH A . 
B 2 HOH 145 646 646 HOH HOH A . 
B 2 HOH 146 647 647 HOH HOH A . 
B 2 HOH 147 648 648 HOH HOH A . 
B 2 HOH 148 649 649 HOH HOH A . 
B 2 HOH 149 650 650 HOH HOH A . 
B 2 HOH 150 651 651 HOH HOH A . 
B 2 HOH 151 652 652 HOH HOH A . 
B 2 HOH 152 653 653 HOH HOH A . 
B 2 HOH 153 654 654 HOH HOH A . 
B 2 HOH 154 655 655 HOH HOH A . 
B 2 HOH 155 656 656 HOH HOH A . 
B 2 HOH 156 657 657 HOH HOH A . 
B 2 HOH 157 658 658 HOH HOH A . 
B 2 HOH 158 659 659 HOH HOH A . 
B 2 HOH 159 660 660 HOH HOH A . 
B 2 HOH 160 661 661 HOH HOH A . 
B 2 HOH 161 662 662 HOH HOH A . 
B 2 HOH 162 663 663 HOH HOH A . 
# 
_pdbx_struct_assembly.id                   1 
_pdbx_struct_assembly.details              author_and_software_defined_assembly 
_pdbx_struct_assembly.method_details       PISA 
_pdbx_struct_assembly.oligomeric_details   dimeric 
_pdbx_struct_assembly.oligomeric_count     2 
# 
_pdbx_struct_assembly_gen.assembly_id       1 
_pdbx_struct_assembly_gen.oper_expression   1,2 
_pdbx_struct_assembly_gen.asym_id_list      A,B 
# 
loop_
_pdbx_struct_assembly_prop.biol_id 
_pdbx_struct_assembly_prop.type 
_pdbx_struct_assembly_prop.value 
_pdbx_struct_assembly_prop.details 
1 'ABSA (A^2)' 2810  ? 
1 MORE         -26   ? 
1 'SSA (A^2)'  11330 ? 
# 
loop_
_pdbx_struct_oper_list.id 
_pdbx_struct_oper_list.type 
_pdbx_struct_oper_list.name 
_pdbx_struct_oper_list.symmetry_operation 
_pdbx_struct_oper_list.matrix[1][1] 
_pdbx_struct_oper_list.matrix[1][2] 
_pdbx_struct_oper_list.matrix[1][3] 
_pdbx_struct_oper_list.vector[1] 
_pdbx_struct_oper_list.matrix[2][1] 
_pdbx_struct_oper_list.matrix[2][2] 
_pdbx_struct_oper_list.matrix[2][3] 
_pdbx_struct_oper_list.vector[2] 
_pdbx_struct_oper_list.matrix[3][1] 
_pdbx_struct_oper_list.matrix[3][2] 
_pdbx_struct_oper_list.matrix[3][3] 
_pdbx_struct_oper_list.vector[3] 
1 'identity operation'         1_555  x,y,z   1.0000000000 0.0000000000  0.0000000000  0.0000000000   0.0000000000  1.0000000000  0.0000000000 0.0000000000   0.0000000000  0.0000000000 1.0000000000  0.0000000000   
2 'crystal symmetry operation' 10_555 -x,-y,z 0.4074619101 -0.9083607390 -0.0941039836 -13.8007712583 -0.9083607390 -0.4137537746 0.0607336962 -18.9948033831 -0.0941039836 0.0607336962 -0.9937081354 -23.0588138165 
# 
loop_
_pdbx_struct_special_symmetry.id 
_pdbx_struct_special_symmetry.PDB_model_num 
_pdbx_struct_special_symmetry.auth_asym_id 
_pdbx_struct_special_symmetry.auth_comp_id 
_pdbx_struct_special_symmetry.auth_seq_id 
_pdbx_struct_special_symmetry.PDB_ins_code 
_pdbx_struct_special_symmetry.label_asym_id 
_pdbx_struct_special_symmetry.label_comp_id 
_pdbx_struct_special_symmetry.label_seq_id 
1 1 A HOH 513 ? B HOH . 
2 1 A HOH 592 ? B HOH . 
3 1 A HOH 593 ? B HOH . 
4 1 A HOH 596 ? B HOH . 
# 
loop_
_pdbx_audit_revision_history.ordinal 
_pdbx_audit_revision_history.data_content_type 
_pdbx_audit_revision_history.major_revision 
_pdbx_audit_revision_history.minor_revision 
_pdbx_audit_revision_history.revision_date 
1 'Structure model' 1 0 2010-11-03 
2 'Structure model' 1 1 2011-07-13 
3 'Structure model' 1 2 2017-11-01 
4 'Structure model' 1 3 2023-11-01 
# 
_pdbx_audit_revision_details.ordinal             1 
_pdbx_audit_revision_details.revision_ordinal    1 
_pdbx_audit_revision_details.data_content_type   'Structure model' 
_pdbx_audit_revision_details.provider            repository 
_pdbx_audit_revision_details.type                'Initial release' 
_pdbx_audit_revision_details.description         ? 
_pdbx_audit_revision_details.details             ? 
# 
loop_
_pdbx_audit_revision_group.ordinal 
_pdbx_audit_revision_group.revision_ordinal 
_pdbx_audit_revision_group.data_content_type 
_pdbx_audit_revision_group.group 
1 2 'Structure model' 'Version format compliance' 
2 3 'Structure model' 'Refinement description'    
3 4 'Structure model' 'Data collection'           
4 4 'Structure model' 'Database references'       
5 4 'Structure model' 'Refinement description'    
# 
loop_
_pdbx_audit_revision_category.ordinal 
_pdbx_audit_revision_category.revision_ordinal 
_pdbx_audit_revision_category.data_content_type 
_pdbx_audit_revision_category.category 
1 3 'Structure model' software                      
2 4 'Structure model' chem_comp_atom                
3 4 'Structure model' chem_comp_bond                
4 4 'Structure model' database_2                    
5 4 'Structure model' pdbx_initial_refinement_model 
# 
loop_
_pdbx_audit_revision_item.ordinal 
_pdbx_audit_revision_item.revision_ordinal 
_pdbx_audit_revision_item.data_content_type 
_pdbx_audit_revision_item.item 
1 3 'Structure model' '_software.name'                      
2 4 'Structure model' '_database_2.pdbx_DOI'                
3 4 'Structure model' '_database_2.pdbx_database_accession' 
# 
loop_
_software.name 
_software.classification 
_software.version 
_software.citation_id 
_software.pdbx_ordinal 
Blu-Ice  'data collection' . ? 1 
CNS      refinement        . ? 2 
HKL-2000 'data reduction'  . ? 3 
HKL-2000 'data scaling'    . ? 4 
CNS      phasing           . ? 5 
# 
_pdbx_entry_details.entry_id                 3KCW 
_pdbx_entry_details.sequence_details         
;A SEQUENCE DATABASE REFERENCE FOR THIS PROTEIN
DOES NOT CURRENTLY EXIST.
;
_pdbx_entry_details.nonpolymer_details       ? 
_pdbx_entry_details.compound_details         ? 
_pdbx_entry_details.source_details           ? 
_pdbx_entry_details.has_ligand_of_interest   ? 
# 
_pdbx_validate_symm_contact.id                1 
_pdbx_validate_symm_contact.PDB_model_num     1 
_pdbx_validate_symm_contact.auth_atom_id_1    CD1 
_pdbx_validate_symm_contact.auth_asym_id_1    A 
_pdbx_validate_symm_contact.auth_comp_id_1    ILE 
_pdbx_validate_symm_contact.auth_seq_id_1     7 
_pdbx_validate_symm_contact.PDB_ins_code_1    ? 
_pdbx_validate_symm_contact.label_alt_id_1    ? 
_pdbx_validate_symm_contact.site_symmetry_1   1_555 
_pdbx_validate_symm_contact.auth_atom_id_2    CD2 
_pdbx_validate_symm_contact.auth_asym_id_2    A 
_pdbx_validate_symm_contact.auth_comp_id_2    LEU 
_pdbx_validate_symm_contact.auth_seq_id_2     10 
_pdbx_validate_symm_contact.PDB_ins_code_2    ? 
_pdbx_validate_symm_contact.label_alt_id_2    ? 
_pdbx_validate_symm_contact.site_symmetry_2   10_555 
_pdbx_validate_symm_contact.dist              2.16 
# 
loop_
_pdbx_validate_torsion.id 
_pdbx_validate_torsion.PDB_model_num 
_pdbx_validate_torsion.auth_comp_id 
_pdbx_validate_torsion.auth_asym_id 
_pdbx_validate_torsion.auth_seq_id 
_pdbx_validate_torsion.PDB_ins_code 
_pdbx_validate_torsion.label_alt_id 
_pdbx_validate_torsion.phi 
_pdbx_validate_torsion.psi 
1 1 LYS A 15 ? ? 72.18   -53.62 
2 1 ASN A 81 ? ? -105.05 40.96  
3 1 ASP A 88 ? ? -63.91  1.61   
# 
loop_
_pdbx_unobs_or_zero_occ_residues.id 
_pdbx_unobs_or_zero_occ_residues.PDB_model_num 
_pdbx_unobs_or_zero_occ_residues.polymer_flag 
_pdbx_unobs_or_zero_occ_residues.occupancy_flag 
_pdbx_unobs_or_zero_occ_residues.auth_asym_id 
_pdbx_unobs_or_zero_occ_residues.auth_comp_id 
_pdbx_unobs_or_zero_occ_residues.auth_seq_id 
_pdbx_unobs_or_zero_occ_residues.PDB_ins_code 
_pdbx_unobs_or_zero_occ_residues.label_asym_id 
_pdbx_unobs_or_zero_occ_residues.label_comp_id 
_pdbx_unobs_or_zero_occ_residues.label_seq_id 
1  1 Y 1 A MET 1   ? A MET 1   
2  1 Y 1 A TYR 112 ? A TYR 112 
3  1 Y 1 A LEU 113 ? A LEU 113 
4  1 Y 1 A GLU 114 ? A GLU 114 
5  1 Y 1 A GLN 115 ? A GLN 115 
6  1 Y 1 A LYS 116 ? A LYS 116 
7  1 Y 1 A LEU 117 ? A LEU 117 
8  1 Y 1 A ILE 118 ? A ILE 118 
9  1 Y 1 A SER 119 ? A SER 119 
10 1 Y 1 A GLU 120 ? A GLU 120 
11 1 Y 1 A GLU 121 ? A GLU 121 
12 1 Y 1 A ASP 122 ? A ASP 122 
13 1 Y 1 A LEU 123 ? A LEU 123 
14 1 Y 1 A ASN 124 ? A ASN 124 
15 1 Y 1 A SER 125 ? A SER 125 
16 1 Y 1 A ALA 126 ? A ALA 126 
17 1 Y 1 A VAL 127 ? A VAL 127 
18 1 Y 1 A ASP 128 ? A ASP 128 
19 1 Y 1 A HIS 129 ? A HIS 129 
20 1 Y 1 A HIS 130 ? A HIS 130 
21 1 Y 1 A HIS 131 ? A HIS 131 
22 1 Y 1 A HIS 132 ? A HIS 132 
23 1 Y 1 A HIS 133 ? A HIS 133 
24 1 Y 1 A HIS 134 ? A HIS 134 
# 
loop_
_chem_comp_atom.comp_id 
_chem_comp_atom.atom_id 
_chem_comp_atom.type_symbol 
_chem_comp_atom.pdbx_aromatic_flag 
_chem_comp_atom.pdbx_stereo_config 
_chem_comp_atom.pdbx_ordinal 
ALA N    N N N 1   
ALA CA   C N S 2   
ALA C    C N N 3   
ALA O    O N N 4   
ALA CB   C N N 5   
ALA OXT  O N N 6   
ALA H    H N N 7   
ALA H2   H N N 8   
ALA HA   H N N 9   
ALA HB1  H N N 10  
ALA HB2  H N N 11  
ALA HB3  H N N 12  
ALA HXT  H N N 13  
ARG N    N N N 14  
ARG CA   C N S 15  
ARG C    C N N 16  
ARG O    O N N 17  
ARG CB   C N N 18  
ARG CG   C N N 19  
ARG CD   C N N 20  
ARG NE   N N N 21  
ARG CZ   C N N 22  
ARG NH1  N N N 23  
ARG NH2  N N N 24  
ARG OXT  O N N 25  
ARG H    H N N 26  
ARG H2   H N N 27  
ARG HA   H N N 28  
ARG HB2  H N N 29  
ARG HB3  H N N 30  
ARG HG2  H N N 31  
ARG HG3  H N N 32  
ARG HD2  H N N 33  
ARG HD3  H N N 34  
ARG HE   H N N 35  
ARG HH11 H N N 36  
ARG HH12 H N N 37  
ARG HH21 H N N 38  
ARG HH22 H N N 39  
ARG HXT  H N N 40  
ASN N    N N N 41  
ASN CA   C N S 42  
ASN C    C N N 43  
ASN O    O N N 44  
ASN CB   C N N 45  
ASN CG   C N N 46  
ASN OD1  O N N 47  
ASN ND2  N N N 48  
ASN OXT  O N N 49  
ASN H    H N N 50  
ASN H2   H N N 51  
ASN HA   H N N 52  
ASN HB2  H N N 53  
ASN HB3  H N N 54  
ASN HD21 H N N 55  
ASN HD22 H N N 56  
ASN HXT  H N N 57  
ASP N    N N N 58  
ASP CA   C N S 59  
ASP C    C N N 60  
ASP O    O N N 61  
ASP CB   C N N 62  
ASP CG   C N N 63  
ASP OD1  O N N 64  
ASP OD2  O N N 65  
ASP OXT  O N N 66  
ASP H    H N N 67  
ASP H2   H N N 68  
ASP HA   H N N 69  
ASP HB2  H N N 70  
ASP HB3  H N N 71  
ASP HD2  H N N 72  
ASP HXT  H N N 73  
GLN N    N N N 74  
GLN CA   C N S 75  
GLN C    C N N 76  
GLN O    O N N 77  
GLN CB   C N N 78  
GLN CG   C N N 79  
GLN CD   C N N 80  
GLN OE1  O N N 81  
GLN NE2  N N N 82  
GLN OXT  O N N 83  
GLN H    H N N 84  
GLN H2   H N N 85  
GLN HA   H N N 86  
GLN HB2  H N N 87  
GLN HB3  H N N 88  
GLN HG2  H N N 89  
GLN HG3  H N N 90  
GLN HE21 H N N 91  
GLN HE22 H N N 92  
GLN HXT  H N N 93  
GLU N    N N N 94  
GLU CA   C N S 95  
GLU C    C N N 96  
GLU O    O N N 97  
GLU CB   C N N 98  
GLU CG   C N N 99  
GLU CD   C N N 100 
GLU OE1  O N N 101 
GLU OE2  O N N 102 
GLU OXT  O N N 103 
GLU H    H N N 104 
GLU H2   H N N 105 
GLU HA   H N N 106 
GLU HB2  H N N 107 
GLU HB3  H N N 108 
GLU HG2  H N N 109 
GLU HG3  H N N 110 
GLU HE2  H N N 111 
GLU HXT  H N N 112 
GLY N    N N N 113 
GLY CA   C N N 114 
GLY C    C N N 115 
GLY O    O N N 116 
GLY OXT  O N N 117 
GLY H    H N N 118 
GLY H2   H N N 119 
GLY HA2  H N N 120 
GLY HA3  H N N 121 
GLY HXT  H N N 122 
HIS N    N N N 123 
HIS CA   C N S 124 
HIS C    C N N 125 
HIS O    O N N 126 
HIS CB   C N N 127 
HIS CG   C Y N 128 
HIS ND1  N Y N 129 
HIS CD2  C Y N 130 
HIS CE1  C Y N 131 
HIS NE2  N Y N 132 
HIS OXT  O N N 133 
HIS H    H N N 134 
HIS H2   H N N 135 
HIS HA   H N N 136 
HIS HB2  H N N 137 
HIS HB3  H N N 138 
HIS HD1  H N N 139 
HIS HD2  H N N 140 
HIS HE1  H N N 141 
HIS HE2  H N N 142 
HIS HXT  H N N 143 
HOH O    O N N 144 
HOH H1   H N N 145 
HOH H2   H N N 146 
ILE N    N N N 147 
ILE CA   C N S 148 
ILE C    C N N 149 
ILE O    O N N 150 
ILE CB   C N S 151 
ILE CG1  C N N 152 
ILE CG2  C N N 153 
ILE CD1  C N N 154 
ILE OXT  O N N 155 
ILE H    H N N 156 
ILE H2   H N N 157 
ILE HA   H N N 158 
ILE HB   H N N 159 
ILE HG12 H N N 160 
ILE HG13 H N N 161 
ILE HG21 H N N 162 
ILE HG22 H N N 163 
ILE HG23 H N N 164 
ILE HD11 H N N 165 
ILE HD12 H N N 166 
ILE HD13 H N N 167 
ILE HXT  H N N 168 
LEU N    N N N 169 
LEU CA   C N S 170 
LEU C    C N N 171 
LEU O    O N N 172 
LEU CB   C N N 173 
LEU CG   C N N 174 
LEU CD1  C N N 175 
LEU CD2  C N N 176 
LEU OXT  O N N 177 
LEU H    H N N 178 
LEU H2   H N N 179 
LEU HA   H N N 180 
LEU HB2  H N N 181 
LEU HB3  H N N 182 
LEU HG   H N N 183 
LEU HD11 H N N 184 
LEU HD12 H N N 185 
LEU HD13 H N N 186 
LEU HD21 H N N 187 
LEU HD22 H N N 188 
LEU HD23 H N N 189 
LEU HXT  H N N 190 
LYS N    N N N 191 
LYS CA   C N S 192 
LYS C    C N N 193 
LYS O    O N N 194 
LYS CB   C N N 195 
LYS CG   C N N 196 
LYS CD   C N N 197 
LYS CE   C N N 198 
LYS NZ   N N N 199 
LYS OXT  O N N 200 
LYS H    H N N 201 
LYS H2   H N N 202 
LYS HA   H N N 203 
LYS HB2  H N N 204 
LYS HB3  H N N 205 
LYS HG2  H N N 206 
LYS HG3  H N N 207 
LYS HD2  H N N 208 
LYS HD3  H N N 209 
LYS HE2  H N N 210 
LYS HE3  H N N 211 
LYS HZ1  H N N 212 
LYS HZ2  H N N 213 
LYS HZ3  H N N 214 
LYS HXT  H N N 215 
MET N    N N N 216 
MET CA   C N S 217 
MET C    C N N 218 
MET O    O N N 219 
MET CB   C N N 220 
MET CG   C N N 221 
MET SD   S N N 222 
MET CE   C N N 223 
MET OXT  O N N 224 
MET H    H N N 225 
MET H2   H N N 226 
MET HA   H N N 227 
MET HB2  H N N 228 
MET HB3  H N N 229 
MET HG2  H N N 230 
MET HG3  H N N 231 
MET HE1  H N N 232 
MET HE2  H N N 233 
MET HE3  H N N 234 
MET HXT  H N N 235 
PHE N    N N N 236 
PHE CA   C N S 237 
PHE C    C N N 238 
PHE O    O N N 239 
PHE CB   C N N 240 
PHE CG   C Y N 241 
PHE CD1  C Y N 242 
PHE CD2  C Y N 243 
PHE CE1  C Y N 244 
PHE CE2  C Y N 245 
PHE CZ   C Y N 246 
PHE OXT  O N N 247 
PHE H    H N N 248 
PHE H2   H N N 249 
PHE HA   H N N 250 
PHE HB2  H N N 251 
PHE HB3  H N N 252 
PHE HD1  H N N 253 
PHE HD2  H N N 254 
PHE HE1  H N N 255 
PHE HE2  H N N 256 
PHE HZ   H N N 257 
PHE HXT  H N N 258 
PRO N    N N N 259 
PRO CA   C N S 260 
PRO C    C N N 261 
PRO O    O N N 262 
PRO CB   C N N 263 
PRO CG   C N N 264 
PRO CD   C N N 265 
PRO OXT  O N N 266 
PRO H    H N N 267 
PRO HA   H N N 268 
PRO HB2  H N N 269 
PRO HB3  H N N 270 
PRO HG2  H N N 271 
PRO HG3  H N N 272 
PRO HD2  H N N 273 
PRO HD3  H N N 274 
PRO HXT  H N N 275 
SER N    N N N 276 
SER CA   C N S 277 
SER C    C N N 278 
SER O    O N N 279 
SER CB   C N N 280 
SER OG   O N N 281 
SER OXT  O N N 282 
SER H    H N N 283 
SER H2   H N N 284 
SER HA   H N N 285 
SER HB2  H N N 286 
SER HB3  H N N 287 
SER HG   H N N 288 
SER HXT  H N N 289 
THR N    N N N 290 
THR CA   C N S 291 
THR C    C N N 292 
THR O    O N N 293 
THR CB   C N R 294 
THR OG1  O N N 295 
THR CG2  C N N 296 
THR OXT  O N N 297 
THR H    H N N 298 
THR H2   H N N 299 
THR HA   H N N 300 
THR HB   H N N 301 
THR HG1  H N N 302 
THR HG21 H N N 303 
THR HG22 H N N 304 
THR HG23 H N N 305 
THR HXT  H N N 306 
TRP N    N N N 307 
TRP CA   C N S 308 
TRP C    C N N 309 
TRP O    O N N 310 
TRP CB   C N N 311 
TRP CG   C Y N 312 
TRP CD1  C Y N 313 
TRP CD2  C Y N 314 
TRP NE1  N Y N 315 
TRP CE2  C Y N 316 
TRP CE3  C Y N 317 
TRP CZ2  C Y N 318 
TRP CZ3  C Y N 319 
TRP CH2  C Y N 320 
TRP OXT  O N N 321 
TRP H    H N N 322 
TRP H2   H N N 323 
TRP HA   H N N 324 
TRP HB2  H N N 325 
TRP HB3  H N N 326 
TRP HD1  H N N 327 
TRP HE1  H N N 328 
TRP HE3  H N N 329 
TRP HZ2  H N N 330 
TRP HZ3  H N N 331 
TRP HH2  H N N 332 
TRP HXT  H N N 333 
TYR N    N N N 334 
TYR CA   C N S 335 
TYR C    C N N 336 
TYR O    O N N 337 
TYR CB   C N N 338 
TYR CG   C Y N 339 
TYR CD1  C Y N 340 
TYR CD2  C Y N 341 
TYR CE1  C Y N 342 
TYR CE2  C Y N 343 
TYR CZ   C Y N 344 
TYR OH   O N N 345 
TYR OXT  O N N 346 
TYR H    H N N 347 
TYR H2   H N N 348 
TYR HA   H N N 349 
TYR HB2  H N N 350 
TYR HB3  H N N 351 
TYR HD1  H N N 352 
TYR HD2  H N N 353 
TYR HE1  H N N 354 
TYR HE2  H N N 355 
TYR HH   H N N 356 
TYR HXT  H N N 357 
VAL N    N N N 358 
VAL CA   C N S 359 
VAL C    C N N 360 
VAL O    O N N 361 
VAL CB   C N N 362 
VAL CG1  C N N 363 
VAL CG2  C N N 364 
VAL OXT  O N N 365 
VAL H    H N N 366 
VAL H2   H N N 367 
VAL HA   H N N 368 
VAL HB   H N N 369 
VAL HG11 H N N 370 
VAL HG12 H N N 371 
VAL HG13 H N N 372 
VAL HG21 H N N 373 
VAL HG22 H N N 374 
VAL HG23 H N N 375 
VAL HXT  H N N 376 
# 
loop_
_chem_comp_bond.comp_id 
_chem_comp_bond.atom_id_1 
_chem_comp_bond.atom_id_2 
_chem_comp_bond.value_order 
_chem_comp_bond.pdbx_aromatic_flag 
_chem_comp_bond.pdbx_stereo_config 
_chem_comp_bond.pdbx_ordinal 
ALA N   CA   sing N N 1   
ALA N   H    sing N N 2   
ALA N   H2   sing N N 3   
ALA CA  C    sing N N 4   
ALA CA  CB   sing N N 5   
ALA CA  HA   sing N N 6   
ALA C   O    doub N N 7   
ALA C   OXT  sing N N 8   
ALA CB  HB1  sing N N 9   
ALA CB  HB2  sing N N 10  
ALA CB  HB3  sing N N 11  
ALA OXT HXT  sing N N 12  
ARG N   CA   sing N N 13  
ARG N   H    sing N N 14  
ARG N   H2   sing N N 15  
ARG CA  C    sing N N 16  
ARG CA  CB   sing N N 17  
ARG CA  HA   sing N N 18  
ARG C   O    doub N N 19  
ARG C   OXT  sing N N 20  
ARG CB  CG   sing N N 21  
ARG CB  HB2  sing N N 22  
ARG CB  HB3  sing N N 23  
ARG CG  CD   sing N N 24  
ARG CG  HG2  sing N N 25  
ARG CG  HG3  sing N N 26  
ARG CD  NE   sing N N 27  
ARG CD  HD2  sing N N 28  
ARG CD  HD3  sing N N 29  
ARG NE  CZ   sing N N 30  
ARG NE  HE   sing N N 31  
ARG CZ  NH1  sing N N 32  
ARG CZ  NH2  doub N N 33  
ARG NH1 HH11 sing N N 34  
ARG NH1 HH12 sing N N 35  
ARG NH2 HH21 sing N N 36  
ARG NH2 HH22 sing N N 37  
ARG OXT HXT  sing N N 38  
ASN N   CA   sing N N 39  
ASN N   H    sing N N 40  
ASN N   H2   sing N N 41  
ASN CA  C    sing N N 42  
ASN CA  CB   sing N N 43  
ASN CA  HA   sing N N 44  
ASN C   O    doub N N 45  
ASN C   OXT  sing N N 46  
ASN CB  CG   sing N N 47  
ASN CB  HB2  sing N N 48  
ASN CB  HB3  sing N N 49  
ASN CG  OD1  doub N N 50  
ASN CG  ND2  sing N N 51  
ASN ND2 HD21 sing N N 52  
ASN ND2 HD22 sing N N 53  
ASN OXT HXT  sing N N 54  
ASP N   CA   sing N N 55  
ASP N   H    sing N N 56  
ASP N   H2   sing N N 57  
ASP CA  C    sing N N 58  
ASP CA  CB   sing N N 59  
ASP CA  HA   sing N N 60  
ASP C   O    doub N N 61  
ASP C   OXT  sing N N 62  
ASP CB  CG   sing N N 63  
ASP CB  HB2  sing N N 64  
ASP CB  HB3  sing N N 65  
ASP CG  OD1  doub N N 66  
ASP CG  OD2  sing N N 67  
ASP OD2 HD2  sing N N 68  
ASP OXT HXT  sing N N 69  
GLN N   CA   sing N N 70  
GLN N   H    sing N N 71  
GLN N   H2   sing N N 72  
GLN CA  C    sing N N 73  
GLN CA  CB   sing N N 74  
GLN CA  HA   sing N N 75  
GLN C   O    doub N N 76  
GLN C   OXT  sing N N 77  
GLN CB  CG   sing N N 78  
GLN CB  HB2  sing N N 79  
GLN CB  HB3  sing N N 80  
GLN CG  CD   sing N N 81  
GLN CG  HG2  sing N N 82  
GLN CG  HG3  sing N N 83  
GLN CD  OE1  doub N N 84  
GLN CD  NE2  sing N N 85  
GLN NE2 HE21 sing N N 86  
GLN NE2 HE22 sing N N 87  
GLN OXT HXT  sing N N 88  
GLU N   CA   sing N N 89  
GLU N   H    sing N N 90  
GLU N   H2   sing N N 91  
GLU CA  C    sing N N 92  
GLU CA  CB   sing N N 93  
GLU CA  HA   sing N N 94  
GLU C   O    doub N N 95  
GLU C   OXT  sing N N 96  
GLU CB  CG   sing N N 97  
GLU CB  HB2  sing N N 98  
GLU CB  HB3  sing N N 99  
GLU CG  CD   sing N N 100 
GLU CG  HG2  sing N N 101 
GLU CG  HG3  sing N N 102 
GLU CD  OE1  doub N N 103 
GLU CD  OE2  sing N N 104 
GLU OE2 HE2  sing N N 105 
GLU OXT HXT  sing N N 106 
GLY N   CA   sing N N 107 
GLY N   H    sing N N 108 
GLY N   H2   sing N N 109 
GLY CA  C    sing N N 110 
GLY CA  HA2  sing N N 111 
GLY CA  HA3  sing N N 112 
GLY C   O    doub N N 113 
GLY C   OXT  sing N N 114 
GLY OXT HXT  sing N N 115 
HIS N   CA   sing N N 116 
HIS N   H    sing N N 117 
HIS N   H2   sing N N 118 
HIS CA  C    sing N N 119 
HIS CA  CB   sing N N 120 
HIS CA  HA   sing N N 121 
HIS C   O    doub N N 122 
HIS C   OXT  sing N N 123 
HIS CB  CG   sing N N 124 
HIS CB  HB2  sing N N 125 
HIS CB  HB3  sing N N 126 
HIS CG  ND1  sing Y N 127 
HIS CG  CD2  doub Y N 128 
HIS ND1 CE1  doub Y N 129 
HIS ND1 HD1  sing N N 130 
HIS CD2 NE2  sing Y N 131 
HIS CD2 HD2  sing N N 132 
HIS CE1 NE2  sing Y N 133 
HIS CE1 HE1  sing N N 134 
HIS NE2 HE2  sing N N 135 
HIS OXT HXT  sing N N 136 
HOH O   H1   sing N N 137 
HOH O   H2   sing N N 138 
ILE N   CA   sing N N 139 
ILE N   H    sing N N 140 
ILE N   H2   sing N N 141 
ILE CA  C    sing N N 142 
ILE CA  CB   sing N N 143 
ILE CA  HA   sing N N 144 
ILE C   O    doub N N 145 
ILE C   OXT  sing N N 146 
ILE CB  CG1  sing N N 147 
ILE CB  CG2  sing N N 148 
ILE CB  HB   sing N N 149 
ILE CG1 CD1  sing N N 150 
ILE CG1 HG12 sing N N 151 
ILE CG1 HG13 sing N N 152 
ILE CG2 HG21 sing N N 153 
ILE CG2 HG22 sing N N 154 
ILE CG2 HG23 sing N N 155 
ILE CD1 HD11 sing N N 156 
ILE CD1 HD12 sing N N 157 
ILE CD1 HD13 sing N N 158 
ILE OXT HXT  sing N N 159 
LEU N   CA   sing N N 160 
LEU N   H    sing N N 161 
LEU N   H2   sing N N 162 
LEU CA  C    sing N N 163 
LEU CA  CB   sing N N 164 
LEU CA  HA   sing N N 165 
LEU C   O    doub N N 166 
LEU C   OXT  sing N N 167 
LEU CB  CG   sing N N 168 
LEU CB  HB2  sing N N 169 
LEU CB  HB3  sing N N 170 
LEU CG  CD1  sing N N 171 
LEU CG  CD2  sing N N 172 
LEU CG  HG   sing N N 173 
LEU CD1 HD11 sing N N 174 
LEU CD1 HD12 sing N N 175 
LEU CD1 HD13 sing N N 176 
LEU CD2 HD21 sing N N 177 
LEU CD2 HD22 sing N N 178 
LEU CD2 HD23 sing N N 179 
LEU OXT HXT  sing N N 180 
LYS N   CA   sing N N 181 
LYS N   H    sing N N 182 
LYS N   H2   sing N N 183 
LYS CA  C    sing N N 184 
LYS CA  CB   sing N N 185 
LYS CA  HA   sing N N 186 
LYS C   O    doub N N 187 
LYS C   OXT  sing N N 188 
LYS CB  CG   sing N N 189 
LYS CB  HB2  sing N N 190 
LYS CB  HB3  sing N N 191 
LYS CG  CD   sing N N 192 
LYS CG  HG2  sing N N 193 
LYS CG  HG3  sing N N 194 
LYS CD  CE   sing N N 195 
LYS CD  HD2  sing N N 196 
LYS CD  HD3  sing N N 197 
LYS CE  NZ   sing N N 198 
LYS CE  HE2  sing N N 199 
LYS CE  HE3  sing N N 200 
LYS NZ  HZ1  sing N N 201 
LYS NZ  HZ2  sing N N 202 
LYS NZ  HZ3  sing N N 203 
LYS OXT HXT  sing N N 204 
MET N   CA   sing N N 205 
MET N   H    sing N N 206 
MET N   H2   sing N N 207 
MET CA  C    sing N N 208 
MET CA  CB   sing N N 209 
MET CA  HA   sing N N 210 
MET C   O    doub N N 211 
MET C   OXT  sing N N 212 
MET CB  CG   sing N N 213 
MET CB  HB2  sing N N 214 
MET CB  HB3  sing N N 215 
MET CG  SD   sing N N 216 
MET CG  HG2  sing N N 217 
MET CG  HG3  sing N N 218 
MET SD  CE   sing N N 219 
MET CE  HE1  sing N N 220 
MET CE  HE2  sing N N 221 
MET CE  HE3  sing N N 222 
MET OXT HXT  sing N N 223 
PHE N   CA   sing N N 224 
PHE N   H    sing N N 225 
PHE N   H2   sing N N 226 
PHE CA  C    sing N N 227 
PHE CA  CB   sing N N 228 
PHE CA  HA   sing N N 229 
PHE C   O    doub N N 230 
PHE C   OXT  sing N N 231 
PHE CB  CG   sing N N 232 
PHE CB  HB2  sing N N 233 
PHE CB  HB3  sing N N 234 
PHE CG  CD1  doub Y N 235 
PHE CG  CD2  sing Y N 236 
PHE CD1 CE1  sing Y N 237 
PHE CD1 HD1  sing N N 238 
PHE CD2 CE2  doub Y N 239 
PHE CD2 HD2  sing N N 240 
PHE CE1 CZ   doub Y N 241 
PHE CE1 HE1  sing N N 242 
PHE CE2 CZ   sing Y N 243 
PHE CE2 HE2  sing N N 244 
PHE CZ  HZ   sing N N 245 
PHE OXT HXT  sing N N 246 
PRO N   CA   sing N N 247 
PRO N   CD   sing N N 248 
PRO N   H    sing N N 249 
PRO CA  C    sing N N 250 
PRO CA  CB   sing N N 251 
PRO CA  HA   sing N N 252 
PRO C   O    doub N N 253 
PRO C   OXT  sing N N 254 
PRO CB  CG   sing N N 255 
PRO CB  HB2  sing N N 256 
PRO CB  HB3  sing N N 257 
PRO CG  CD   sing N N 258 
PRO CG  HG2  sing N N 259 
PRO CG  HG3  sing N N 260 
PRO CD  HD2  sing N N 261 
PRO CD  HD3  sing N N 262 
PRO OXT HXT  sing N N 263 
SER N   CA   sing N N 264 
SER N   H    sing N N 265 
SER N   H2   sing N N 266 
SER CA  C    sing N N 267 
SER CA  CB   sing N N 268 
SER CA  HA   sing N N 269 
SER C   O    doub N N 270 
SER C   OXT  sing N N 271 
SER CB  OG   sing N N 272 
SER CB  HB2  sing N N 273 
SER CB  HB3  sing N N 274 
SER OG  HG   sing N N 275 
SER OXT HXT  sing N N 276 
THR N   CA   sing N N 277 
THR N   H    sing N N 278 
THR N   H2   sing N N 279 
THR CA  C    sing N N 280 
THR CA  CB   sing N N 281 
THR CA  HA   sing N N 282 
THR C   O    doub N N 283 
THR C   OXT  sing N N 284 
THR CB  OG1  sing N N 285 
THR CB  CG2  sing N N 286 
THR CB  HB   sing N N 287 
THR OG1 HG1  sing N N 288 
THR CG2 HG21 sing N N 289 
THR CG2 HG22 sing N N 290 
THR CG2 HG23 sing N N 291 
THR OXT HXT  sing N N 292 
TRP N   CA   sing N N 293 
TRP N   H    sing N N 294 
TRP N   H2   sing N N 295 
TRP CA  C    sing N N 296 
TRP CA  CB   sing N N 297 
TRP CA  HA   sing N N 298 
TRP C   O    doub N N 299 
TRP C   OXT  sing N N 300 
TRP CB  CG   sing N N 301 
TRP CB  HB2  sing N N 302 
TRP CB  HB3  sing N N 303 
TRP CG  CD1  doub Y N 304 
TRP CG  CD2  sing Y N 305 
TRP CD1 NE1  sing Y N 306 
TRP CD1 HD1  sing N N 307 
TRP CD2 CE2  doub Y N 308 
TRP CD2 CE3  sing Y N 309 
TRP NE1 CE2  sing Y N 310 
TRP NE1 HE1  sing N N 311 
TRP CE2 CZ2  sing Y N 312 
TRP CE3 CZ3  doub Y N 313 
TRP CE3 HE3  sing N N 314 
TRP CZ2 CH2  doub Y N 315 
TRP CZ2 HZ2  sing N N 316 
TRP CZ3 CH2  sing Y N 317 
TRP CZ3 HZ3  sing N N 318 
TRP CH2 HH2  sing N N 319 
TRP OXT HXT  sing N N 320 
TYR N   CA   sing N N 321 
TYR N   H    sing N N 322 
TYR N   H2   sing N N 323 
TYR CA  C    sing N N 324 
TYR CA  CB   sing N N 325 
TYR CA  HA   sing N N 326 
TYR C   O    doub N N 327 
TYR C   OXT  sing N N 328 
TYR CB  CG   sing N N 329 
TYR CB  HB2  sing N N 330 
TYR CB  HB3  sing N N 331 
TYR CG  CD1  doub Y N 332 
TYR CG  CD2  sing Y N 333 
TYR CD1 CE1  sing Y N 334 
TYR CD1 HD1  sing N N 335 
TYR CD2 CE2  doub Y N 336 
TYR CD2 HD2  sing N N 337 
TYR CE1 CZ   doub Y N 338 
TYR CE1 HE1  sing N N 339 
TYR CE2 CZ   sing Y N 340 
TYR CE2 HE2  sing N N 341 
TYR CZ  OH   sing N N 342 
TYR OH  HH   sing N N 343 
TYR OXT HXT  sing N N 344 
VAL N   CA   sing N N 345 
VAL N   H    sing N N 346 
VAL N   H2   sing N N 347 
VAL CA  C    sing N N 348 
VAL CA  CB   sing N N 349 
VAL CA  HA   sing N N 350 
VAL C   O    doub N N 351 
VAL C   OXT  sing N N 352 
VAL CB  CG1  sing N N 353 
VAL CB  CG2  sing N N 354 
VAL CB  HB   sing N N 355 
VAL CG1 HG11 sing N N 356 
VAL CG1 HG12 sing N N 357 
VAL CG1 HG13 sing N N 358 
VAL CG2 HG21 sing N N 359 
VAL CG2 HG22 sing N N 360 
VAL CG2 HG23 sing N N 361 
VAL OXT HXT  sing N N 362 
# 
_pdbx_entity_nonpoly.entity_id   2 
_pdbx_entity_nonpoly.name        water 
_pdbx_entity_nonpoly.comp_id     HOH 
# 
_pdbx_initial_refinement_model.id               1 
_pdbx_initial_refinement_model.entity_id_list   ? 
_pdbx_initial_refinement_model.type             'experimental model' 
_pdbx_initial_refinement_model.source_name      PDB 
_pdbx_initial_refinement_model.accession_code   1OSY 
_pdbx_initial_refinement_model.details          'PDB enrty 1OSY' 
# 
